data_8BDV
#
_entry.id   8BDV
#
_entity_poly.entity_id   1
_entity_poly.type   'polypeptide(L)'
_entity_poly.pdbx_seq_one_letter_code
;MASKITEQVEVIVKPIMEDLNFELVDVEYVKEGRDHFLRISIDKEGGVDLNDCTLASEKISEAMDANDPIPEMYYLDVAS
PGAERPIKKEQDFQNAITKPVFVSLYVPIEGEKEWLGILQEVNNETIVVQVKIKARTKDIEIPRDKIAKARHAVMI
;
_entity_poly.pdbx_strand_id   A
#
# COMPACT_ATOMS: atom_id res chain seq x y z
N MET A 1 -24.60 -13.93 -7.12
CA MET A 1 -23.98 -12.61 -6.88
C MET A 1 -24.06 -11.79 -8.16
N ALA A 2 -25.19 -11.15 -8.38
CA ALA A 2 -25.44 -10.42 -9.63
C ALA A 2 -25.15 -8.93 -9.49
N SER A 3 -24.22 -8.59 -8.60
CA SER A 3 -23.82 -7.20 -8.46
C SER A 3 -22.82 -6.83 -9.55
N LYS A 4 -22.84 -5.58 -9.98
CA LYS A 4 -21.98 -5.13 -11.06
C LYS A 4 -20.51 -5.42 -10.77
N ILE A 5 -20.12 -5.35 -9.50
CA ILE A 5 -18.71 -5.44 -9.12
C ILE A 5 -18.08 -6.72 -9.51
N THR A 6 -18.76 -7.82 -9.31
CA THR A 6 -18.14 -9.09 -9.55
C THR A 6 -17.63 -9.20 -10.98
N GLU A 7 -18.28 -8.52 -11.91
CA GLU A 7 -17.88 -8.52 -13.27
C GLU A 7 -16.51 -7.98 -13.35
N GLN A 8 -16.47 -6.87 -12.72
CA GLN A 8 -15.45 -5.95 -12.80
C GLN A 8 -14.29 -6.42 -12.04
N VAL A 9 -14.68 -6.95 -10.92
CA VAL A 9 -13.76 -7.32 -9.95
C VAL A 9 -13.06 -8.50 -10.50
N GLU A 10 -13.85 -9.31 -11.19
CA GLU A 10 -13.37 -10.50 -11.84
C GLU A 10 -12.51 -10.15 -13.04
N VAL A 11 -12.96 -9.17 -13.73
CA VAL A 11 -12.53 -8.94 -15.04
C VAL A 11 -11.16 -8.40 -15.01
N ILE A 12 -11.09 -7.49 -14.13
CA ILE A 12 -9.93 -6.74 -13.83
C ILE A 12 -9.05 -7.55 -12.91
N VAL A 13 -9.68 -8.44 -12.14
CA VAL A 13 -8.92 -9.29 -11.29
C VAL A 13 -8.15 -10.20 -12.17
N LYS A 14 -8.63 -10.40 -13.37
CA LYS A 14 -7.85 -11.30 -14.23
C LYS A 14 -6.52 -10.68 -14.68
N PRO A 15 -6.49 -9.56 -15.43
CA PRO A 15 -5.23 -8.96 -15.81
C PRO A 15 -4.46 -8.46 -14.60
N ILE A 16 -5.16 -7.94 -13.60
CA ILE A 16 -4.47 -7.51 -12.43
C ILE A 16 -3.93 -8.69 -11.59
N MET A 17 -4.75 -9.69 -11.25
CA MET A 17 -4.30 -10.72 -10.32
C MET A 17 -3.23 -11.51 -10.99
N GLU A 18 -3.44 -11.75 -12.26
CA GLU A 18 -2.45 -12.50 -13.01
C GLU A 18 -1.14 -11.77 -13.28
N ASP A 19 -1.22 -10.60 -13.88
CA ASP A 19 -0.05 -10.17 -14.63
C ASP A 19 1.11 -9.66 -13.81
N LEU A 20 0.83 -8.79 -12.86
CA LEU A 20 1.81 -8.37 -11.89
C LEU A 20 1.61 -9.21 -10.67
N ASN A 21 0.54 -9.99 -10.79
CA ASN A 21 0.09 -10.89 -9.78
C ASN A 21 -0.36 -10.25 -8.51
N PHE A 22 -0.88 -9.07 -8.60
CA PHE A 22 -1.60 -8.57 -7.48
C PHE A 22 -3.08 -8.66 -7.78
N GLU A 23 -3.92 -8.81 -6.79
CA GLU A 23 -5.29 -9.22 -7.03
C GLU A 23 -6.32 -8.29 -6.44
N LEU A 24 -7.33 -8.13 -7.25
CA LEU A 24 -8.45 -7.26 -7.03
C LEU A 24 -9.27 -7.64 -5.82
N VAL A 25 -9.30 -6.78 -4.83
CA VAL A 25 -10.11 -7.01 -3.68
C VAL A 25 -11.56 -6.74 -4.03
N ASP A 26 -11.83 -5.52 -4.49
CA ASP A 26 -13.03 -5.25 -5.22
C ASP A 26 -12.99 -3.93 -5.85
N VAL A 27 -13.67 -3.88 -6.93
CA VAL A 27 -13.80 -2.69 -7.65
C VAL A 27 -15.28 -2.36 -7.71
N GLU A 28 -15.62 -1.19 -7.22
CA GLU A 28 -16.96 -0.86 -6.94
C GLU A 28 -17.06 0.46 -7.59
N TYR A 29 -18.12 0.75 -8.24
CA TYR A 29 -17.96 1.75 -9.19
C TYR A 29 -19.00 2.77 -9.06
N VAL A 30 -18.48 3.92 -9.09
CA VAL A 30 -19.09 5.01 -8.47
C VAL A 30 -19.53 6.04 -9.48
N LYS A 31 -20.54 6.82 -9.14
CA LYS A 31 -21.14 7.72 -10.09
C LYS A 31 -20.84 9.15 -9.69
N GLU A 32 -19.99 9.79 -10.48
CA GLU A 32 -19.64 11.17 -10.28
C GLU A 32 -20.14 11.98 -11.46
N GLY A 33 -21.25 12.67 -11.27
CA GLY A 33 -21.84 13.43 -12.34
C GLY A 33 -22.32 12.54 -13.46
N ARG A 34 -21.70 12.69 -14.64
CA ARG A 34 -22.09 11.94 -15.83
C ARG A 34 -21.20 10.72 -16.05
N ASP A 35 -20.10 10.64 -15.31
CA ASP A 35 -19.12 9.58 -15.54
C ASP A 35 -19.23 8.48 -14.49
N HIS A 36 -18.80 7.30 -14.85
CA HIS A 36 -18.75 6.21 -13.95
C HIS A 36 -17.32 5.91 -13.69
N PHE A 37 -17.03 5.63 -12.47
CA PHE A 37 -15.68 5.51 -12.07
C PHE A 37 -15.50 4.19 -11.36
N LEU A 38 -14.59 3.37 -11.80
CA LEU A 38 -14.44 2.05 -11.20
C LEU A 38 -13.32 2.04 -10.20
N ARG A 39 -13.74 2.11 -8.95
CA ARG A 39 -12.82 2.23 -7.84
C ARG A 39 -12.47 0.89 -7.22
N ILE A 40 -11.18 0.64 -7.12
CA ILE A 40 -10.64 -0.66 -6.74
C ILE A 40 -9.87 -0.64 -5.48
N SER A 41 -10.25 -1.51 -4.61
CA SER A 41 -9.36 -1.88 -3.58
C SER A 41 -8.66 -3.13 -4.05
N ILE A 42 -7.36 -3.08 -4.23
CA ILE A 42 -6.61 -4.27 -4.56
C ILE A 42 -5.53 -4.63 -3.56
N ASP A 43 -5.25 -5.93 -3.51
CA ASP A 43 -4.43 -6.52 -2.47
C ASP A 43 -3.32 -7.43 -3.02
N LYS A 44 -2.29 -7.61 -2.18
CA LYS A 44 -1.23 -8.57 -2.39
C LYS A 44 -0.68 -9.05 -1.04
N GLU A 45 -0.09 -10.23 -1.01
CA GLU A 45 0.58 -10.74 0.19
C GLU A 45 1.72 -9.82 0.59
N GLY A 46 1.67 -9.31 1.82
CA GLY A 46 2.73 -8.46 2.32
C GLY A 46 2.46 -6.98 2.11
N GLY A 47 1.38 -6.69 1.42
CA GLY A 47 1.02 -5.30 1.17
C GLY A 47 1.66 -4.73 -0.07
N VAL A 48 0.93 -3.82 -0.64
CA VAL A 48 1.29 -3.11 -1.84
C VAL A 48 1.93 -1.82 -1.47
N ASP A 49 2.97 -1.49 -2.14
CA ASP A 49 3.36 -0.14 -2.06
C ASP A 49 2.88 0.61 -3.27
N LEU A 50 3.25 1.85 -3.32
CA LEU A 50 2.59 2.87 -4.12
C LEU A 50 2.67 2.52 -5.51
N ASN A 51 3.80 2.04 -5.75
CA ASN A 51 4.27 1.76 -7.00
C ASN A 51 3.72 0.45 -7.45
N ASP A 52 3.48 -0.38 -6.49
CA ASP A 52 2.75 -1.61 -6.72
C ASP A 52 1.29 -1.27 -7.00
N CYS A 53 0.87 -0.17 -6.42
CA CYS A 53 -0.51 0.33 -6.54
C CYS A 53 -0.60 0.90 -7.92
N THR A 54 0.47 1.58 -8.24
CA THR A 54 0.80 2.01 -9.58
C THR A 54 0.86 0.82 -10.52
N LEU A 55 1.42 -0.24 -10.04
CA LEU A 55 1.70 -1.39 -10.86
C LEU A 55 0.42 -2.08 -11.15
N ALA A 56 -0.38 -2.02 -10.14
CA ALA A 56 -1.70 -2.51 -10.23
C ALA A 56 -2.41 -1.56 -11.09
N SER A 57 -2.06 -0.32 -10.96
CA SER A 57 -2.81 0.66 -11.66
C SER A 57 -2.48 0.59 -13.14
N GLU A 58 -1.29 0.15 -13.42
CA GLU A 58 -0.95 -0.24 -14.76
C GLU A 58 -1.86 -1.31 -15.15
N LYS A 59 -1.95 -2.22 -14.27
CA LYS A 59 -2.59 -3.42 -14.60
C LYS A 59 -4.11 -3.26 -14.64
N ILE A 60 -4.70 -2.81 -13.59
CA ILE A 60 -6.06 -2.39 -13.67
C ILE A 60 -6.22 -1.49 -14.85
N SER A 61 -5.43 -0.48 -14.96
CA SER A 61 -5.83 0.49 -15.95
C SER A 61 -5.48 0.08 -17.34
N GLU A 62 -4.24 -0.22 -17.52
CA GLU A 62 -3.69 -0.43 -18.81
C GLU A 62 -4.09 -1.79 -19.21
N ALA A 63 -4.09 -2.65 -18.21
CA ALA A 63 -4.33 -4.03 -18.49
C ALA A 63 -5.80 -4.23 -18.76
N MET A 64 -6.62 -3.61 -17.90
CA MET A 64 -8.06 -3.62 -18.13
C MET A 64 -8.30 -3.04 -19.48
N ASP A 65 -7.43 -2.10 -19.79
CA ASP A 65 -7.53 -1.32 -21.03
C ASP A 65 -7.10 -2.15 -22.23
N ALA A 66 -6.18 -3.06 -21.98
CA ALA A 66 -5.62 -3.88 -23.03
C ALA A 66 -6.45 -5.12 -23.15
N ASN A 67 -7.27 -5.30 -22.16
CA ASN A 67 -8.07 -6.49 -22.05
C ASN A 67 -9.49 -6.14 -21.63
N ASP A 68 -10.03 -5.14 -22.30
CA ASP A 68 -11.36 -4.62 -22.02
C ASP A 68 -12.49 -5.49 -22.59
N PRO A 69 -13.26 -6.17 -21.72
CA PRO A 69 -14.48 -6.89 -22.11
C PRO A 69 -15.72 -6.00 -22.17
N ILE A 70 -15.58 -4.76 -21.72
CA ILE A 70 -16.71 -3.86 -21.53
C ILE A 70 -16.81 -2.84 -22.67
N PRO A 71 -17.86 -2.91 -23.50
CA PRO A 71 -17.98 -2.06 -24.69
C PRO A 71 -18.21 -0.59 -24.33
N GLU A 72 -18.69 -0.34 -23.12
CA GLU A 72 -18.69 1.01 -22.58
C GLU A 72 -17.43 1.27 -21.82
N MET A 73 -17.08 2.53 -21.81
CA MET A 73 -15.83 2.97 -21.27
C MET A 73 -16.03 3.79 -20.02
N TYR A 74 -15.30 3.43 -19.01
CA TYR A 74 -15.32 4.14 -17.74
C TYR A 74 -13.96 4.25 -17.14
N TYR A 75 -13.89 5.01 -16.08
CA TYR A 75 -12.69 5.51 -15.57
C TYR A 75 -12.18 4.63 -14.43
N LEU A 76 -11.00 4.07 -14.63
CA LEU A 76 -10.41 3.13 -13.72
C LEU A 76 -9.64 3.83 -12.62
N ASP A 77 -9.95 3.43 -11.40
CA ASP A 77 -9.44 4.08 -10.21
C ASP A 77 -8.83 3.07 -9.26
N VAL A 78 -7.57 3.29 -8.89
CA VAL A 78 -6.78 2.30 -8.19
C VAL A 78 -6.52 2.70 -6.75
N ALA A 79 -6.89 1.82 -5.85
CA ALA A 79 -6.57 1.98 -4.46
C ALA A 79 -6.12 0.69 -3.87
N SER A 80 -5.20 0.85 -2.96
CA SER A 80 -4.43 -0.25 -2.50
C SER A 80 -3.63 0.23 -1.29
N PRO A 81 -3.86 -0.36 -0.11
CA PRO A 81 -3.23 0.11 1.13
C PRO A 81 -1.72 0.06 1.09
N GLY A 82 -1.10 1.18 1.45
CA GLY A 82 0.33 1.21 1.65
C GLY A 82 0.62 0.52 2.94
N ALA A 83 1.88 0.33 3.24
CA ALA A 83 2.21 -0.63 4.23
C ALA A 83 1.71 -0.14 5.57
N GLU A 84 0.90 -0.97 6.19
CA GLU A 84 0.07 -0.52 7.30
C GLU A 84 0.37 -1.33 8.57
N ARG A 85 1.50 -2.03 8.58
CA ARG A 85 1.95 -2.75 9.77
C ARG A 85 2.25 -1.78 10.90
N PRO A 86 1.62 -1.95 12.06
CA PRO A 86 1.83 -1.07 13.21
C PRO A 86 3.30 -1.04 13.64
N ILE A 87 3.72 0.09 14.20
CA ILE A 87 5.04 0.21 14.77
C ILE A 87 4.85 0.17 16.27
N LYS A 88 5.07 -0.98 16.81
CA LYS A 88 5.00 -1.17 18.23
C LYS A 88 6.31 -1.69 18.75
N LYS A 89 6.31 -2.96 18.94
CA LYS A 89 7.50 -3.68 19.36
C LYS A 89 8.33 -4.06 18.14
N GLU A 90 9.53 -4.58 18.39
CA GLU A 90 10.60 -4.60 17.41
C GLU A 90 10.21 -5.23 16.07
N GLN A 91 9.70 -6.46 16.06
CA GLN A 91 9.47 -7.16 14.79
C GLN A 91 8.59 -6.42 13.81
N ASP A 92 7.54 -5.82 14.29
CA ASP A 92 6.57 -5.11 13.46
C ASP A 92 7.12 -3.78 13.07
N PHE A 93 7.82 -3.20 14.00
CA PHE A 93 8.44 -1.92 13.83
C PHE A 93 9.51 -2.06 12.78
N GLN A 94 10.26 -3.12 12.93
CA GLN A 94 11.33 -3.40 12.01
C GLN A 94 10.76 -3.87 10.73
N ASN A 95 9.72 -4.65 10.84
CA ASN A 95 9.09 -5.09 9.62
C ASN A 95 8.50 -3.89 8.90
N ALA A 96 8.20 -2.89 9.70
CA ALA A 96 7.83 -1.57 9.18
C ALA A 96 9.03 -0.75 8.68
N ILE A 97 10.25 -0.98 9.22
CA ILE A 97 11.36 -0.10 8.94
C ILE A 97 11.75 0.09 7.47
N THR A 98 11.60 -0.92 6.67
CA THR A 98 12.12 -0.84 5.32
C THR A 98 11.51 0.34 4.58
N LYS A 99 10.23 0.53 4.80
CA LYS A 99 9.46 1.62 4.25
C LYS A 99 9.58 2.94 5.05
N PRO A 100 9.19 4.06 4.40
CA PRO A 100 8.81 5.29 5.11
C PRO A 100 7.56 5.08 5.98
N VAL A 101 7.65 5.49 7.25
CA VAL A 101 6.60 5.23 8.24
C VAL A 101 6.47 6.41 9.19
N PHE A 102 5.33 6.54 9.86
CA PHE A 102 5.14 7.71 10.71
C PHE A 102 4.85 7.31 12.13
N VAL A 103 5.48 8.05 13.00
CA VAL A 103 5.38 7.81 14.41
C VAL A 103 5.16 9.07 15.13
N SER A 104 4.49 8.89 16.22
CA SER A 104 3.90 9.88 16.96
C SER A 104 4.65 10.02 18.20
N LEU A 105 5.03 11.19 18.50
CA LEU A 105 5.45 11.42 19.80
C LEU A 105 4.67 12.56 20.49
N TYR A 106 4.40 12.23 21.77
CA TYR A 106 3.45 12.93 22.63
C TYR A 106 3.93 14.31 22.97
N VAL A 107 5.21 14.43 23.16
CA VAL A 107 5.76 15.69 23.57
C VAL A 107 6.06 16.45 22.29
N PRO A 108 5.55 17.66 22.19
CA PRO A 108 5.41 18.32 20.89
C PRO A 108 6.72 18.58 20.18
N ILE A 109 6.80 18.16 18.92
CA ILE A 109 7.79 18.68 18.03
C ILE A 109 7.02 19.38 16.96
N GLU A 110 7.21 20.66 16.96
CA GLU A 110 6.34 21.56 16.26
C GLU A 110 4.90 21.25 16.58
N GLY A 111 4.70 20.80 17.81
CA GLY A 111 3.37 20.58 18.29
C GLY A 111 2.83 19.20 17.98
N GLU A 112 3.59 18.45 17.20
CA GLU A 112 3.14 17.20 16.60
C GLU A 112 3.92 15.98 17.13
N LYS A 113 3.22 14.83 17.08
CA LYS A 113 3.77 13.55 17.36
C LYS A 113 4.23 12.80 16.13
N GLU A 114 3.73 13.05 14.95
CA GLU A 114 3.89 12.00 13.95
C GLU A 114 4.62 12.41 12.69
N TRP A 115 5.68 11.65 12.46
CA TRP A 115 6.61 11.89 11.38
C TRP A 115 6.89 10.64 10.58
N LEU A 116 6.75 10.77 9.28
CA LEU A 116 6.87 9.66 8.35
C LEU A 116 8.18 9.78 7.63
N GLY A 117 8.88 8.70 7.56
CA GLY A 117 10.06 8.69 6.74
C GLY A 117 10.68 7.33 6.76
N ILE A 118 11.82 7.14 6.11
CA ILE A 118 12.22 5.79 5.77
C ILE A 118 12.93 5.24 6.97
N LEU A 119 12.64 4.06 7.43
CA LEU A 119 13.46 3.63 8.56
C LEU A 119 14.86 3.30 8.12
N GLN A 120 15.78 4.01 8.71
CA GLN A 120 17.17 3.77 8.46
C GLN A 120 17.74 2.87 9.54
N GLU A 121 17.50 3.23 10.79
CA GLU A 121 17.99 2.46 11.91
C GLU A 121 16.96 2.37 12.99
N VAL A 122 17.07 1.29 13.71
CA VAL A 122 16.23 1.01 14.81
C VAL A 122 17.05 0.99 16.06
N ASN A 123 16.62 1.66 17.08
CA ASN A 123 17.09 1.24 18.36
C ASN A 123 15.94 0.72 19.22
N ASN A 124 16.28 0.11 20.34
CA ASN A 124 15.27 -0.33 21.31
C ASN A 124 14.61 0.90 21.92
N GLU A 125 15.36 1.99 21.89
CA GLU A 125 14.95 3.23 22.49
C GLU A 125 14.53 4.22 21.42
N THR A 126 15.11 4.10 20.23
CA THR A 126 14.97 5.13 19.22
C THR A 126 14.52 4.59 17.86
N ILE A 127 14.01 5.48 17.04
CA ILE A 127 13.47 5.14 15.74
C ILE A 127 14.11 6.08 14.79
N VAL A 128 14.73 5.63 13.72
CA VAL A 128 15.48 6.55 12.95
C VAL A 128 14.93 6.65 11.55
N VAL A 129 14.54 7.86 11.23
CA VAL A 129 13.52 8.12 10.23
C VAL A 129 14.07 9.00 9.11
N GLN A 130 14.10 8.47 7.90
CA GLN A 130 14.71 9.12 6.79
C GLN A 130 13.81 10.13 6.14
N VAL A 131 14.29 11.34 6.06
CA VAL A 131 13.70 12.26 5.14
C VAL A 131 14.61 12.33 3.93
N LYS A 132 14.00 12.34 2.77
CA LYS A 132 14.74 12.23 1.54
C LYS A 132 14.80 13.52 0.76
N ILE A 133 16.00 14.06 0.71
CA ILE A 133 16.31 15.29 0.04
C ILE A 133 16.88 14.96 -1.29
N LYS A 134 16.04 15.02 -2.28
CA LYS A 134 16.38 14.56 -3.59
C LYS A 134 16.80 13.10 -3.47
N ALA A 135 18.08 12.95 -3.40
CA ALA A 135 18.74 11.66 -3.34
C ALA A 135 19.37 11.40 -1.97
N ARG A 136 19.11 12.31 -1.01
CA ARG A 136 19.72 12.28 0.27
C ARG A 136 18.74 11.89 1.33
N THR A 137 19.18 11.06 2.18
CA THR A 137 18.42 10.71 3.36
C THR A 137 18.95 11.39 4.61
N LYS A 138 18.05 11.62 5.57
CA LYS A 138 18.43 11.97 6.90
C LYS A 138 17.51 11.23 7.83
N ASP A 139 18.12 10.53 8.72
CA ASP A 139 17.48 9.72 9.64
C ASP A 139 17.33 10.41 10.97
N ILE A 140 16.10 10.48 11.36
CA ILE A 140 15.69 11.20 12.52
C ILE A 140 15.31 10.28 13.66
N GLU A 141 15.93 10.46 14.80
CA GLU A 141 15.78 9.49 15.89
C GLU A 141 14.70 9.92 16.83
N ILE A 142 13.72 9.06 16.91
CA ILE A 142 12.52 9.28 17.71
C ILE A 142 12.60 8.49 19.01
N PRO A 143 12.71 9.19 20.16
CA PRO A 143 12.72 8.55 21.47
C PRO A 143 11.38 7.90 21.79
N ARG A 144 11.43 6.64 22.21
CA ARG A 144 10.24 5.81 22.32
C ARG A 144 9.53 6.21 23.57
N ASP A 145 10.33 6.77 24.43
CA ASP A 145 9.87 7.36 25.66
C ASP A 145 8.88 8.47 25.37
N LYS A 146 8.95 9.01 24.15
CA LYS A 146 8.08 10.12 23.78
C LYS A 146 6.94 9.66 22.90
N ILE A 147 7.06 8.44 22.44
CA ILE A 147 6.21 7.93 21.38
C ILE A 147 4.80 7.65 21.84
N ALA A 148 3.91 8.36 21.19
CA ALA A 148 2.50 8.30 21.41
C ALA A 148 1.92 7.18 20.58
N LYS A 149 2.42 7.12 19.35
CA LYS A 149 1.86 6.26 18.35
C LYS A 149 2.94 5.90 17.38
N ALA A 150 2.94 4.73 16.83
CA ALA A 150 3.90 4.44 15.78
C ALA A 150 3.29 3.52 14.74
N ARG A 151 3.45 3.81 13.44
CA ARG A 151 2.95 2.88 12.40
C ARG A 151 3.69 2.99 11.05
N HIS A 152 3.70 1.85 10.33
CA HIS A 152 3.84 1.82 8.87
C HIS A 152 2.71 2.67 8.27
N ALA A 153 2.83 3.11 7.04
CA ALA A 153 2.05 4.28 6.66
C ALA A 153 1.49 4.21 5.25
N VAL A 154 0.54 5.12 4.99
CA VAL A 154 -0.08 5.25 3.71
C VAL A 154 0.12 6.62 3.12
N MET A 155 0.60 6.59 1.93
CA MET A 155 0.54 7.71 1.02
C MET A 155 -0.84 7.72 0.43
N ILE A 156 -1.34 6.52 0.51
CA ILE A 156 -2.61 6.06 -0.02
C ILE A 156 -2.84 6.54 -1.46
N MET A 1 -22.48 -11.08 -11.50
CA MET A 1 -23.82 -11.66 -11.71
C MET A 1 -24.86 -10.92 -10.89
N ALA A 2 -24.81 -11.07 -9.58
CA ALA A 2 -25.73 -10.39 -8.69
C ALA A 2 -25.33 -8.93 -8.54
N SER A 3 -24.26 -8.69 -7.80
CA SER A 3 -23.72 -7.34 -7.67
C SER A 3 -22.87 -7.00 -8.89
N LYS A 4 -22.89 -5.72 -9.25
CA LYS A 4 -22.14 -5.21 -10.40
C LYS A 4 -20.64 -5.53 -10.31
N ILE A 5 -20.14 -5.59 -9.08
CA ILE A 5 -18.70 -5.63 -8.84
C ILE A 5 -18.00 -6.82 -9.40
N THR A 6 -18.53 -8.01 -9.25
CA THR A 6 -17.79 -9.18 -9.66
C THR A 6 -17.39 -9.11 -11.10
N GLU A 7 -18.18 -8.45 -11.92
CA GLU A 7 -17.90 -8.39 -13.31
C GLU A 7 -16.56 -7.79 -13.48
N GLN A 8 -16.49 -6.75 -12.77
CA GLN A 8 -15.47 -5.82 -12.80
C GLN A 8 -14.29 -6.36 -12.10
N VAL A 9 -14.65 -6.92 -10.98
CA VAL A 9 -13.71 -7.30 -10.03
C VAL A 9 -13.00 -8.46 -10.62
N GLU A 10 -13.78 -9.24 -11.36
CA GLU A 10 -13.29 -10.38 -12.05
C GLU A 10 -12.40 -10.02 -13.20
N VAL A 11 -12.90 -9.16 -14.01
CA VAL A 11 -12.34 -9.04 -15.29
C VAL A 11 -11.04 -8.35 -15.20
N ILE A 12 -11.05 -7.53 -14.21
CA ILE A 12 -9.93 -6.79 -13.78
C ILE A 12 -9.06 -7.63 -12.89
N VAL A 13 -9.67 -8.56 -12.17
CA VAL A 13 -8.94 -9.40 -11.30
C VAL A 13 -8.12 -10.30 -12.14
N LYS A 14 -8.56 -10.49 -13.36
CA LYS A 14 -7.79 -11.40 -14.19
C LYS A 14 -6.44 -10.81 -14.61
N PRO A 15 -6.40 -9.70 -15.36
CA PRO A 15 -5.13 -9.09 -15.71
C PRO A 15 -4.41 -8.60 -14.48
N ILE A 16 -5.13 -8.08 -13.48
CA ILE A 16 -4.46 -7.66 -12.29
C ILE A 16 -3.94 -8.84 -11.45
N MET A 17 -4.77 -9.85 -11.12
CA MET A 17 -4.34 -10.88 -10.18
C MET A 17 -3.26 -11.68 -10.84
N GLU A 18 -3.47 -11.93 -12.11
CA GLU A 18 -2.47 -12.68 -12.87
C GLU A 18 -1.17 -11.95 -13.16
N ASP A 19 -1.26 -10.78 -13.77
CA ASP A 19 -0.12 -10.36 -14.56
C ASP A 19 1.06 -9.84 -13.76
N LEU A 20 0.78 -8.95 -12.82
CA LEU A 20 1.77 -8.52 -11.86
C LEU A 20 1.56 -9.32 -10.63
N ASN A 21 0.52 -10.14 -10.75
CA ASN A 21 0.08 -11.05 -9.74
C ASN A 21 -0.39 -10.40 -8.47
N PHE A 22 -0.94 -9.24 -8.58
CA PHE A 22 -1.63 -8.70 -7.44
C PHE A 22 -3.13 -8.83 -7.67
N GLU A 23 -3.91 -8.94 -6.64
CA GLU A 23 -5.29 -9.38 -6.78
C GLU A 23 -6.27 -8.36 -6.26
N LEU A 24 -7.30 -8.24 -7.06
CA LEU A 24 -8.41 -7.35 -6.85
C LEU A 24 -9.18 -7.69 -5.60
N VAL A 25 -9.17 -6.76 -4.65
CA VAL A 25 -9.90 -6.96 -3.45
C VAL A 25 -11.36 -6.70 -3.73
N ASP A 26 -11.67 -5.51 -4.23
CA ASP A 26 -12.93 -5.29 -4.86
C ASP A 26 -12.95 -4.01 -5.57
N VAL A 27 -13.72 -4.02 -6.60
CA VAL A 27 -13.90 -2.86 -7.38
C VAL A 27 -15.37 -2.49 -7.42
N GLU A 28 -15.68 -1.31 -6.98
CA GLU A 28 -17.03 -0.89 -6.78
C GLU A 28 -17.26 0.21 -7.76
N TYR A 29 -18.43 0.28 -8.31
CA TYR A 29 -18.56 0.99 -9.53
C TYR A 29 -19.57 2.05 -9.38
N VAL A 30 -19.01 3.21 -9.33
CA VAL A 30 -19.71 4.31 -8.82
C VAL A 30 -19.98 5.34 -9.91
N LYS A 31 -21.06 6.11 -9.78
CA LYS A 31 -21.41 7.08 -10.79
C LYS A 31 -21.37 8.48 -10.23
N GLU A 32 -20.43 9.28 -10.73
CA GLU A 32 -20.30 10.66 -10.32
C GLU A 32 -20.53 11.58 -11.52
N GLY A 33 -21.70 12.22 -11.54
CA GLY A 33 -22.05 13.08 -12.65
C GLY A 33 -22.34 12.31 -13.93
N ARG A 34 -21.53 12.54 -14.95
CA ARG A 34 -21.73 11.88 -16.24
C ARG A 34 -20.82 10.66 -16.39
N ASP A 35 -19.81 10.57 -15.55
CA ASP A 35 -18.84 9.48 -15.68
C ASP A 35 -19.09 8.43 -14.63
N HIS A 36 -18.77 7.21 -14.97
CA HIS A 36 -18.89 6.13 -14.06
C HIS A 36 -17.50 5.67 -13.77
N PHE A 37 -17.26 5.34 -12.56
CA PHE A 37 -15.94 5.23 -12.09
C PHE A 37 -15.78 3.90 -11.37
N LEU A 38 -14.80 3.12 -11.76
CA LEU A 38 -14.63 1.82 -11.14
C LEU A 38 -13.52 1.88 -10.12
N ARG A 39 -13.92 1.94 -8.87
CA ARG A 39 -13.01 2.10 -7.76
C ARG A 39 -12.58 0.78 -7.16
N ILE A 40 -11.27 0.58 -7.08
CA ILE A 40 -10.70 -0.69 -6.68
C ILE A 40 -9.88 -0.62 -5.45
N SER A 41 -10.22 -1.48 -4.54
CA SER A 41 -9.31 -1.81 -3.53
C SER A 41 -8.59 -3.07 -4.00
N ILE A 42 -7.30 -2.99 -4.20
CA ILE A 42 -6.55 -4.19 -4.52
C ILE A 42 -5.43 -4.53 -3.54
N ASP A 43 -5.16 -5.83 -3.44
CA ASP A 43 -4.27 -6.35 -2.42
C ASP A 43 -3.26 -7.37 -2.98
N LYS A 44 -2.21 -7.60 -2.20
CA LYS A 44 -1.22 -8.64 -2.47
C LYS A 44 -0.65 -9.15 -1.15
N GLU A 45 -0.16 -10.39 -1.14
CA GLU A 45 0.50 -10.95 0.03
C GLU A 45 1.75 -10.15 0.38
N GLY A 46 1.79 -9.64 1.61
CA GLY A 46 2.94 -8.88 2.07
C GLY A 46 2.77 -7.39 1.86
N GLY A 47 1.69 -7.01 1.21
CA GLY A 47 1.40 -5.61 0.99
C GLY A 47 1.98 -5.07 -0.29
N VAL A 48 1.26 -4.13 -0.81
CA VAL A 48 1.53 -3.44 -2.04
C VAL A 48 2.28 -2.18 -1.76
N ASP A 49 3.23 -1.89 -2.56
CA ASP A 49 3.75 -0.57 -2.45
C ASP A 49 3.12 0.31 -3.49
N LEU A 50 3.57 1.52 -3.54
CA LEU A 50 2.91 2.60 -4.24
C LEU A 50 2.97 2.32 -5.67
N ASN A 51 4.08 1.80 -5.95
CA ASN A 51 4.48 1.50 -7.25
C ASN A 51 3.82 0.24 -7.67
N ASP A 52 3.58 -0.58 -6.70
CA ASP A 52 2.76 -1.75 -6.90
C ASP A 52 1.30 -1.35 -7.10
N CYS A 53 0.97 -0.23 -6.50
CA CYS A 53 -0.39 0.34 -6.56
C CYS A 53 -0.53 0.85 -7.95
N THR A 54 0.56 1.50 -8.33
CA THR A 54 0.85 1.89 -9.69
C THR A 54 0.85 0.70 -10.61
N LEU A 55 1.40 -0.39 -10.14
CA LEU A 55 1.62 -1.54 -10.96
C LEU A 55 0.32 -2.20 -11.22
N ALA A 56 -0.46 -2.14 -10.19
CA ALA A 56 -1.78 -2.59 -10.26
C ALA A 56 -2.48 -1.63 -11.08
N SER A 57 -2.10 -0.39 -10.93
CA SER A 57 -2.83 0.62 -11.60
C SER A 57 -2.59 0.52 -13.09
N GLU A 58 -1.41 0.09 -13.45
CA GLU A 58 -1.14 -0.25 -14.81
C GLU A 58 -2.09 -1.31 -15.18
N LYS A 59 -2.12 -2.23 -14.33
CA LYS A 59 -2.77 -3.44 -14.63
C LYS A 59 -4.28 -3.25 -14.65
N ILE A 60 -4.83 -2.81 -13.57
CA ILE A 60 -6.21 -2.41 -13.58
C ILE A 60 -6.44 -1.50 -14.73
N SER A 61 -5.67 -0.45 -14.86
CA SER A 61 -6.11 0.53 -15.80
C SER A 61 -5.78 0.17 -17.21
N GLU A 62 -4.54 -0.09 -17.41
CA GLU A 62 -4.00 -0.25 -18.71
C GLU A 62 -4.34 -1.61 -19.14
N ALA A 63 -4.33 -2.49 -18.17
CA ALA A 63 -4.52 -3.86 -18.52
C ALA A 63 -5.97 -4.09 -18.82
N MET A 64 -6.81 -3.53 -17.94
CA MET A 64 -8.25 -3.59 -18.17
C MET A 64 -8.51 -2.87 -19.48
N ASP A 65 -7.63 -1.91 -19.73
CA ASP A 65 -7.71 -1.07 -20.93
C ASP A 65 -7.28 -1.84 -22.16
N ALA A 66 -6.41 -2.79 -21.95
CA ALA A 66 -5.90 -3.63 -23.03
C ALA A 66 -6.79 -4.83 -23.16
N ASN A 67 -7.62 -4.98 -22.16
CA ASN A 67 -8.43 -6.16 -22.01
C ASN A 67 -9.85 -5.76 -21.60
N ASP A 68 -10.43 -4.89 -22.40
CA ASP A 68 -11.76 -4.33 -22.15
C ASP A 68 -12.86 -5.33 -22.44
N PRO A 69 -13.62 -5.77 -21.42
CA PRO A 69 -14.91 -6.41 -21.67
C PRO A 69 -16.01 -5.36 -21.83
N ILE A 70 -15.64 -4.13 -21.53
CA ILE A 70 -16.54 -2.98 -21.61
C ILE A 70 -16.19 -2.10 -22.81
N PRO A 71 -17.06 -2.01 -23.83
CA PRO A 71 -16.71 -1.35 -25.10
C PRO A 71 -16.61 0.18 -24.99
N GLU A 72 -17.29 0.80 -24.05
CA GLU A 72 -17.04 2.20 -23.75
C GLU A 72 -16.04 2.33 -22.64
N MET A 73 -15.34 3.43 -22.68
CA MET A 73 -14.22 3.66 -21.81
C MET A 73 -14.57 4.67 -20.74
N TYR A 74 -14.29 4.29 -19.53
CA TYR A 74 -14.45 5.14 -18.37
C TYR A 74 -13.34 4.90 -17.39
N TYR A 75 -13.28 5.72 -16.37
CA TYR A 75 -12.05 5.91 -15.68
C TYR A 75 -11.96 5.01 -14.46
N LEU A 76 -10.94 4.16 -14.50
CA LEU A 76 -10.68 3.20 -13.47
C LEU A 76 -9.82 3.78 -12.38
N ASP A 77 -10.30 3.61 -11.16
CA ASP A 77 -9.73 4.23 -9.99
C ASP A 77 -9.07 3.17 -9.13
N VAL A 78 -7.79 3.38 -8.85
CA VAL A 78 -6.95 2.36 -8.26
C VAL A 78 -6.53 2.71 -6.85
N ALA A 79 -6.87 1.84 -5.91
CA ALA A 79 -6.46 2.03 -4.56
C ALA A 79 -5.94 0.76 -3.95
N SER A 80 -4.96 0.97 -3.11
CA SER A 80 -4.10 -0.07 -2.67
C SER A 80 -3.22 0.51 -1.57
N PRO A 81 -3.42 0.11 -0.29
CA PRO A 81 -2.65 0.66 0.82
C PRO A 81 -1.19 0.27 0.74
N GLY A 82 -0.31 1.21 1.03
CA GLY A 82 1.09 0.89 1.01
C GLY A 82 1.37 0.06 2.20
N ALA A 83 2.46 -0.66 2.19
CA ALA A 83 2.57 -1.79 3.05
C ALA A 83 2.64 -1.31 4.47
N GLU A 84 1.73 -1.82 5.27
CA GLU A 84 1.45 -1.22 6.55
C GLU A 84 1.68 -2.18 7.73
N ARG A 85 2.45 -3.24 7.51
CA ARG A 85 2.88 -4.11 8.61
C ARG A 85 3.74 -3.35 9.62
N PRO A 86 3.37 -3.35 10.90
CA PRO A 86 4.14 -2.66 11.94
C PRO A 86 5.54 -3.24 12.10
N ILE A 87 6.50 -2.39 12.40
CA ILE A 87 7.88 -2.78 12.58
C ILE A 87 8.21 -2.66 14.03
N LYS A 88 8.32 -3.76 14.65
CA LYS A 88 8.86 -3.79 15.97
C LYS A 88 10.03 -4.71 16.00
N LYS A 89 9.74 -5.93 16.34
CA LYS A 89 10.76 -6.96 16.42
C LYS A 89 11.04 -7.55 15.05
N GLU A 90 12.12 -8.31 14.97
CA GLU A 90 12.83 -8.54 13.70
C GLU A 90 11.95 -9.09 12.58
N GLN A 91 11.22 -10.17 12.82
CA GLN A 91 10.46 -10.82 11.76
C GLN A 91 9.51 -9.90 11.01
N ASP A 92 8.85 -9.04 11.75
CA ASP A 92 7.85 -8.11 11.19
C ASP A 92 8.56 -6.97 10.52
N PHE A 93 9.63 -6.60 11.14
CA PHE A 93 10.48 -5.52 10.68
C PHE A 93 11.09 -5.92 9.37
N GLN A 94 11.56 -7.13 9.37
CA GLN A 94 12.20 -7.67 8.19
C GLN A 94 11.12 -7.97 7.19
N ASN A 95 10.00 -8.40 7.72
CA ASN A 95 8.83 -8.58 6.88
C ASN A 95 8.46 -7.25 6.24
N ALA A 96 8.82 -6.19 6.93
CA ALA A 96 8.67 -4.83 6.42
C ALA A 96 9.81 -4.42 5.45
N ILE A 97 11.01 -4.95 5.64
CA ILE A 97 12.17 -4.44 4.96
C ILE A 97 12.15 -4.43 3.44
N THR A 98 11.43 -5.33 2.82
CA THR A 98 11.51 -5.44 1.38
C THR A 98 11.11 -4.10 0.74
N LYS A 99 10.12 -3.49 1.35
CA LYS A 99 9.59 -2.20 0.97
C LYS A 99 10.37 -1.01 1.56
N PRO A 100 10.14 0.19 0.98
CA PRO A 100 10.38 1.47 1.66
C PRO A 100 9.52 1.58 2.93
N VAL A 101 10.15 1.92 4.05
CA VAL A 101 9.47 1.92 5.36
C VAL A 101 10.06 2.99 6.25
N PHE A 102 9.31 3.40 7.30
CA PHE A 102 9.82 4.46 8.16
C PHE A 102 9.85 4.05 9.61
N VAL A 103 10.96 4.39 10.22
CA VAL A 103 11.20 4.02 11.59
C VAL A 103 11.76 5.15 12.33
N SER A 104 11.40 5.11 13.58
CA SER A 104 11.59 6.13 14.48
C SER A 104 12.72 5.81 15.33
N LEU A 105 13.65 6.67 15.39
CA LEU A 105 14.57 6.54 16.41
C LEU A 105 14.73 7.82 17.25
N TYR A 106 14.94 7.50 18.55
CA TYR A 106 14.92 8.42 19.67
C TYR A 106 15.93 9.52 19.52
N VAL A 107 17.06 9.18 18.94
CA VAL A 107 18.14 10.12 18.86
C VAL A 107 17.93 10.91 17.59
N PRO A 108 17.92 12.23 17.70
CA PRO A 108 17.37 13.08 16.67
C PRO A 108 18.22 13.17 15.41
N ILE A 109 17.60 12.94 14.28
CA ILE A 109 18.14 13.38 13.04
C ILE A 109 17.24 14.47 12.58
N GLU A 110 17.82 15.63 12.62
CA GLU A 110 17.09 16.88 12.53
C GLU A 110 15.91 16.87 13.49
N GLY A 111 16.10 16.19 14.60
CA GLY A 111 15.11 16.21 15.64
C GLY A 111 14.14 15.03 15.58
N GLU A 112 14.27 14.21 14.55
CA GLU A 112 13.26 13.20 14.23
C GLU A 112 13.76 11.76 14.42
N LYS A 113 12.81 10.87 14.72
CA LYS A 113 12.99 9.47 14.81
C LYS A 113 12.63 8.74 13.54
N GLU A 114 11.80 9.24 12.67
CA GLU A 114 11.20 8.29 11.74
C GLU A 114 11.49 8.60 10.28
N TRP A 115 12.08 7.60 9.66
CA TRP A 115 12.64 7.70 8.33
C TRP A 115 12.26 6.54 7.44
N LEU A 116 11.79 6.91 6.26
CA LEU A 116 11.25 5.97 5.29
C LEU A 116 12.24 5.77 4.17
N GLY A 117 12.48 4.54 3.83
CA GLY A 117 13.28 4.27 2.68
C GLY A 117 13.38 2.78 2.49
N ILE A 118 14.13 2.28 1.51
CA ILE A 118 13.93 0.89 1.15
C ILE A 118 14.77 0.05 2.06
N LEU A 119 14.23 -0.92 2.73
CA LEU A 119 15.17 -1.67 3.58
C LEU A 119 16.08 -2.53 2.78
N GLN A 120 17.35 -2.28 2.97
CA GLN A 120 18.36 -3.05 2.33
C GLN A 120 18.79 -4.20 3.21
N GLU A 121 19.14 -3.90 4.45
CA GLU A 121 19.53 -4.97 5.35
C GLU A 121 19.19 -4.67 6.79
N VAL A 122 19.01 -5.75 7.50
CA VAL A 122 18.65 -5.74 8.87
C VAL A 122 19.78 -6.33 9.66
N ASN A 123 20.35 -5.57 10.55
CA ASN A 123 21.27 -6.21 11.43
C ASN A 123 20.66 -6.34 12.82
N ASN A 124 21.30 -7.11 13.69
CA ASN A 124 20.86 -7.25 15.07
C ASN A 124 21.02 -5.92 15.79
N GLU A 125 21.94 -5.12 15.27
CA GLU A 125 22.27 -3.84 15.85
C GLU A 125 21.69 -2.71 15.00
N THR A 126 21.55 -2.96 13.70
CA THR A 126 21.37 -1.88 12.76
C THR A 126 20.18 -2.08 11.83
N ILE A 127 19.74 -0.98 11.23
CA ILE A 127 18.62 -0.96 10.33
C ILE A 127 19.10 -0.24 9.11
N VAL A 128 18.98 -0.78 7.93
CA VAL A 128 19.61 -0.13 6.84
C VAL A 128 18.62 0.22 5.74
N VAL A 129 18.52 1.51 5.50
CA VAL A 129 17.39 2.11 4.81
C VAL A 129 17.79 2.90 3.58
N GLN A 130 17.25 2.53 2.43
CA GLN A 130 17.62 3.08 1.17
C GLN A 130 16.96 4.39 0.88
N VAL A 131 17.76 5.38 0.63
CA VAL A 131 17.25 6.55 -0.02
C VAL A 131 17.64 6.43 -1.47
N LYS A 132 16.73 6.79 -2.32
CA LYS A 132 16.88 6.57 -3.74
C LYS A 132 17.13 7.85 -4.51
N ILE A 133 18.34 7.96 -5.00
CA ILE A 133 18.77 9.11 -5.76
C ILE A 133 18.77 8.74 -7.21
N LYS A 134 17.70 9.12 -7.87
CA LYS A 134 17.50 8.76 -9.24
C LYS A 134 17.54 7.24 -9.35
N ALA A 135 18.72 6.80 -9.72
CA ALA A 135 18.99 5.39 -9.96
C ALA A 135 19.85 4.80 -8.83
N ARG A 136 20.09 5.60 -7.79
CA ARG A 136 20.94 5.25 -6.73
C ARG A 136 20.19 4.98 -5.48
N THR A 137 20.56 3.93 -4.85
CA THR A 137 20.15 3.68 -3.49
C THR A 137 21.29 3.96 -2.51
N LYS A 138 20.95 4.35 -1.29
CA LYS A 138 21.87 4.37 -0.22
C LYS A 138 21.13 3.88 1.00
N ASP A 139 21.65 2.87 1.60
CA ASP A 139 21.09 2.28 2.72
C ASP A 139 21.74 2.81 3.96
N ILE A 140 20.91 3.31 4.81
CA ILE A 140 21.37 4.01 5.96
C ILE A 140 21.16 3.21 7.22
N GLU A 141 22.23 3.01 7.95
CA GLU A 141 22.22 2.09 9.07
C GLU A 141 21.95 2.84 10.37
N ILE A 142 20.85 2.43 10.96
CA ILE A 142 20.28 3.07 12.14
C ILE A 142 20.43 2.16 13.36
N PRO A 143 20.78 2.73 14.53
CA PRO A 143 20.85 1.96 15.77
C PRO A 143 19.46 1.51 16.24
N ARG A 144 19.35 0.22 16.48
CA ARG A 144 18.09 -0.45 16.72
C ARG A 144 17.68 -0.16 18.12
N ASP A 145 18.71 -0.04 18.91
CA ASP A 145 18.62 0.28 20.30
C ASP A 145 17.95 1.62 20.49
N LYS A 146 17.91 2.40 19.41
CA LYS A 146 17.40 3.77 19.52
C LYS A 146 16.01 3.86 18.98
N ILE A 147 15.54 2.79 18.40
CA ILE A 147 14.24 2.77 17.76
C ILE A 147 13.12 3.08 18.74
N ALA A 148 12.46 4.17 18.43
CA ALA A 148 11.33 4.65 19.16
C ALA A 148 10.08 4.01 18.60
N LYS A 149 10.06 3.97 17.29
CA LYS A 149 8.92 3.52 16.54
C LYS A 149 9.41 2.83 15.34
N ALA A 150 8.67 1.93 14.80
CA ALA A 150 9.03 1.38 13.52
C ALA A 150 7.79 0.94 12.73
N ARG A 151 7.71 1.27 11.44
CA ARG A 151 6.62 0.73 10.62
C ARG A 151 6.95 0.63 9.12
N HIS A 152 6.33 -0.37 8.49
CA HIS A 152 6.07 -0.40 7.06
C HIS A 152 5.24 0.83 6.73
N ALA A 153 5.18 1.25 5.48
CA ALA A 153 4.81 2.63 5.24
C ALA A 153 3.87 2.83 4.07
N VAL A 154 3.27 4.02 4.04
CA VAL A 154 2.40 4.46 3.00
C VAL A 154 2.91 5.70 2.33
N MET A 155 2.97 5.61 1.04
CA MET A 155 3.19 6.76 0.19
C MET A 155 1.84 7.20 -0.29
N ILE A 156 0.92 6.39 0.15
CA ILE A 156 -0.51 6.45 -0.16
C ILE A 156 -0.73 6.49 -1.66
N MET A 1 -29.62 -13.26 -8.21
CA MET A 1 -29.05 -11.90 -8.12
C MET A 1 -27.77 -11.80 -8.92
N ALA A 2 -27.52 -10.65 -9.53
CA ALA A 2 -26.34 -10.45 -10.35
C ALA A 2 -25.78 -9.05 -10.15
N SER A 3 -24.88 -8.91 -9.20
CA SER A 3 -24.26 -7.62 -8.94
C SER A 3 -23.13 -7.36 -9.93
N LYS A 4 -23.07 -6.11 -10.41
CA LYS A 4 -22.16 -5.71 -11.48
C LYS A 4 -20.69 -5.99 -11.17
N ILE A 5 -20.31 -5.89 -9.90
CA ILE A 5 -18.89 -5.90 -9.52
C ILE A 5 -18.17 -7.15 -9.91
N THR A 6 -18.75 -8.31 -9.74
CA THR A 6 -18.00 -9.52 -10.02
C THR A 6 -17.47 -9.52 -11.44
N GLU A 7 -18.16 -8.87 -12.35
CA GLU A 7 -17.73 -8.82 -13.72
C GLU A 7 -16.39 -8.22 -13.75
N GLN A 8 -16.39 -7.17 -13.04
CA GLN A 8 -15.41 -6.20 -13.01
C GLN A 8 -14.27 -6.71 -12.23
N VAL A 9 -14.70 -7.27 -11.14
CA VAL A 9 -13.85 -7.62 -10.08
C VAL A 9 -13.06 -8.77 -10.60
N GLU A 10 -13.76 -9.58 -11.38
CA GLU A 10 -13.18 -10.71 -12.02
C GLU A 10 -12.22 -10.34 -13.10
N VAL A 11 -12.68 -9.50 -13.97
CA VAL A 11 -12.03 -9.41 -15.19
C VAL A 11 -10.77 -8.68 -15.02
N ILE A 12 -10.88 -7.85 -14.06
CA ILE A 12 -9.80 -7.07 -13.56
C ILE A 12 -8.97 -7.87 -12.58
N VAL A 13 -9.61 -8.81 -11.89
CA VAL A 13 -8.90 -9.63 -10.95
C VAL A 13 -7.99 -10.51 -11.71
N LYS A 14 -8.34 -10.73 -12.94
CA LYS A 14 -7.47 -11.63 -13.73
C LYS A 14 -6.14 -10.98 -14.09
N PRO A 15 -6.11 -9.89 -14.86
CA PRO A 15 -4.86 -9.24 -15.15
C PRO A 15 -4.22 -8.70 -13.90
N ILE A 16 -5.01 -8.20 -12.94
CA ILE A 16 -4.38 -7.77 -11.73
C ILE A 16 -3.89 -8.93 -10.84
N MET A 17 -4.71 -9.92 -10.46
CA MET A 17 -4.27 -10.90 -9.48
C MET A 17 -3.20 -11.74 -10.13
N GLU A 18 -3.48 -12.11 -11.34
CA GLU A 18 -2.53 -12.93 -12.08
C GLU A 18 -1.27 -12.21 -12.51
N ASP A 19 -1.42 -11.10 -13.21
CA ASP A 19 -0.34 -10.72 -14.08
C ASP A 19 0.89 -10.12 -13.39
N LEU A 20 0.66 -9.18 -12.49
CA LEU A 20 1.73 -8.69 -11.64
C LEU A 20 1.63 -9.42 -10.33
N ASN A 21 0.58 -10.23 -10.30
CA ASN A 21 0.21 -11.05 -9.19
C ASN A 21 -0.19 -10.31 -7.94
N PHE A 22 -0.75 -9.15 -8.09
CA PHE A 22 -1.39 -8.57 -6.95
C PHE A 22 -2.90 -8.73 -7.12
N GLU A 23 -3.63 -8.83 -6.05
CA GLU A 23 -4.98 -9.34 -6.15
C GLU A 23 -6.03 -8.30 -5.87
N LEU A 24 -7.00 -8.36 -6.71
CA LEU A 24 -8.14 -7.52 -6.74
C LEU A 24 -8.99 -7.69 -5.50
N VAL A 25 -9.06 -6.67 -4.67
CA VAL A 25 -9.88 -6.76 -3.50
C VAL A 25 -11.31 -6.53 -3.91
N ASP A 26 -11.56 -5.38 -4.54
CA ASP A 26 -12.76 -5.18 -5.26
C ASP A 26 -12.68 -3.98 -6.10
N VAL A 27 -13.45 -4.03 -7.11
CA VAL A 27 -13.58 -2.94 -7.99
C VAL A 27 -15.07 -2.64 -8.15
N GLU A 28 -15.44 -1.43 -7.88
CA GLU A 28 -16.83 -1.07 -7.88
C GLU A 28 -16.94 0.15 -8.74
N TYR A 29 -18.03 0.27 -9.42
CA TYR A 29 -18.12 1.22 -10.46
C TYR A 29 -19.09 2.22 -10.04
N VAL A 30 -18.56 3.33 -9.70
CA VAL A 30 -19.29 4.24 -8.94
C VAL A 30 -19.62 5.47 -9.77
N LYS A 31 -20.71 6.13 -9.46
CA LYS A 31 -21.24 7.13 -10.36
C LYS A 31 -21.18 8.52 -9.71
N GLU A 32 -20.36 9.37 -10.30
CA GLU A 32 -20.21 10.73 -9.85
C GLU A 32 -20.65 11.68 -10.95
N GLY A 33 -21.85 12.23 -10.81
CA GLY A 33 -22.38 13.14 -11.79
C GLY A 33 -22.61 12.47 -13.13
N ARG A 34 -21.83 12.86 -14.12
CA ARG A 34 -21.98 12.33 -15.48
C ARG A 34 -20.95 11.23 -15.74
N ASP A 35 -19.97 11.08 -14.87
CA ASP A 35 -18.84 10.19 -15.12
C ASP A 35 -19.00 8.89 -14.35
N HIS A 36 -18.38 7.83 -14.87
CA HIS A 36 -18.41 6.57 -14.24
C HIS A 36 -17.05 6.31 -13.73
N PHE A 37 -16.98 5.77 -12.58
CA PHE A 37 -15.74 5.73 -11.91
C PHE A 37 -15.41 4.29 -11.55
N LEU A 38 -14.25 3.82 -11.95
CA LEU A 38 -13.86 2.46 -11.64
C LEU A 38 -12.95 2.48 -10.44
N ARG A 39 -13.54 2.21 -9.30
CA ARG A 39 -12.80 2.27 -8.05
C ARG A 39 -12.36 0.89 -7.58
N ILE A 40 -11.06 0.77 -7.37
CA ILE A 40 -10.45 -0.50 -6.96
C ILE A 40 -9.77 -0.43 -5.64
N SER A 41 -10.18 -1.34 -4.82
CA SER A 41 -9.37 -1.69 -3.73
C SER A 41 -8.61 -2.94 -4.14
N ILE A 42 -7.31 -2.87 -4.17
CA ILE A 42 -6.50 -4.04 -4.42
C ILE A 42 -5.55 -4.36 -3.26
N ASP A 43 -5.20 -5.63 -3.11
CA ASP A 43 -4.32 -6.04 -2.04
C ASP A 43 -3.22 -7.01 -2.50
N LYS A 44 -2.16 -7.09 -1.71
CA LYS A 44 -1.15 -8.14 -1.83
C LYS A 44 -0.55 -8.41 -0.45
N GLU A 45 -0.06 -9.62 -0.25
CA GLU A 45 0.61 -10.01 0.99
C GLU A 45 1.86 -9.16 1.22
N GLY A 46 1.92 -8.49 2.36
CA GLY A 46 3.10 -7.70 2.70
C GLY A 46 2.96 -6.25 2.28
N GLY A 47 1.87 -5.93 1.60
CA GLY A 47 1.60 -4.55 1.22
C GLY A 47 2.21 -4.15 -0.09
N VAL A 48 1.50 -3.26 -0.72
CA VAL A 48 1.83 -2.68 -1.98
C VAL A 48 2.53 -1.38 -1.79
N ASP A 49 3.51 -1.14 -2.58
CA ASP A 49 4.00 0.19 -2.60
C ASP A 49 3.39 0.96 -3.75
N LEU A 50 3.82 2.17 -3.94
CA LEU A 50 3.14 3.13 -4.78
C LEU A 50 3.12 2.64 -6.15
N ASN A 51 4.21 2.10 -6.38
CA ASN A 51 4.60 1.70 -7.64
C ASN A 51 3.98 0.38 -7.94
N ASP A 52 3.79 -0.37 -6.90
CA ASP A 52 3.01 -1.58 -7.00
C ASP A 52 1.55 -1.24 -7.20
N CYS A 53 1.19 -0.09 -6.67
CA CYS A 53 -0.19 0.42 -6.73
C CYS A 53 -0.38 0.83 -8.15
N THR A 54 0.66 1.52 -8.59
CA THR A 54 0.89 1.87 -9.97
C THR A 54 0.90 0.65 -10.85
N LEU A 55 1.50 -0.39 -10.35
CA LEU A 55 1.74 -1.57 -11.12
C LEU A 55 0.46 -2.27 -11.31
N ALA A 56 -0.28 -2.20 -10.26
CA ALA A 56 -1.60 -2.67 -10.23
C ALA A 56 -2.40 -1.74 -11.05
N SER A 57 -2.01 -0.50 -11.03
CA SER A 57 -2.77 0.47 -11.77
C SER A 57 -2.63 0.20 -13.23
N GLU A 58 -1.46 -0.24 -13.63
CA GLU A 58 -1.29 -0.68 -14.99
C GLU A 58 -2.24 -1.78 -15.19
N LYS A 59 -2.18 -2.64 -14.27
CA LYS A 59 -2.88 -3.88 -14.41
C LYS A 59 -4.38 -3.66 -14.40
N ILE A 60 -4.91 -3.15 -13.32
CA ILE A 60 -6.29 -2.76 -13.32
C ILE A 60 -6.57 -1.89 -14.49
N SER A 61 -5.83 -0.82 -14.62
CA SER A 61 -6.34 0.20 -15.52
C SER A 61 -6.05 -0.10 -16.93
N GLU A 62 -4.82 -0.40 -17.17
CA GLU A 62 -4.33 -0.51 -18.50
C GLU A 62 -4.74 -1.81 -19.00
N ALA A 63 -4.78 -2.76 -18.10
CA ALA A 63 -5.09 -4.07 -18.54
C ALA A 63 -6.56 -4.16 -18.83
N MET A 64 -7.32 -3.61 -17.89
CA MET A 64 -8.76 -3.50 -18.05
C MET A 64 -9.01 -2.68 -19.30
N ASP A 65 -8.05 -1.83 -19.57
CA ASP A 65 -8.08 -0.92 -20.71
C ASP A 65 -7.68 -1.61 -22.00
N ALA A 66 -6.82 -2.60 -21.87
CA ALA A 66 -6.24 -3.30 -23.00
C ALA A 66 -7.13 -4.46 -23.32
N ASN A 67 -8.01 -4.68 -22.39
CA ASN A 67 -8.94 -5.76 -22.45
C ASN A 67 -10.28 -5.22 -22.02
N ASP A 68 -10.61 -4.10 -22.63
CA ASP A 68 -11.80 -3.34 -22.36
C ASP A 68 -13.05 -3.95 -23.00
N PRO A 69 -13.98 -4.48 -22.18
CA PRO A 69 -15.28 -4.95 -22.66
C PRO A 69 -16.32 -3.82 -22.75
N ILE A 70 -15.95 -2.64 -22.26
CA ILE A 70 -16.89 -1.53 -22.09
C ILE A 70 -16.69 -0.45 -23.16
N PRO A 71 -17.66 -0.28 -24.07
CA PRO A 71 -17.51 0.68 -25.18
C PRO A 71 -17.60 2.13 -24.70
N GLU A 72 -18.18 2.33 -23.52
CA GLU A 72 -18.19 3.63 -22.88
C GLU A 72 -16.97 3.80 -22.04
N MET A 73 -16.63 5.04 -21.88
CA MET A 73 -15.41 5.42 -21.21
C MET A 73 -15.70 5.87 -19.79
N TYR A 74 -14.85 5.45 -18.89
CA TYR A 74 -14.96 5.80 -17.49
C TYR A 74 -13.60 6.07 -16.89
N TYR A 75 -13.59 6.56 -15.68
CA TYR A 75 -12.36 6.98 -15.07
C TYR A 75 -11.88 5.89 -14.12
N LEU A 76 -10.70 5.36 -14.40
CA LEU A 76 -10.17 4.27 -13.65
C LEU A 76 -9.38 4.76 -12.44
N ASP A 77 -9.78 4.22 -11.31
CA ASP A 77 -9.29 4.63 -10.02
C ASP A 77 -8.70 3.44 -9.27
N VAL A 78 -7.40 3.48 -9.07
CA VAL A 78 -6.69 2.37 -8.54
C VAL A 78 -6.13 2.68 -7.16
N ALA A 79 -6.58 1.91 -6.16
CA ALA A 79 -6.08 2.12 -4.83
C ALA A 79 -5.74 0.82 -4.15
N SER A 80 -4.73 0.92 -3.33
CA SER A 80 -4.00 -0.23 -2.89
C SER A 80 -3.15 0.18 -1.68
N PRO A 81 -3.52 -0.28 -0.48
CA PRO A 81 -2.89 0.17 0.78
C PRO A 81 -1.48 -0.35 0.98
N GLY A 82 -0.62 0.51 1.53
CA GLY A 82 0.69 0.08 1.96
C GLY A 82 0.52 -0.69 3.22
N ALA A 83 1.57 -1.33 3.71
CA ALA A 83 1.33 -2.37 4.64
C ALA A 83 0.97 -1.74 5.95
N GLU A 84 -0.20 -2.11 6.42
CA GLU A 84 -0.83 -1.40 7.51
C GLU A 84 -1.10 -2.33 8.68
N ARG A 85 -0.40 -3.46 8.68
CA ARG A 85 -0.49 -4.41 9.78
C ARG A 85 -0.05 -3.77 11.09
N PRO A 86 -0.89 -3.85 12.13
CA PRO A 86 -0.61 -3.22 13.42
C PRO A 86 0.69 -3.73 14.04
N ILE A 87 1.37 -2.85 14.75
CA ILE A 87 2.61 -3.20 15.41
C ILE A 87 2.37 -3.28 16.89
N LYS A 88 2.33 -4.48 17.33
CA LYS A 88 2.24 -4.77 18.75
C LYS A 88 3.38 -5.63 19.22
N LYS A 89 3.08 -6.89 19.27
CA LYS A 89 4.00 -7.89 19.80
C LYS A 89 5.01 -8.31 18.72
N GLU A 90 6.03 -9.10 19.11
CA GLU A 90 7.25 -9.24 18.31
C GLU A 90 7.00 -9.66 16.87
N GLN A 91 6.24 -10.73 16.66
CA GLN A 91 5.94 -11.20 15.32
C GLN A 91 5.35 -10.11 14.46
N ASP A 92 4.52 -9.29 15.07
CA ASP A 92 3.77 -8.26 14.35
C ASP A 92 4.67 -7.10 13.98
N PHE A 93 5.49 -6.69 14.93
CA PHE A 93 6.33 -5.54 14.73
C PHE A 93 7.41 -5.90 13.76
N GLN A 94 7.87 -7.11 13.90
CA GLN A 94 8.92 -7.60 13.04
C GLN A 94 8.33 -7.91 11.71
N ASN A 95 7.11 -8.40 11.75
CA ASN A 95 6.36 -8.57 10.51
C ASN A 95 6.21 -7.21 9.85
N ALA A 96 6.23 -6.20 10.69
CA ALA A 96 6.25 -4.82 10.23
C ALA A 96 7.66 -4.33 9.81
N ILE A 97 8.72 -4.91 10.38
CA ILE A 97 10.05 -4.31 10.28
C ILE A 97 10.60 -4.05 8.89
N THR A 98 10.24 -4.84 7.93
CA THR A 98 10.87 -4.74 6.63
C THR A 98 10.70 -3.33 6.06
N LYS A 99 9.50 -2.84 6.27
CA LYS A 99 9.06 -1.54 5.81
C LYS A 99 9.45 -0.38 6.74
N PRO A 100 9.40 0.86 6.18
CA PRO A 100 9.18 2.08 6.96
C PRO A 100 7.82 2.03 7.66
N VAL A 101 7.81 2.29 8.96
CA VAL A 101 6.59 2.12 9.78
C VAL A 101 6.57 3.16 10.89
N PHE A 102 5.41 3.45 11.46
CA PHE A 102 5.34 4.52 12.45
C PHE A 102 4.78 4.02 13.76
N VAL A 103 5.46 4.44 14.80
CA VAL A 103 5.13 4.04 16.13
C VAL A 103 5.13 5.20 17.02
N SER A 104 4.28 5.09 17.99
CA SER A 104 3.98 6.09 18.88
C SER A 104 4.68 5.82 20.13
N LEU A 105 5.50 6.70 20.56
CA LEU A 105 5.93 6.58 21.87
C LEU A 105 5.67 7.85 22.71
N TYR A 106 5.35 7.51 23.99
CA TYR A 106 4.68 8.37 24.95
C TYR A 106 5.53 9.54 25.34
N VAL A 107 6.82 9.31 25.44
CA VAL A 107 7.69 10.34 25.93
C VAL A 107 8.10 11.15 24.72
N PRO A 108 7.90 12.45 24.79
CA PRO A 108 7.88 13.29 23.59
C PRO A 108 9.22 13.41 22.89
N ILE A 109 9.21 13.16 21.60
CA ILE A 109 10.26 13.69 20.77
C ILE A 109 9.60 14.73 19.94
N GLU A 110 10.01 15.93 20.21
CA GLU A 110 9.34 17.11 19.76
C GLU A 110 7.85 17.02 20.06
N GLY A 111 7.55 16.35 21.16
CA GLY A 111 6.20 16.33 21.60
C GLY A 111 5.43 15.11 21.12
N GLU A 112 6.07 14.32 20.27
CA GLU A 112 5.37 13.29 19.52
C GLU A 112 5.76 11.86 19.93
N LYS A 113 4.78 10.96 19.74
CA LYS A 113 4.90 9.57 19.83
C LYS A 113 5.15 8.89 18.51
N GLU A 114 4.81 9.43 17.38
CA GLU A 114 4.75 8.51 16.27
C GLU A 114 5.68 8.88 15.12
N TRP A 115 6.54 7.92 14.83
CA TRP A 115 7.62 8.07 13.88
C TRP A 115 7.70 6.91 12.92
N LEU A 116 7.76 7.24 11.64
CA LEU A 116 7.78 6.27 10.58
C LEU A 116 9.19 6.20 10.02
N GLY A 117 9.67 5.01 9.88
CA GLY A 117 10.95 4.86 9.28
C GLY A 117 11.28 3.40 9.15
N ILE A 118 12.46 3.04 8.68
CA ILE A 118 12.62 1.68 8.19
C ILE A 118 12.97 0.81 9.37
N LEU A 119 12.34 -0.30 9.59
CA LEU A 119 12.83 -1.08 10.71
C LEU A 119 14.16 -1.71 10.41
N GLN A 120 15.13 -1.37 11.23
CA GLN A 120 16.45 -1.90 11.07
C GLN A 120 16.66 -3.12 11.94
N GLU A 121 16.35 -3.02 13.22
CA GLU A 121 16.45 -4.16 14.10
C GLU A 121 15.49 -4.08 15.25
N VAL A 122 15.14 -5.25 15.74
CA VAL A 122 14.19 -5.38 16.80
C VAL A 122 14.84 -5.96 18.01
N ASN A 123 14.77 -5.29 19.13
CA ASN A 123 15.16 -5.95 20.33
C ASN A 123 13.94 -6.29 21.17
N ASN A 124 14.12 -7.09 22.21
CA ASN A 124 13.03 -7.45 23.11
C ASN A 124 12.51 -6.22 23.83
N GLU A 125 13.37 -5.22 23.94
CA GLU A 125 13.08 -4.00 24.66
C GLU A 125 12.82 -2.87 23.67
N THR A 126 13.45 -2.96 22.51
CA THR A 126 13.56 -1.82 21.62
C THR A 126 13.16 -2.15 20.19
N ILE A 127 12.84 -1.12 19.43
CA ILE A 127 12.47 -1.29 18.04
C ILE A 127 13.18 -0.20 17.29
N VAL A 128 13.91 -0.54 16.27
CA VAL A 128 14.85 0.38 15.77
C VAL A 128 14.52 0.83 14.36
N VAL A 129 14.37 2.11 14.25
CA VAL A 129 13.60 2.74 13.19
C VAL A 129 14.47 3.69 12.38
N GLN A 130 14.62 3.42 11.10
CA GLN A 130 15.50 4.14 10.26
C GLN A 130 14.90 5.43 9.76
N VAL A 131 15.57 6.50 10.04
CA VAL A 131 15.25 7.72 9.35
C VAL A 131 16.26 7.90 8.26
N LYS A 132 15.77 8.29 7.12
CA LYS A 132 16.56 8.30 5.93
C LYS A 132 16.91 9.71 5.45
N ILE A 133 18.18 10.00 5.56
CA ILE A 133 18.74 11.25 5.15
C ILE A 133 19.35 11.05 3.80
N LYS A 134 18.59 11.43 2.81
CA LYS A 134 18.94 11.14 1.45
C LYS A 134 19.10 9.64 1.33
N ALA A 135 20.35 9.24 1.42
CA ALA A 135 20.75 7.86 1.27
C ALA A 135 21.20 7.25 2.60
N ARG A 136 21.03 8.00 3.68
CA ARG A 136 21.52 7.64 4.96
C ARG A 136 20.42 7.27 5.89
N THR A 137 20.64 6.22 6.57
CA THR A 137 19.73 5.78 7.61
C THR A 137 20.24 6.09 9.02
N LYS A 138 19.31 6.26 9.95
CA LYS A 138 19.63 6.23 11.34
C LYS A 138 18.51 5.47 12.00
N ASP A 139 18.89 4.51 12.74
CA ASP A 139 18.03 3.60 13.32
C ASP A 139 17.80 3.98 14.74
N ILE A 140 16.56 4.22 15.01
CA ILE A 140 16.16 4.80 16.24
C ILE A 140 15.45 3.81 17.12
N GLU A 141 15.95 3.58 18.30
CA GLU A 141 15.44 2.48 19.12
C GLU A 141 14.38 2.97 20.06
N ILE A 142 13.22 2.39 19.84
CA ILE A 142 12.01 2.75 20.55
C ILE A 142 11.77 1.81 21.74
N PRO A 143 11.82 2.34 22.97
CA PRO A 143 11.45 1.58 24.17
C PRO A 143 9.96 1.25 24.16
N ARG A 144 9.67 0.00 24.49
CA ARG A 144 8.31 -0.53 24.35
C ARG A 144 7.50 -0.01 25.49
N ASP A 145 8.24 0.27 26.53
CA ASP A 145 7.74 0.92 27.71
C ASP A 145 7.18 2.29 27.36
N LYS A 146 7.62 2.81 26.22
CA LYS A 146 7.19 4.14 25.77
C LYS A 146 6.15 4.04 24.70
N ILE A 147 5.96 2.87 24.17
CA ILE A 147 5.11 2.73 23.01
C ILE A 147 3.66 2.93 23.36
N ALA A 148 3.13 3.97 22.75
CA ALA A 148 1.76 4.35 22.86
C ALA A 148 0.99 3.62 21.79
N LYS A 149 1.63 3.59 20.63
CA LYS A 149 1.05 3.03 19.44
C LYS A 149 2.14 2.42 18.68
N ALA A 150 1.85 1.47 17.86
CA ALA A 150 2.81 1.04 16.88
C ALA A 150 2.09 0.51 15.66
N ARG A 151 2.49 0.90 14.44
CA ARG A 151 1.90 0.28 13.25
C ARG A 151 2.83 0.33 12.01
N HIS A 152 2.67 -0.71 11.17
CA HIS A 152 3.01 -0.66 9.75
C HIS A 152 2.17 0.43 9.12
N ALA A 153 2.51 0.93 7.93
CA ALA A 153 1.99 2.23 7.56
C ALA A 153 1.50 2.29 6.13
N VAL A 154 0.74 3.34 5.85
CA VAL A 154 0.13 3.54 4.57
C VAL A 154 0.64 4.75 3.86
N MET A 155 1.03 4.47 2.66
CA MET A 155 1.28 5.43 1.66
C MET A 155 -0.04 5.95 1.18
N ILE A 156 -0.91 4.98 1.10
CA ILE A 156 -2.31 5.11 0.75
C ILE A 156 -2.48 5.18 -0.77
N MET A 1 -26.27 -14.23 -7.50
CA MET A 1 -26.14 -12.76 -7.30
C MET A 1 -25.29 -12.16 -8.41
N ALA A 2 -25.96 -11.61 -9.43
CA ALA A 2 -25.26 -11.03 -10.56
C ALA A 2 -24.95 -9.56 -10.29
N SER A 3 -23.98 -9.31 -9.44
CA SER A 3 -23.56 -7.96 -9.12
C SER A 3 -22.70 -7.41 -10.24
N LYS A 4 -22.93 -6.13 -10.58
CA LYS A 4 -22.21 -5.45 -11.64
C LYS A 4 -20.70 -5.47 -11.42
N ILE A 5 -20.28 -5.43 -10.17
CA ILE A 5 -18.85 -5.39 -9.83
C ILE A 5 -18.11 -6.58 -10.30
N THR A 6 -18.67 -7.77 -10.15
CA THR A 6 -17.91 -8.96 -10.46
C THR A 6 -17.41 -8.91 -11.88
N GLU A 7 -18.14 -8.26 -12.76
CA GLU A 7 -17.76 -8.20 -14.12
C GLU A 7 -16.41 -7.58 -14.21
N GLN A 8 -16.40 -6.53 -13.52
CA GLN A 8 -15.38 -5.60 -13.51
C GLN A 8 -14.25 -6.12 -12.73
N VAL A 9 -14.67 -6.69 -11.63
CA VAL A 9 -13.80 -7.08 -10.61
C VAL A 9 -13.07 -8.27 -11.15
N GLU A 10 -13.81 -9.06 -11.92
CA GLU A 10 -13.29 -10.22 -12.58
C GLU A 10 -12.36 -9.91 -13.70
N VAL A 11 -12.75 -9.02 -14.52
CA VAL A 11 -12.06 -8.88 -15.71
C VAL A 11 -10.75 -8.26 -15.42
N ILE A 12 -10.86 -7.52 -14.38
CA ILE A 12 -9.74 -7.05 -13.65
C ILE A 12 -9.08 -8.17 -12.86
N VAL A 13 -9.89 -9.11 -12.36
CA VAL A 13 -9.45 -10.11 -11.42
C VAL A 13 -8.43 -10.98 -12.04
N LYS A 14 -8.58 -11.17 -13.31
CA LYS A 14 -7.59 -12.00 -14.01
C LYS A 14 -6.26 -11.29 -14.19
N PRO A 15 -6.19 -10.18 -14.94
CA PRO A 15 -4.92 -9.52 -15.14
C PRO A 15 -4.35 -9.00 -13.83
N ILE A 16 -5.19 -8.49 -12.93
CA ILE A 16 -4.66 -8.03 -11.68
C ILE A 16 -4.24 -9.16 -10.76
N MET A 17 -5.09 -10.17 -10.52
CA MET A 17 -4.74 -11.14 -9.52
C MET A 17 -3.60 -11.95 -10.03
N GLU A 18 -3.78 -12.39 -11.25
CA GLU A 18 -2.81 -13.25 -11.87
C GLU A 18 -1.52 -12.59 -12.28
N ASP A 19 -1.63 -11.52 -13.05
CA ASP A 19 -0.50 -11.20 -13.89
C ASP A 19 0.70 -10.58 -13.18
N LEU A 20 0.42 -9.59 -12.36
CA LEU A 20 1.45 -8.97 -11.58
C LEU A 20 1.44 -9.58 -10.22
N ASN A 21 0.48 -10.50 -10.08
CA ASN A 21 0.29 -11.26 -8.89
C ASN A 21 -0.08 -10.45 -7.68
N PHE A 22 -0.85 -9.44 -7.89
CA PHE A 22 -1.43 -8.78 -6.78
C PHE A 22 -2.85 -9.23 -6.64
N GLU A 23 -3.46 -9.10 -5.49
CA GLU A 23 -4.78 -9.66 -5.39
C GLU A 23 -5.75 -8.70 -4.80
N LEU A 24 -6.91 -8.71 -5.54
CA LEU A 24 -8.07 -7.74 -5.65
C LEU A 24 -9.28 -7.86 -4.68
N VAL A 25 -9.61 -6.80 -3.88
CA VAL A 25 -10.81 -6.88 -3.06
C VAL A 25 -11.96 -6.46 -3.92
N ASP A 26 -11.89 -5.28 -4.52
CA ASP A 26 -12.95 -4.92 -5.41
C ASP A 26 -12.63 -3.76 -6.24
N VAL A 27 -13.28 -3.75 -7.34
CA VAL A 27 -13.44 -2.57 -8.09
C VAL A 27 -14.93 -2.30 -8.18
N GLU A 28 -15.36 -1.17 -7.69
CA GLU A 28 -16.75 -0.85 -7.63
C GLU A 28 -16.92 0.36 -8.48
N TYR A 29 -18.00 0.46 -9.19
CA TYR A 29 -18.06 1.48 -10.17
C TYR A 29 -19.13 2.39 -9.81
N VAL A 30 -18.68 3.51 -9.40
CA VAL A 30 -19.54 4.37 -8.68
C VAL A 30 -19.87 5.58 -9.51
N LYS A 31 -21.03 6.18 -9.30
CA LYS A 31 -21.54 7.14 -10.26
C LYS A 31 -21.55 8.53 -9.68
N GLU A 32 -20.65 9.34 -10.20
CA GLU A 32 -20.51 10.73 -9.77
C GLU A 32 -20.91 11.63 -10.93
N GLY A 33 -22.08 12.24 -10.81
CA GLY A 33 -22.59 13.05 -11.89
C GLY A 33 -23.03 12.21 -13.07
N ARG A 34 -22.39 12.38 -14.21
CA ARG A 34 -22.78 11.68 -15.43
C ARG A 34 -21.92 10.45 -15.69
N ASP A 35 -20.77 10.37 -15.02
CA ASP A 35 -19.84 9.29 -15.30
C ASP A 35 -19.85 8.27 -14.19
N HIS A 36 -19.52 7.03 -14.52
CA HIS A 36 -19.38 6.03 -13.52
C HIS A 36 -17.92 5.69 -13.48
N PHE A 37 -17.42 5.53 -12.33
CA PHE A 37 -16.02 5.61 -12.14
C PHE A 37 -15.59 4.40 -11.36
N LEU A 38 -14.64 3.65 -11.88
CA LEU A 38 -14.40 2.31 -11.36
C LEU A 38 -13.24 2.28 -10.40
N ARG A 39 -13.60 2.23 -9.13
CA ARG A 39 -12.66 2.29 -8.03
C ARG A 39 -12.31 0.92 -7.45
N ILE A 40 -11.02 0.64 -7.37
CA ILE A 40 -10.51 -0.66 -6.94
C ILE A 40 -9.70 -0.60 -5.70
N SER A 41 -10.12 -1.37 -4.73
CA SER A 41 -9.24 -1.63 -3.65
C SER A 41 -8.53 -2.93 -3.89
N ILE A 42 -7.23 -2.87 -4.19
CA ILE A 42 -6.31 -3.96 -3.91
C ILE A 42 -4.86 -3.98 -3.35
N ASP A 43 -4.42 -5.20 -2.89
CA ASP A 43 -3.33 -5.40 -1.97
C ASP A 43 -2.39 -6.53 -2.44
N LYS A 44 -1.22 -6.58 -1.80
CA LYS A 44 -0.22 -7.61 -2.02
C LYS A 44 0.48 -7.91 -0.69
N GLU A 45 1.05 -9.12 -0.56
CA GLU A 45 1.74 -9.52 0.67
C GLU A 45 2.92 -8.60 0.97
N GLY A 46 2.90 -8.02 2.17
CA GLY A 46 3.97 -7.15 2.58
C GLY A 46 3.68 -5.70 2.29
N GLY A 47 2.56 -5.47 1.63
CA GLY A 47 2.16 -4.13 1.24
C GLY A 47 2.68 -3.75 -0.11
N VAL A 48 1.90 -2.90 -0.73
CA VAL A 48 2.16 -2.39 -2.05
C VAL A 48 2.83 -1.07 -1.97
N ASP A 49 3.81 -0.91 -2.80
CA ASP A 49 4.41 0.37 -2.88
C ASP A 49 3.79 1.14 -4.01
N LEU A 50 4.28 2.32 -4.26
CA LEU A 50 3.55 3.31 -5.02
C LEU A 50 3.44 2.86 -6.40
N ASN A 51 4.52 2.36 -6.74
CA ASN A 51 4.80 1.94 -8.03
C ASN A 51 4.16 0.61 -8.22
N ASP A 52 4.07 -0.09 -7.13
CA ASP A 52 3.33 -1.33 -7.13
C ASP A 52 1.84 -1.06 -7.24
N CYS A 53 1.47 0.11 -6.74
CA CYS A 53 0.08 0.58 -6.76
C CYS A 53 -0.18 0.98 -8.17
N THR A 54 0.84 1.64 -8.69
CA THR A 54 1.03 1.89 -10.10
C THR A 54 0.99 0.61 -10.90
N LEU A 55 1.57 -0.41 -10.36
CA LEU A 55 1.77 -1.63 -11.08
C LEU A 55 0.47 -2.33 -11.22
N ALA A 56 -0.26 -2.21 -10.16
CA ALA A 56 -1.59 -2.66 -10.13
C ALA A 56 -2.35 -1.74 -10.96
N SER A 57 -1.96 -0.51 -10.94
CA SER A 57 -2.73 0.47 -11.62
C SER A 57 -2.54 0.33 -13.11
N GLU A 58 -1.39 -0.13 -13.48
CA GLU A 58 -1.16 -0.59 -14.82
C GLU A 58 -2.09 -1.68 -15.07
N LYS A 59 -2.08 -2.54 -14.12
CA LYS A 59 -2.72 -3.78 -14.27
C LYS A 59 -4.22 -3.61 -14.32
N ILE A 60 -4.80 -3.11 -13.27
CA ILE A 60 -6.19 -2.75 -13.32
C ILE A 60 -6.44 -1.89 -14.50
N SER A 61 -5.69 -0.84 -14.66
CA SER A 61 -6.15 0.14 -15.62
C SER A 61 -5.86 -0.26 -17.02
N GLU A 62 -4.63 -0.54 -17.25
CA GLU A 62 -4.15 -0.72 -18.59
C GLU A 62 -4.56 -2.06 -19.00
N ALA A 63 -4.55 -2.93 -18.03
CA ALA A 63 -4.83 -4.29 -18.35
C ALA A 63 -6.31 -4.44 -18.59
N MET A 64 -7.07 -3.84 -17.69
CA MET A 64 -8.52 -3.84 -17.85
C MET A 64 -8.82 -3.14 -19.14
N ASP A 65 -7.91 -2.24 -19.49
CA ASP A 65 -8.03 -1.43 -20.68
C ASP A 65 -7.64 -2.22 -21.92
N ALA A 66 -6.75 -3.17 -21.72
CA ALA A 66 -6.22 -3.99 -22.81
C ALA A 66 -7.12 -5.20 -22.94
N ASN A 67 -7.96 -5.30 -21.95
CA ASN A 67 -8.87 -6.40 -21.85
C ASN A 67 -10.24 -5.84 -21.44
N ASP A 68 -10.59 -4.80 -22.17
CA ASP A 68 -11.78 -4.00 -21.90
C ASP A 68 -13.08 -4.67 -22.35
N PRO A 69 -13.94 -5.06 -21.39
CA PRO A 69 -15.27 -5.59 -21.70
C PRO A 69 -16.33 -4.49 -21.89
N ILE A 70 -15.96 -3.26 -21.58
CA ILE A 70 -16.91 -2.14 -21.55
C ILE A 70 -16.74 -1.25 -22.77
N PRO A 71 -17.72 -1.20 -23.68
CA PRO A 71 -17.54 -0.53 -24.97
C PRO A 71 -17.46 1.00 -24.83
N GLU A 72 -18.01 1.54 -23.76
CA GLU A 72 -17.77 2.91 -23.38
C GLU A 72 -16.61 2.98 -22.43
N MET A 73 -15.98 4.11 -22.44
CA MET A 73 -14.81 4.34 -21.65
C MET A 73 -15.18 5.13 -20.41
N TYR A 74 -14.75 4.61 -19.30
CA TYR A 74 -14.96 5.24 -18.01
C TYR A 74 -13.74 5.08 -17.14
N TYR A 75 -13.74 5.75 -16.01
CA TYR A 75 -12.49 6.11 -15.40
C TYR A 75 -12.10 5.11 -14.34
N LEU A 76 -10.95 4.49 -14.55
CA LEU A 76 -10.43 3.50 -13.67
C LEU A 76 -9.59 4.12 -12.58
N ASP A 77 -9.91 3.75 -11.37
CA ASP A 77 -9.31 4.31 -10.20
C ASP A 77 -8.72 3.21 -9.33
N VAL A 78 -7.43 3.28 -9.11
CA VAL A 78 -6.69 2.21 -8.51
C VAL A 78 -6.17 2.58 -7.15
N ALA A 79 -6.57 1.80 -6.16
CA ALA A 79 -6.08 1.99 -4.83
C ALA A 79 -5.57 0.72 -4.26
N SER A 80 -4.58 0.89 -3.42
CA SER A 80 -3.74 -0.19 -3.03
C SER A 80 -2.97 0.21 -1.79
N PRO A 81 -3.36 -0.33 -0.62
CA PRO A 81 -2.77 0.02 0.68
C PRO A 81 -1.38 -0.57 0.88
N GLY A 82 -0.51 0.22 1.49
CA GLY A 82 0.73 -0.31 1.98
C GLY A 82 0.43 -1.04 3.24
N ALA A 83 1.39 -1.76 3.76
CA ALA A 83 1.06 -2.69 4.79
C ALA A 83 0.72 -1.92 6.02
N GLU A 84 -0.45 -2.20 6.54
CA GLU A 84 -1.04 -1.38 7.56
C GLU A 84 -1.19 -2.15 8.87
N ARG A 85 -0.44 -3.25 8.95
CA ARG A 85 -0.34 -4.05 10.17
C ARG A 85 0.24 -3.22 11.30
N PRO A 86 -0.48 -3.11 12.43
CA PRO A 86 -0.01 -2.37 13.59
C PRO A 86 1.33 -2.92 14.11
N ILE A 87 2.13 -2.04 14.67
CA ILE A 87 3.43 -2.41 15.20
C ILE A 87 3.37 -2.39 16.71
N LYS A 88 3.25 -3.55 17.25
CA LYS A 88 3.23 -3.74 18.67
C LYS A 88 4.34 -4.65 19.10
N LYS A 89 4.01 -5.90 19.19
CA LYS A 89 4.94 -6.91 19.70
C LYS A 89 5.84 -7.41 18.57
N GLU A 90 6.92 -8.08 18.96
CA GLU A 90 8.15 -8.11 18.17
C GLU A 90 8.01 -8.64 16.74
N GLN A 91 7.52 -9.86 16.53
CA GLN A 91 7.53 -10.44 15.17
C GLN A 91 6.77 -9.61 14.16
N ASP A 92 5.63 -9.13 14.57
CA ASP A 92 4.76 -8.32 13.73
C ASP A 92 5.37 -6.95 13.57
N PHE A 93 5.98 -6.51 14.64
CA PHE A 93 6.55 -5.19 14.73
C PHE A 93 7.74 -5.09 13.83
N GLN A 94 8.57 -6.11 13.94
CA GLN A 94 9.80 -6.15 13.18
C GLN A 94 9.49 -6.44 11.77
N ASN A 95 8.53 -7.34 11.61
CA ASN A 95 8.17 -7.71 10.26
C ASN A 95 7.47 -6.55 9.60
N ALA A 96 6.87 -5.73 10.43
CA ALA A 96 6.35 -4.46 10.00
C ALA A 96 7.45 -3.48 9.65
N ILE A 97 8.50 -3.37 10.48
CA ILE A 97 9.45 -2.34 10.33
C ILE A 97 10.30 -2.56 9.12
N THR A 98 10.27 -3.78 8.65
CA THR A 98 11.10 -4.19 7.50
C THR A 98 10.91 -3.22 6.33
N LYS A 99 9.72 -2.71 6.26
CA LYS A 99 9.34 -1.62 5.38
C LYS A 99 9.70 -0.26 5.99
N PRO A 100 9.64 0.81 5.19
CA PRO A 100 9.39 2.14 5.76
C PRO A 100 8.03 2.14 6.49
N VAL A 101 8.05 2.55 7.76
CA VAL A 101 6.88 2.45 8.66
C VAL A 101 6.94 3.56 9.70
N PHE A 102 5.82 3.92 10.34
CA PHE A 102 5.87 5.05 11.26
C PHE A 102 5.46 4.70 12.67
N VAL A 103 6.29 5.18 13.57
CA VAL A 103 6.15 4.90 14.98
C VAL A 103 6.30 6.12 15.77
N SER A 104 5.61 6.06 16.88
CA SER A 104 5.30 7.13 17.67
C SER A 104 6.14 7.08 18.86
N LEU A 105 6.78 8.13 19.13
CA LEU A 105 7.34 8.24 20.39
C LEU A 105 6.88 9.51 21.11
N TYR A 106 6.63 9.27 22.40
CA TYR A 106 5.93 10.18 23.31
C TYR A 106 6.73 11.41 23.57
N VAL A 107 8.02 11.22 23.68
CA VAL A 107 8.87 12.33 24.00
C VAL A 107 9.26 12.96 22.68
N PRO A 108 9.02 14.26 22.55
CA PRO A 108 8.93 14.90 21.25
C PRO A 108 10.21 14.93 20.44
N ILE A 109 10.11 14.49 19.20
CA ILE A 109 11.10 14.80 18.22
C ILE A 109 10.39 15.63 17.21
N GLU A 110 10.82 16.85 17.13
CA GLU A 110 10.08 17.90 16.49
C GLU A 110 8.64 17.94 16.97
N GLY A 111 8.45 17.58 18.23
CA GLY A 111 7.16 17.67 18.82
C GLY A 111 6.32 16.42 18.60
N GLU A 112 6.87 15.52 17.81
CA GLU A 112 6.15 14.41 17.24
C GLU A 112 6.65 13.03 17.74
N LYS A 113 5.70 12.09 17.77
CA LYS A 113 5.96 10.73 18.06
C LYS A 113 6.14 9.87 16.82
N GLU A 114 5.61 10.20 15.68
CA GLU A 114 5.49 9.12 14.72
C GLU A 114 6.21 9.39 13.41
N TRP A 115 7.11 8.49 13.15
CA TRP A 115 8.12 8.60 12.11
C TRP A 115 8.23 7.37 11.27
N LEU A 116 8.19 7.60 9.99
CA LEU A 116 8.14 6.54 9.01
C LEU A 116 9.49 6.38 8.37
N GLY A 117 9.94 5.17 8.33
CA GLY A 117 11.12 4.91 7.59
C GLY A 117 11.48 3.45 7.66
N ILE A 118 12.56 3.04 7.02
CA ILE A 118 12.73 1.63 6.71
C ILE A 118 13.43 0.94 7.86
N LEU A 119 13.02 -0.24 8.28
CA LEU A 119 13.97 -0.85 9.28
C LEU A 119 15.31 -1.15 8.68
N GLN A 120 16.28 -0.59 9.35
CA GLN A 120 17.64 -1.00 9.15
C GLN A 120 17.99 -2.08 10.13
N GLU A 121 17.72 -1.82 11.40
CA GLU A 121 17.84 -2.87 12.39
C GLU A 121 16.98 -2.62 13.58
N VAL A 122 16.61 -3.71 14.21
CA VAL A 122 15.78 -3.67 15.37
C VAL A 122 16.58 -4.18 16.53
N ASN A 123 16.70 -3.39 17.56
CA ASN A 123 17.35 -3.92 18.71
C ASN A 123 16.34 -4.22 19.80
N ASN A 124 16.76 -4.93 20.83
CA ASN A 124 15.88 -5.23 21.95
C ASN A 124 15.48 -3.95 22.67
N GLU A 125 16.30 -2.93 22.52
CA GLU A 125 16.07 -1.64 23.14
C GLU A 125 15.59 -0.63 22.10
N THR A 126 16.03 -0.79 20.86
CA THR A 126 15.90 0.26 19.87
C THR A 126 15.28 -0.21 18.57
N ILE A 127 14.80 0.75 17.80
CA ILE A 127 14.26 0.49 16.48
C ILE A 127 14.95 1.47 15.58
N VAL A 128 15.52 1.01 14.50
CA VAL A 128 16.35 1.88 13.76
C VAL A 128 15.79 2.05 12.36
N VAL A 129 15.48 3.30 12.07
CA VAL A 129 14.53 3.62 11.05
C VAL A 129 15.12 4.50 9.95
N GLN A 130 15.05 3.99 8.73
CA GLN A 130 15.72 4.55 7.61
C GLN A 130 15.00 5.71 6.99
N VAL A 131 15.68 6.82 6.92
CA VAL A 131 15.22 7.88 6.08
C VAL A 131 16.00 7.80 4.79
N LYS A 132 15.31 7.99 3.71
CA LYS A 132 15.87 7.73 2.41
C LYS A 132 16.14 8.99 1.61
N ILE A 133 17.42 9.25 1.44
CA ILE A 133 17.92 10.39 0.71
C ILE A 133 18.34 9.95 -0.65
N LYS A 134 17.46 10.15 -1.60
CA LYS A 134 17.64 9.62 -2.91
C LYS A 134 17.81 8.11 -2.81
N ALA A 135 19.07 7.74 -2.80
CA ALA A 135 19.49 6.35 -2.77
C ALA A 135 20.11 6.00 -1.42
N ARG A 136 20.07 6.94 -0.47
CA ARG A 136 20.71 6.81 0.77
C ARG A 136 19.73 6.59 1.88
N THR A 137 20.07 5.69 2.71
CA THR A 137 19.36 5.47 3.94
C THR A 137 20.12 6.04 5.13
N LYS A 138 19.36 6.42 6.15
CA LYS A 138 19.91 6.67 7.45
C LYS A 138 18.93 6.11 8.45
N ASP A 139 19.45 5.32 9.30
CA ASP A 139 18.71 4.66 10.26
C ASP A 139 18.76 5.37 11.56
N ILE A 140 17.59 5.63 12.04
CA ILE A 140 17.39 6.43 13.19
C ILE A 140 16.97 5.60 14.37
N GLU A 141 17.66 5.72 15.48
CA GLU A 141 17.43 4.79 16.56
C GLU A 141 16.40 5.34 17.53
N ILE A 142 15.32 4.61 17.57
CA ILE A 142 14.18 4.92 18.43
C ILE A 142 14.14 3.99 19.64
N PRO A 143 14.24 4.55 20.85
CA PRO A 143 14.01 3.79 22.08
C PRO A 143 12.55 3.41 22.21
N ARG A 144 12.30 2.15 22.55
CA ARG A 144 10.96 1.61 22.57
C ARG A 144 10.30 2.10 23.81
N ASP A 145 11.17 2.41 24.72
CA ASP A 145 10.83 3.03 25.98
C ASP A 145 10.16 4.37 25.73
N LYS A 146 10.36 4.90 24.52
CA LYS A 146 9.81 6.22 24.16
C LYS A 146 8.56 6.08 23.33
N ILE A 147 8.38 4.88 22.85
CA ILE A 147 7.34 4.61 21.88
C ILE A 147 5.94 4.65 22.46
N ALA A 148 5.19 5.56 21.88
CA ALA A 148 3.81 5.79 22.20
C ALA A 148 2.96 4.86 21.37
N LYS A 149 3.34 4.74 20.11
CA LYS A 149 2.51 4.08 19.12
C LYS A 149 3.40 3.53 18.06
N ALA A 150 3.06 2.45 17.41
CA ALA A 150 3.85 2.00 16.29
C ALA A 150 2.99 1.35 15.22
N ARG A 151 3.20 1.67 13.93
CA ARG A 151 2.55 0.90 12.86
C ARG A 151 3.32 0.90 11.52
N HIS A 152 3.13 -0.21 10.80
CA HIS A 152 3.26 -0.30 9.34
C HIS A 152 2.26 0.68 8.73
N ALA A 153 2.42 1.04 7.47
CA ALA A 153 1.78 2.28 7.04
C ALA A 153 1.10 2.18 5.69
N VAL A 154 0.23 3.14 5.43
CA VAL A 154 -0.49 3.26 4.19
C VAL A 154 -0.29 4.60 3.53
N MET A 155 0.06 4.49 2.30
CA MET A 155 -0.05 5.58 1.36
C MET A 155 -1.51 5.72 1.03
N ILE A 156 -2.04 4.54 0.80
CA ILE A 156 -3.43 4.28 0.48
C ILE A 156 -3.68 4.44 -1.01
N MET A 1 -21.72 -12.92 -11.58
CA MET A 1 -22.89 -13.80 -11.36
C MET A 1 -24.15 -12.98 -11.10
N ALA A 2 -24.10 -12.14 -10.08
CA ALA A 2 -25.26 -11.33 -9.71
C ALA A 2 -24.86 -9.90 -9.38
N SER A 3 -23.77 -9.74 -8.64
CA SER A 3 -23.33 -8.40 -8.22
C SER A 3 -22.59 -7.71 -9.36
N LYS A 4 -22.87 -6.41 -9.50
CA LYS A 4 -22.26 -5.58 -10.53
C LYS A 4 -20.74 -5.60 -10.45
N ILE A 5 -20.22 -5.70 -9.23
CA ILE A 5 -18.77 -5.64 -9.01
C ILE A 5 -18.04 -6.80 -9.57
N THR A 6 -18.57 -7.98 -9.38
CA THR A 6 -17.83 -9.17 -9.74
C THR A 6 -17.42 -9.14 -11.18
N GLU A 7 -18.20 -8.51 -12.01
CA GLU A 7 -17.93 -8.46 -13.39
C GLU A 7 -16.59 -7.88 -13.59
N GLN A 8 -16.51 -6.81 -12.92
CA GLN A 8 -15.48 -5.89 -12.98
C GLN A 8 -14.32 -6.42 -12.23
N VAL A 9 -14.70 -6.97 -11.11
CA VAL A 9 -13.78 -7.33 -10.13
C VAL A 9 -13.07 -8.51 -10.70
N GLU A 10 -13.84 -9.31 -11.42
CA GLU A 10 -13.33 -10.47 -12.05
C GLU A 10 -12.42 -10.14 -13.21
N VAL A 11 -12.92 -9.31 -14.05
CA VAL A 11 -12.34 -9.22 -15.33
C VAL A 11 -11.07 -8.51 -15.25
N ILE A 12 -11.09 -7.67 -14.28
CA ILE A 12 -9.94 -6.99 -13.83
C ILE A 12 -9.09 -7.90 -12.97
N VAL A 13 -9.73 -8.79 -12.19
CA VAL A 13 -9.01 -9.57 -11.23
C VAL A 13 -8.11 -10.52 -11.95
N LYS A 14 -8.52 -10.90 -13.12
CA LYS A 14 -7.70 -11.86 -13.86
C LYS A 14 -6.40 -11.22 -14.38
N PRO A 15 -6.47 -10.20 -15.25
CA PRO A 15 -5.28 -9.52 -15.72
C PRO A 15 -4.52 -8.87 -14.58
N ILE A 16 -5.23 -8.34 -13.57
CA ILE A 16 -4.49 -7.79 -12.47
C ILE A 16 -3.82 -8.88 -11.63
N MET A 17 -4.57 -9.91 -11.19
CA MET A 17 -4.05 -10.84 -10.19
C MET A 17 -2.93 -11.60 -10.82
N GLU A 18 -3.18 -12.00 -12.04
CA GLU A 18 -2.18 -12.76 -12.76
C GLU A 18 -0.95 -11.97 -13.18
N ASP A 19 -1.16 -10.87 -13.88
CA ASP A 19 -0.07 -10.42 -14.71
C ASP A 19 1.08 -9.75 -13.99
N LEU A 20 0.76 -8.81 -13.12
CA LEU A 20 1.75 -8.20 -12.27
C LEU A 20 1.70 -8.88 -10.93
N ASN A 21 0.69 -9.75 -10.88
CA ASN A 21 0.39 -10.56 -9.75
C ASN A 21 -0.04 -9.82 -8.50
N PHE A 22 -0.62 -8.68 -8.67
CA PHE A 22 -1.37 -8.14 -7.58
C PHE A 22 -2.84 -8.31 -7.89
N GLU A 23 -3.68 -8.43 -6.92
CA GLU A 23 -5.03 -8.88 -7.17
C GLU A 23 -6.11 -8.03 -6.54
N LEU A 24 -7.17 -8.00 -7.30
CA LEU A 24 -8.37 -7.25 -7.05
C LEU A 24 -9.06 -7.68 -5.78
N VAL A 25 -9.10 -6.78 -4.83
CA VAL A 25 -9.85 -7.02 -3.63
C VAL A 25 -11.31 -6.78 -3.91
N ASP A 26 -11.64 -5.57 -4.37
CA ASP A 26 -12.89 -5.34 -4.99
C ASP A 26 -12.93 -4.04 -5.67
N VAL A 27 -13.71 -4.03 -6.69
CA VAL A 27 -13.91 -2.85 -7.44
C VAL A 27 -15.38 -2.50 -7.42
N GLU A 28 -15.68 -1.30 -6.99
CA GLU A 28 -17.03 -0.93 -6.74
C GLU A 28 -17.06 0.40 -7.38
N TYR A 29 -18.09 0.77 -8.04
CA TYR A 29 -17.87 1.79 -8.94
C TYR A 29 -18.89 2.84 -8.81
N VAL A 30 -18.35 3.98 -8.79
CA VAL A 30 -18.98 5.09 -8.21
C VAL A 30 -19.17 6.17 -9.26
N LYS A 31 -20.15 7.04 -9.11
CA LYS A 31 -20.50 7.91 -10.21
C LYS A 31 -20.10 9.35 -9.92
N GLU A 32 -19.21 9.83 -10.76
CA GLU A 32 -18.68 11.17 -10.66
C GLU A 32 -19.20 11.99 -11.83
N GLY A 33 -20.19 12.83 -11.57
CA GLY A 33 -20.82 13.60 -12.61
C GLY A 33 -21.57 12.71 -13.60
N ARG A 34 -21.12 12.69 -14.85
CA ARG A 34 -21.79 11.91 -15.89
C ARG A 34 -21.10 10.56 -16.10
N ASP A 35 -19.90 10.40 -15.55
CA ASP A 35 -19.13 9.18 -15.74
C ASP A 35 -19.21 8.33 -14.50
N HIS A 36 -19.05 7.02 -14.66
CA HIS A 36 -19.02 6.16 -13.54
C HIS A 36 -17.62 5.65 -13.49
N PHE A 37 -17.11 5.57 -12.33
CA PHE A 37 -15.71 5.59 -12.15
C PHE A 37 -15.39 4.42 -11.23
N LEU A 38 -14.51 3.56 -11.66
CA LEU A 38 -14.44 2.23 -11.05
C LEU A 38 -13.35 2.15 -10.01
N ARG A 39 -13.77 2.12 -8.76
CA ARG A 39 -12.87 2.18 -7.62
C ARG A 39 -12.48 0.80 -7.14
N ILE A 40 -11.19 0.59 -7.04
CA ILE A 40 -10.63 -0.70 -6.69
C ILE A 40 -9.83 -0.68 -5.46
N SER A 41 -10.18 -1.57 -4.59
CA SER A 41 -9.29 -1.93 -3.55
C SER A 41 -8.52 -3.13 -4.07
N ILE A 42 -7.22 -3.02 -4.20
CA ILE A 42 -6.41 -4.20 -4.50
C ILE A 42 -5.39 -4.53 -3.43
N ASP A 43 -5.05 -5.82 -3.38
CA ASP A 43 -4.08 -6.32 -2.41
C ASP A 43 -3.00 -7.15 -3.12
N LYS A 44 -1.85 -7.29 -2.45
CA LYS A 44 -0.78 -8.15 -2.93
C LYS A 44 -0.04 -8.72 -1.72
N GLU A 45 0.59 -9.87 -1.90
CA GLU A 45 1.31 -10.55 -0.83
C GLU A 45 2.47 -9.70 -0.30
N GLY A 46 2.43 -9.36 0.99
CA GLY A 46 3.47 -8.55 1.59
C GLY A 46 3.12 -7.07 1.60
N GLY A 47 1.99 -6.72 1.00
CA GLY A 47 1.54 -5.34 0.99
C GLY A 47 2.03 -4.56 -0.20
N VAL A 48 1.19 -3.63 -0.59
CA VAL A 48 1.35 -2.80 -1.75
C VAL A 48 1.96 -1.49 -1.41
N ASP A 49 2.84 -1.07 -2.24
CA ASP A 49 3.18 0.30 -2.23
C ASP A 49 2.42 1.04 -3.31
N LEU A 50 2.72 2.29 -3.45
CA LEU A 50 1.95 3.23 -4.22
C LEU A 50 2.06 2.88 -5.61
N ASN A 51 3.22 2.46 -5.87
CA ASN A 51 3.65 2.10 -7.13
C ASN A 51 3.12 0.75 -7.44
N ASP A 52 2.96 0.01 -6.39
CA ASP A 52 2.27 -1.26 -6.48
C ASP A 52 0.80 -1.01 -6.81
N CYS A 53 0.34 0.12 -6.32
CA CYS A 53 -1.03 0.56 -6.51
C CYS A 53 -1.13 0.97 -7.96
N THR A 54 -0.10 1.72 -8.32
CA THR A 54 0.18 2.14 -9.68
C THR A 54 0.28 0.95 -10.61
N LEU A 55 0.91 -0.09 -10.14
CA LEU A 55 1.21 -1.20 -11.00
C LEU A 55 -0.06 -1.94 -11.25
N ALA A 56 -0.86 -1.92 -10.23
CA ALA A 56 -2.15 -2.45 -10.35
C ALA A 56 -2.88 -1.53 -11.21
N SER A 57 -2.59 -0.27 -11.07
CA SER A 57 -3.35 0.70 -11.78
C SER A 57 -3.05 0.59 -13.26
N GLU A 58 -1.85 0.15 -13.55
CA GLU A 58 -1.50 -0.28 -14.88
C GLU A 58 -2.40 -1.35 -15.25
N LYS A 59 -2.50 -2.25 -14.38
CA LYS A 59 -3.20 -3.45 -14.75
C LYS A 59 -4.69 -3.30 -14.73
N ILE A 60 -5.21 -2.79 -13.67
CA ILE A 60 -6.59 -2.44 -13.70
C ILE A 60 -6.83 -1.60 -14.90
N SER A 61 -6.05 -0.59 -15.08
CA SER A 61 -6.43 0.32 -16.12
C SER A 61 -6.07 -0.18 -17.48
N GLU A 62 -4.82 -0.43 -17.64
CA GLU A 62 -4.26 -0.69 -18.94
C GLU A 62 -4.61 -2.07 -19.26
N ALA A 63 -4.57 -2.86 -18.21
CA ALA A 63 -4.76 -4.26 -18.40
C ALA A 63 -6.21 -4.54 -18.63
N MET A 64 -7.06 -3.90 -17.82
CA MET A 64 -8.50 -4.02 -18.05
C MET A 64 -8.77 -3.50 -19.43
N ASP A 65 -7.92 -2.57 -19.81
CA ASP A 65 -8.05 -1.89 -21.09
C ASP A 65 -7.54 -2.76 -22.23
N ALA A 66 -6.61 -3.63 -21.90
CA ALA A 66 -5.97 -4.51 -22.86
C ALA A 66 -6.77 -5.77 -22.91
N ASN A 67 -7.66 -5.85 -21.95
CA ASN A 67 -8.50 -7.00 -21.76
C ASN A 67 -9.90 -6.49 -21.47
N ASP A 68 -10.30 -5.57 -22.34
CA ASP A 68 -11.50 -4.76 -22.19
C ASP A 68 -12.79 -5.53 -22.49
N PRO A 69 -13.61 -5.82 -21.47
CA PRO A 69 -14.97 -6.34 -21.67
C PRO A 69 -16.02 -5.25 -21.89
N ILE A 70 -15.62 -3.99 -21.64
CA ILE A 70 -16.55 -2.87 -21.65
C ILE A 70 -16.36 -1.99 -22.88
N PRO A 71 -17.31 -1.96 -23.83
CA PRO A 71 -17.15 -1.22 -25.08
C PRO A 71 -17.18 0.31 -24.87
N GLU A 72 -17.79 0.76 -23.78
CA GLU A 72 -17.62 2.14 -23.36
C GLU A 72 -16.47 2.26 -22.40
N MET A 73 -15.92 3.43 -22.37
CA MET A 73 -14.76 3.72 -21.59
C MET A 73 -15.14 4.46 -20.33
N TYR A 74 -14.63 3.98 -19.23
CA TYR A 74 -14.84 4.60 -17.95
C TYR A 74 -13.58 4.55 -17.11
N TYR A 75 -13.60 5.24 -16.00
CA TYR A 75 -12.39 5.69 -15.39
C TYR A 75 -11.96 4.75 -14.27
N LEU A 76 -10.78 4.16 -14.42
CA LEU A 76 -10.26 3.21 -13.48
C LEU A 76 -9.52 3.89 -12.34
N ASP A 77 -9.93 3.51 -11.14
CA ASP A 77 -9.43 4.12 -9.92
C ASP A 77 -8.79 3.08 -9.02
N VAL A 78 -7.54 3.32 -8.64
CA VAL A 78 -6.76 2.35 -7.94
C VAL A 78 -6.48 2.77 -6.51
N ALA A 79 -6.88 1.92 -5.61
CA ALA A 79 -6.56 2.08 -4.22
C ALA A 79 -6.14 0.79 -3.61
N SER A 80 -5.22 0.90 -2.69
CA SER A 80 -4.46 -0.23 -2.28
C SER A 80 -3.64 0.16 -1.05
N PRO A 81 -4.01 -0.36 0.13
CA PRO A 81 -3.39 0.02 1.40
C PRO A 81 -1.97 -0.51 1.55
N GLY A 82 -1.12 0.29 2.19
CA GLY A 82 0.25 -0.10 2.37
C GLY A 82 0.32 -1.18 3.40
N ALA A 83 1.47 -1.78 3.56
CA ALA A 83 1.51 -3.05 4.17
C ALA A 83 1.12 -2.93 5.62
N GLU A 84 0.09 -3.67 5.98
CA GLU A 84 -0.60 -3.45 7.24
C GLU A 84 -0.59 -4.70 8.12
N ARG A 85 0.29 -5.63 7.81
CA ARG A 85 0.44 -6.84 8.63
C ARG A 85 0.93 -6.47 10.03
N PRO A 86 0.15 -6.80 11.08
CA PRO A 86 0.54 -6.50 12.46
C PRO A 86 1.87 -7.13 12.84
N ILE A 87 2.68 -6.40 13.60
CA ILE A 87 3.96 -6.87 14.05
C ILE A 87 3.90 -7.16 15.51
N LYS A 88 3.86 -8.38 15.81
CA LYS A 88 4.07 -8.81 17.16
C LYS A 88 5.12 -9.88 17.18
N LYS A 89 4.65 -11.08 17.07
CA LYS A 89 5.50 -12.26 17.12
C LYS A 89 6.18 -12.46 15.76
N GLU A 90 7.21 -13.31 15.76
CA GLU A 90 8.25 -13.28 14.73
C GLU A 90 7.75 -13.39 13.29
N GLN A 91 6.96 -14.40 12.98
CA GLN A 91 6.54 -14.64 11.60
C GLN A 91 5.85 -13.44 10.95
N ASP A 92 4.99 -12.80 11.71
CA ASP A 92 4.21 -11.65 11.25
C ASP A 92 5.08 -10.43 11.24
N PHE A 93 5.91 -10.38 12.24
CA PHE A 93 6.83 -9.29 12.42
C PHE A 93 7.77 -9.27 11.25
N GLN A 94 8.27 -10.45 10.96
CA GLN A 94 9.19 -10.59 9.85
C GLN A 94 8.44 -10.52 8.59
N ASN A 95 7.26 -11.07 8.60
CA ASN A 95 6.46 -10.99 7.39
C ASN A 95 6.23 -9.53 7.11
N ALA A 96 6.27 -8.76 8.17
CA ALA A 96 6.31 -7.31 8.08
C ALA A 96 7.71 -6.72 7.80
N ILE A 97 8.81 -7.36 8.25
CA ILE A 97 10.08 -6.72 8.27
C ILE A 97 10.58 -6.19 6.93
N THR A 98 10.42 -6.93 5.89
CA THR A 98 11.08 -6.62 4.63
C THR A 98 10.74 -5.19 4.16
N LYS A 99 9.53 -4.79 4.45
CA LYS A 99 9.03 -3.45 4.20
C LYS A 99 9.42 -2.45 5.30
N PRO A 100 9.29 -1.14 4.98
CA PRO A 100 9.21 -0.09 6.01
C PRO A 100 8.00 -0.31 6.94
N VAL A 101 8.25 -0.28 8.25
CA VAL A 101 7.23 -0.60 9.24
C VAL A 101 7.42 0.26 10.49
N PHE A 102 6.35 0.47 11.26
CA PHE A 102 6.47 1.31 12.45
C PHE A 102 6.14 0.54 13.70
N VAL A 103 7.02 0.73 14.66
CA VAL A 103 6.94 0.06 15.93
C VAL A 103 7.16 0.99 17.02
N SER A 104 6.54 0.63 18.09
CA SER A 104 6.30 1.42 19.19
C SER A 104 7.15 0.98 20.27
N LEU A 105 7.85 1.86 20.82
CA LEU A 105 8.48 1.58 22.01
C LEU A 105 8.11 2.59 23.14
N TYR A 106 7.89 1.97 24.31
CA TYR A 106 7.29 2.60 25.48
C TYR A 106 8.21 3.59 26.10
N VAL A 107 9.48 3.27 26.09
CA VAL A 107 10.43 4.11 26.75
C VAL A 107 10.85 5.14 25.73
N PRO A 108 10.71 6.41 26.09
CA PRO A 108 10.60 7.50 25.11
C PRO A 108 11.81 7.67 24.20
N ILE A 109 11.54 7.73 22.90
CA ILE A 109 12.47 8.36 22.01
C ILE A 109 11.74 9.54 21.47
N GLU A 110 12.24 10.67 21.87
CA GLU A 110 11.54 11.92 21.73
C GLU A 110 10.12 11.81 22.24
N GLY A 111 9.94 10.96 23.23
CA GLY A 111 8.67 10.86 23.86
C GLY A 111 7.77 9.82 23.21
N GLU A 112 8.24 9.28 22.09
CA GLU A 112 7.44 8.44 21.22
C GLU A 112 7.93 6.99 21.16
N LYS A 113 6.97 6.09 20.89
CA LYS A 113 7.21 4.71 20.67
C LYS A 113 7.34 4.33 19.21
N GLU A 114 6.80 5.04 18.27
CA GLU A 114 6.60 4.33 17.01
C GLU A 114 7.20 4.99 15.79
N TRP A 115 8.04 4.18 15.16
CA TRP A 115 8.90 4.57 14.07
C TRP A 115 8.86 3.60 12.92
N LEU A 116 8.66 4.15 11.74
CA LEU A 116 8.51 3.38 10.52
C LEU A 116 9.76 3.45 9.71
N GLY A 117 10.22 2.31 9.29
CA GLY A 117 11.31 2.29 8.39
C GLY A 117 11.62 0.88 7.99
N ILE A 118 12.66 0.64 7.20
CA ILE A 118 12.71 -0.61 6.46
C ILE A 118 13.33 -1.65 7.33
N LEU A 119 12.79 -2.83 7.47
CA LEU A 119 13.58 -3.78 8.26
C LEU A 119 14.77 -4.22 7.51
N GLN A 120 15.90 -3.97 8.12
CA GLN A 120 17.13 -4.44 7.58
C GLN A 120 17.43 -5.80 8.16
N GLU A 121 17.34 -5.91 9.48
CA GLU A 121 17.46 -7.20 10.10
C GLU A 121 16.72 -7.27 11.39
N VAL A 122 16.36 -8.48 11.69
CA VAL A 122 15.66 -8.82 12.87
C VAL A 122 16.63 -9.53 13.77
N ASN A 123 16.71 -9.15 15.01
CA ASN A 123 17.32 -10.06 15.91
C ASN A 123 16.29 -10.61 16.89
N ASN A 124 16.66 -11.64 17.65
CA ASN A 124 15.75 -12.19 18.66
C ASN A 124 15.49 -11.16 19.76
N GLU A 125 16.43 -10.25 19.92
CA GLU A 125 16.38 -9.23 20.94
C GLU A 125 16.04 -7.90 20.32
N THR A 126 16.44 -7.73 19.07
CA THR A 126 16.52 -6.41 18.48
C THR A 126 15.79 -6.33 17.15
N ILE A 127 15.48 -5.11 16.74
CA ILE A 127 14.73 -4.88 15.53
C ILE A 127 15.48 -3.81 14.81
N VAL A 128 15.82 -3.98 13.56
CA VAL A 128 16.68 -3.03 12.97
C VAL A 128 16.02 -2.38 11.78
N VAL A 129 15.85 -1.09 11.90
CA VAL A 129 14.91 -0.35 11.11
C VAL A 129 15.55 0.78 10.32
N GLN A 130 15.38 0.70 9.01
CA GLN A 130 16.02 1.58 8.10
C GLN A 130 15.34 2.90 7.97
N VAL A 131 16.06 3.93 8.23
CA VAL A 131 15.63 5.23 7.82
C VAL A 131 16.37 5.56 6.56
N LYS A 132 15.64 6.12 5.63
CA LYS A 132 16.14 6.32 4.31
C LYS A 132 16.43 7.78 4.00
N ILE A 133 17.70 8.06 3.87
CA ILE A 133 18.19 9.37 3.56
C ILE A 133 18.52 9.40 2.11
N LYS A 134 17.59 9.89 1.35
CA LYS A 134 17.70 9.87 -0.08
C LYS A 134 17.90 8.43 -0.52
N ALA A 135 19.16 8.12 -0.71
CA ALA A 135 19.60 6.84 -1.21
C ALA A 135 20.26 6.02 -0.10
N ARG A 136 20.23 6.54 1.13
CA ARG A 136 20.87 5.94 2.23
C ARG A 136 19.91 5.36 3.21
N THR A 137 20.22 4.20 3.62
CA THR A 137 19.52 3.55 4.70
C THR A 137 20.34 3.60 5.99
N LYS A 138 19.66 3.60 7.13
CA LYS A 138 20.29 3.35 8.38
C LYS A 138 19.33 2.50 9.18
N ASP A 139 19.81 1.40 9.62
CA ASP A 139 19.06 0.47 10.34
C ASP A 139 19.29 0.63 11.82
N ILE A 140 18.21 0.83 12.49
CA ILE A 140 18.23 1.15 13.89
C ILE A 140 17.73 0.01 14.75
N GLU A 141 18.53 -0.38 15.71
CA GLU A 141 18.26 -1.58 16.49
C GLU A 141 17.48 -1.23 17.73
N ILE A 142 16.30 -1.82 17.79
CA ILE A 142 15.33 -1.52 18.82
C ILE A 142 15.25 -2.65 19.86
N PRO A 143 15.37 -2.31 21.15
CA PRO A 143 15.14 -3.26 22.24
C PRO A 143 13.67 -3.67 22.32
N ARG A 144 13.44 -4.98 22.39
CA ARG A 144 12.10 -5.53 22.29
C ARG A 144 11.44 -5.30 23.61
N ASP A 145 12.31 -5.22 24.58
CA ASP A 145 11.97 -4.88 25.94
C ASP A 145 11.31 -3.52 26.00
N LYS A 146 11.50 -2.72 24.94
CA LYS A 146 10.95 -1.38 24.94
C LYS A 146 9.70 -1.31 24.10
N ILE A 147 9.46 -2.36 23.35
CA ILE A 147 8.43 -2.33 22.34
C ILE A 147 7.03 -2.48 22.91
N ALA A 148 6.27 -1.43 22.68
CA ALA A 148 4.92 -1.30 23.12
C ALA A 148 3.99 -1.89 22.08
N LYS A 149 4.31 -1.58 20.83
CA LYS A 149 3.41 -1.85 19.72
C LYS A 149 4.24 -2.08 18.49
N ALA A 150 3.81 -2.92 17.60
CA ALA A 150 4.56 -3.07 16.36
C ALA A 150 3.63 -3.34 15.19
N ARG A 151 3.85 -2.69 14.04
CA ARG A 151 3.07 -3.00 12.83
C ARG A 151 3.83 -2.70 11.53
N HIS A 152 3.47 -3.47 10.49
CA HIS A 152 3.71 -3.10 9.10
C HIS A 152 3.07 -1.73 8.85
N ALA A 153 3.45 -1.06 7.78
CA ALA A 153 3.26 0.37 7.74
C ALA A 153 2.92 0.87 6.34
N VAL A 154 2.59 2.15 6.27
CA VAL A 154 2.32 2.79 5.01
C VAL A 154 3.36 3.82 4.67
N MET A 155 3.86 3.63 3.50
CA MET A 155 4.64 4.63 2.79
C MET A 155 3.69 5.68 2.33
N ILE A 156 2.57 5.11 1.96
CA ILE A 156 1.43 5.80 1.40
C ILE A 156 1.68 6.11 -0.07
N MET A 1 -23.09 -13.46 -7.05
CA MET A 1 -22.37 -13.26 -8.32
C MET A 1 -23.16 -12.35 -9.26
N ALA A 2 -24.34 -11.92 -8.84
CA ALA A 2 -25.22 -11.14 -9.69
C ALA A 2 -24.95 -9.65 -9.56
N SER A 3 -24.02 -9.28 -8.70
CA SER A 3 -23.66 -7.89 -8.51
C SER A 3 -22.78 -7.43 -9.67
N LYS A 4 -22.97 -6.18 -10.07
CA LYS A 4 -22.26 -5.59 -11.20
C LYS A 4 -20.75 -5.70 -11.03
N ILE A 5 -20.29 -5.63 -9.79
CA ILE A 5 -18.87 -5.61 -9.48
C ILE A 5 -18.17 -6.86 -9.89
N THR A 6 -18.75 -8.01 -9.66
CA THR A 6 -18.03 -9.23 -9.91
C THR A 6 -17.53 -9.29 -11.33
N GLU A 7 -18.25 -8.69 -12.25
CA GLU A 7 -17.90 -8.72 -13.61
C GLU A 7 -16.55 -8.14 -13.77
N GLN A 8 -16.51 -7.04 -13.14
CA GLN A 8 -15.48 -6.11 -13.22
C GLN A 8 -14.34 -6.60 -12.42
N VAL A 9 -14.75 -7.07 -11.29
CA VAL A 9 -13.86 -7.37 -10.25
C VAL A 9 -13.13 -8.57 -10.71
N GLU A 10 -13.88 -9.42 -11.39
CA GLU A 10 -13.37 -10.64 -11.90
C GLU A 10 -12.41 -10.43 -13.03
N VAL A 11 -12.86 -9.66 -13.97
CA VAL A 11 -12.22 -9.66 -15.20
C VAL A 11 -10.94 -8.93 -15.10
N ILE A 12 -11.02 -8.03 -14.21
CA ILE A 12 -9.91 -7.25 -13.77
C ILE A 12 -9.09 -8.03 -12.74
N VAL A 13 -9.75 -8.90 -11.98
CA VAL A 13 -9.07 -9.62 -10.92
C VAL A 13 -8.17 -10.61 -11.52
N LYS A 14 -8.53 -11.07 -12.69
CA LYS A 14 -7.71 -12.10 -13.30
C LYS A 14 -6.38 -11.53 -13.77
N PRO A 15 -6.36 -10.55 -14.72
CA PRO A 15 -5.11 -9.94 -15.14
C PRO A 15 -4.40 -9.27 -14.00
N ILE A 16 -5.15 -8.66 -13.07
CA ILE A 16 -4.49 -8.09 -11.92
C ILE A 16 -3.94 -9.17 -10.97
N MET A 17 -4.72 -10.18 -10.57
CA MET A 17 -4.25 -11.13 -9.57
C MET A 17 -3.08 -11.87 -10.13
N GLU A 18 -3.20 -12.27 -11.37
CA GLU A 18 -2.12 -13.07 -11.97
C GLU A 18 -0.83 -12.33 -12.25
N ASP A 19 -0.93 -11.25 -12.99
CA ASP A 19 0.24 -10.88 -13.75
C ASP A 19 1.35 -10.24 -12.96
N LEU A 20 0.99 -9.29 -12.13
CA LEU A 20 1.92 -8.70 -11.22
C LEU A 20 1.77 -9.41 -9.93
N ASN A 21 0.77 -10.29 -9.98
CA ASN A 21 0.39 -11.11 -8.89
C ASN A 21 -0.12 -10.36 -7.70
N PHE A 22 -0.73 -9.23 -7.92
CA PHE A 22 -1.48 -8.66 -6.86
C PHE A 22 -2.92 -8.95 -7.13
N GLU A 23 -3.70 -9.06 -6.11
CA GLU A 23 -5.03 -9.55 -6.30
C GLU A 23 -6.05 -8.72 -5.57
N LEU A 24 -7.18 -8.61 -6.33
CA LEU A 24 -8.34 -7.67 -6.28
C LEU A 24 -9.43 -7.92 -5.19
N VAL A 25 -9.66 -6.92 -4.29
CA VAL A 25 -10.69 -7.00 -3.28
C VAL A 25 -11.96 -6.62 -3.94
N ASP A 26 -11.96 -5.43 -4.52
CA ASP A 26 -13.06 -5.07 -5.31
C ASP A 26 -12.78 -3.91 -6.16
N VAL A 27 -13.50 -3.92 -7.21
CA VAL A 27 -13.57 -2.82 -8.05
C VAL A 27 -15.05 -2.52 -8.23
N GLU A 28 -15.44 -1.32 -7.89
CA GLU A 28 -16.80 -1.01 -7.61
C GLU A 28 -17.04 0.22 -8.40
N TYR A 29 -18.15 0.36 -8.99
CA TYR A 29 -18.19 1.30 -10.03
C TYR A 29 -19.18 2.33 -9.69
N VAL A 30 -18.60 3.44 -9.42
CA VAL A 30 -19.22 4.44 -8.67
C VAL A 30 -19.51 5.66 -9.53
N LYS A 31 -20.51 6.44 -9.17
CA LYS A 31 -20.94 7.55 -10.00
C LYS A 31 -20.60 8.86 -9.33
N GLU A 32 -19.64 9.54 -9.92
CA GLU A 32 -19.19 10.82 -9.43
C GLU A 32 -19.61 11.88 -10.44
N GLY A 33 -20.67 12.60 -10.13
CA GLY A 33 -21.20 13.57 -11.05
C GLY A 33 -21.77 12.92 -12.30
N ARG A 34 -21.13 13.19 -13.43
CA ARG A 34 -21.59 12.67 -14.71
C ARG A 34 -20.83 11.40 -15.12
N ASP A 35 -19.74 11.11 -14.42
CA ASP A 35 -18.83 10.04 -14.83
C ASP A 35 -19.02 8.79 -13.98
N HIS A 36 -18.63 7.67 -14.55
CA HIS A 36 -18.64 6.44 -13.84
C HIS A 36 -17.23 6.08 -13.61
N PHE A 37 -16.98 5.63 -12.45
CA PHE A 37 -15.65 5.47 -12.01
C PHE A 37 -15.47 4.07 -11.47
N LEU A 38 -14.53 3.33 -11.98
CA LEU A 38 -14.34 1.97 -11.49
C LEU A 38 -13.23 1.92 -10.49
N ARG A 39 -13.65 1.96 -9.25
CA ARG A 39 -12.77 2.07 -8.10
C ARG A 39 -12.38 0.72 -7.53
N ILE A 40 -11.09 0.53 -7.34
CA ILE A 40 -10.53 -0.74 -6.89
C ILE A 40 -9.89 -0.64 -5.57
N SER A 41 -10.31 -1.49 -4.67
CA SER A 41 -9.44 -1.76 -3.59
C SER A 41 -8.67 -3.01 -3.89
N ILE A 42 -7.36 -2.86 -4.17
CA ILE A 42 -6.47 -4.02 -4.13
C ILE A 42 -5.05 -4.15 -3.52
N ASP A 43 -4.67 -5.45 -3.25
CA ASP A 43 -3.60 -5.77 -2.34
C ASP A 43 -2.65 -6.83 -2.92
N LYS A 44 -1.48 -6.96 -2.29
CA LYS A 44 -0.48 -7.94 -2.69
C LYS A 44 0.21 -8.48 -1.45
N GLU A 45 0.85 -9.63 -1.57
CA GLU A 45 1.62 -10.22 -0.49
C GLU A 45 2.73 -9.27 -0.04
N GLY A 46 2.71 -8.89 1.22
CA GLY A 46 3.70 -7.96 1.74
C GLY A 46 3.24 -6.52 1.63
N GLY A 47 2.09 -6.33 1.00
CA GLY A 47 1.54 -5.00 0.84
C GLY A 47 2.05 -4.31 -0.40
N VAL A 48 1.20 -3.47 -0.92
CA VAL A 48 1.42 -2.74 -2.12
C VAL A 48 1.98 -1.41 -1.82
N ASP A 49 2.93 -1.00 -2.58
CA ASP A 49 3.26 0.36 -2.47
C ASP A 49 2.57 1.14 -3.56
N LEU A 50 2.85 2.41 -3.63
CA LEU A 50 2.09 3.36 -4.43
C LEU A 50 2.18 2.99 -5.82
N ASN A 51 3.33 2.58 -6.06
CA ASN A 51 3.81 2.31 -7.30
C ASN A 51 3.34 0.97 -7.73
N ASP A 52 3.17 0.13 -6.75
CA ASP A 52 2.46 -1.11 -6.96
C ASP A 52 0.98 -0.85 -7.18
N CYS A 53 0.53 0.26 -6.61
CA CYS A 53 -0.87 0.70 -6.74
C CYS A 53 -1.02 1.15 -8.15
N THR A 54 -0.01 1.90 -8.52
CA THR A 54 0.28 2.28 -9.88
C THR A 54 0.40 1.06 -10.77
N LEU A 55 1.04 0.05 -10.25
CA LEU A 55 1.37 -1.10 -11.04
C LEU A 55 0.14 -1.90 -11.26
N ALA A 56 -0.65 -1.86 -10.25
CA ALA A 56 -1.94 -2.44 -10.29
C ALA A 56 -2.73 -1.60 -11.15
N SER A 57 -2.46 -0.33 -11.11
CA SER A 57 -3.27 0.55 -11.86
C SER A 57 -2.97 0.40 -13.32
N GLU A 58 -1.75 0.03 -13.63
CA GLU A 58 -1.43 -0.41 -14.96
C GLU A 58 -2.23 -1.62 -15.20
N LYS A 59 -2.16 -2.45 -14.26
CA LYS A 59 -2.69 -3.76 -14.44
C LYS A 59 -4.20 -3.71 -14.57
N ILE A 60 -4.88 -3.24 -13.56
CA ILE A 60 -6.28 -2.96 -13.70
C ILE A 60 -6.52 -2.13 -14.92
N SER A 61 -5.84 -1.04 -15.05
CA SER A 61 -6.33 -0.09 -16.03
C SER A 61 -5.94 -0.44 -17.42
N GLU A 62 -4.70 -0.73 -17.57
CA GLU A 62 -4.09 -0.89 -18.83
C GLU A 62 -4.43 -2.26 -19.30
N ALA A 63 -4.54 -3.15 -18.33
CA ALA A 63 -4.84 -4.51 -18.71
C ALA A 63 -6.29 -4.61 -19.08
N MET A 64 -7.11 -4.02 -18.21
CA MET A 64 -8.54 -3.92 -18.45
C MET A 64 -8.72 -3.18 -19.74
N ASP A 65 -7.74 -2.34 -20.01
CA ASP A 65 -7.72 -1.50 -21.20
C ASP A 65 -7.33 -2.29 -22.43
N ALA A 66 -6.48 -3.27 -22.22
CA ALA A 66 -5.95 -4.07 -23.30
C ALA A 66 -6.85 -5.24 -23.52
N ASN A 67 -7.72 -5.40 -22.56
CA ASN A 67 -8.61 -6.51 -22.49
C ASN A 67 -9.98 -6.00 -22.09
N ASP A 68 -10.38 -4.96 -22.81
CA ASP A 68 -11.64 -4.25 -22.58
C ASP A 68 -12.84 -5.03 -23.10
N PRO A 69 -13.70 -5.56 -22.21
CA PRO A 69 -14.97 -6.15 -22.59
C PRO A 69 -16.11 -5.12 -22.69
N ILE A 70 -15.85 -3.91 -22.22
CA ILE A 70 -16.88 -2.87 -22.10
C ILE A 70 -16.70 -1.80 -23.17
N PRO A 71 -17.64 -1.69 -24.14
CA PRO A 71 -17.45 -0.82 -25.30
C PRO A 71 -17.52 0.66 -24.95
N GLU A 72 -18.14 0.98 -23.83
CA GLU A 72 -18.11 2.33 -23.31
C GLU A 72 -16.96 2.50 -22.36
N MET A 73 -16.52 3.72 -22.29
CA MET A 73 -15.33 4.06 -21.56
C MET A 73 -15.66 4.78 -20.28
N TYR A 74 -15.09 4.29 -19.22
CA TYR A 74 -15.23 4.89 -17.91
C TYR A 74 -13.93 4.82 -17.18
N TYR A 75 -13.86 5.50 -16.05
CA TYR A 75 -12.61 5.88 -15.52
C TYR A 75 -12.16 4.89 -14.47
N LEU A 76 -11.03 4.28 -14.74
CA LEU A 76 -10.47 3.27 -13.87
C LEU A 76 -9.68 3.91 -12.76
N ASP A 77 -10.09 3.58 -11.55
CA ASP A 77 -9.64 4.25 -10.36
C ASP A 77 -9.02 3.25 -9.40
N VAL A 78 -7.78 3.51 -9.00
CA VAL A 78 -6.98 2.54 -8.29
C VAL A 78 -6.74 2.93 -6.86
N ALA A 79 -7.09 2.04 -5.98
CA ALA A 79 -6.77 2.21 -4.60
C ALA A 79 -6.19 0.95 -4.04
N SER A 80 -5.24 1.17 -3.18
CA SER A 80 -4.35 0.14 -2.78
C SER A 80 -3.50 0.69 -1.64
N PRO A 81 -3.77 0.26 -0.40
CA PRO A 81 -3.08 0.78 0.79
C PRO A 81 -1.63 0.32 0.89
N GLY A 82 -0.76 1.18 1.37
CA GLY A 82 0.58 0.74 1.67
C GLY A 82 0.46 -0.07 2.93
N ALA A 83 1.41 -0.93 3.21
CA ALA A 83 1.06 -2.06 4.00
C ALA A 83 0.88 -1.62 5.42
N GLU A 84 -0.31 -1.87 5.93
CA GLU A 84 -0.72 -1.33 7.19
C GLU A 84 -1.10 -2.44 8.17
N ARG A 85 -0.60 -3.65 7.91
CA ARG A 85 -0.80 -4.78 8.82
C ARG A 85 -0.32 -4.39 10.22
N PRO A 86 -1.22 -4.43 11.21
CA PRO A 86 -0.91 -3.99 12.57
C PRO A 86 0.25 -4.74 13.19
N ILE A 87 1.09 -4.02 13.92
CA ILE A 87 2.24 -4.60 14.57
C ILE A 87 1.97 -4.64 16.05
N LYS A 88 1.73 -5.79 16.51
CA LYS A 88 1.72 -6.02 17.91
C LYS A 88 2.61 -7.19 18.23
N LYS A 89 2.00 -8.32 18.24
CA LYS A 89 2.70 -9.55 18.53
C LYS A 89 3.39 -10.08 17.27
N GLU A 90 4.29 -11.03 17.46
CA GLU A 90 5.39 -11.28 16.54
C GLU A 90 5.01 -11.50 15.07
N GLN A 91 4.09 -12.41 14.79
CA GLN A 91 3.81 -12.81 13.41
C GLN A 91 3.45 -11.65 12.49
N ASP A 92 2.65 -10.74 12.99
CA ASP A 92 2.18 -9.58 12.22
C ASP A 92 3.25 -8.54 12.17
N PHE A 93 3.94 -8.46 13.26
CA PHE A 93 5.03 -7.53 13.43
C PHE A 93 6.12 -7.89 12.45
N GLN A 94 6.39 -9.15 12.43
CA GLN A 94 7.43 -9.67 11.57
C GLN A 94 6.90 -9.72 10.17
N ASN A 95 5.63 -10.04 10.07
CA ASN A 95 4.99 -9.95 8.77
C ASN A 95 5.09 -8.51 8.30
N ALA A 96 5.16 -7.63 9.27
CA ALA A 96 5.44 -6.22 9.02
C ALA A 96 6.93 -5.89 8.81
N ILE A 97 7.86 -6.69 9.36
CA ILE A 97 9.25 -6.29 9.38
C ILE A 97 9.89 -6.00 8.03
N THR A 98 9.43 -6.63 7.00
CA THR A 98 10.11 -6.51 5.72
C THR A 98 10.16 -5.05 5.26
N LYS A 99 9.05 -4.37 5.47
CA LYS A 99 8.89 -2.97 5.11
C LYS A 99 9.43 -2.02 6.20
N PRO A 100 9.69 -0.75 5.81
CA PRO A 100 9.62 0.37 6.75
C PRO A 100 8.23 0.51 7.38
N VAL A 101 8.19 0.59 8.71
CA VAL A 101 6.94 0.57 9.49
C VAL A 101 7.05 1.53 10.66
N PHE A 102 5.92 1.97 11.20
CA PHE A 102 5.97 2.96 12.26
C PHE A 102 5.35 2.43 13.53
N VAL A 103 6.07 2.65 14.59
CA VAL A 103 5.68 2.18 15.89
C VAL A 103 5.76 3.25 16.87
N SER A 104 4.90 3.13 17.82
CA SER A 104 4.65 4.10 18.76
C SER A 104 5.33 3.73 19.98
N LEU A 105 6.09 4.57 20.51
CA LEU A 105 6.43 4.36 21.81
C LEU A 105 6.10 5.56 22.72
N TYR A 106 5.59 5.12 23.89
CA TYR A 106 4.89 5.94 24.87
C TYR A 106 5.79 6.94 25.49
N VAL A 107 7.02 6.52 25.71
CA VAL A 107 7.97 7.39 26.32
C VAL A 107 8.62 8.15 25.19
N PRO A 108 8.60 9.47 25.29
CA PRO A 108 8.74 10.32 24.13
C PRO A 108 10.16 10.43 23.60
N ILE A 109 10.27 10.40 22.28
CA ILE A 109 11.43 10.95 21.63
C ILE A 109 10.93 12.10 20.84
N GLU A 110 11.41 13.24 21.25
CA GLU A 110 10.89 14.51 20.81
C GLU A 110 9.39 14.54 20.95
N GLY A 111 8.91 13.87 21.98
CA GLY A 111 7.53 13.96 22.29
C GLY A 111 6.70 12.86 21.66
N GLU A 112 7.33 12.05 20.83
CA GLU A 112 6.63 11.15 19.93
C GLU A 112 6.84 9.66 20.26
N LYS A 113 5.79 8.89 19.90
CA LYS A 113 5.76 7.48 19.90
C LYS A 113 6.06 6.86 18.56
N GLU A 114 5.86 7.49 17.46
CA GLU A 114 5.76 6.64 16.28
C GLU A 114 6.79 6.97 15.21
N TRP A 115 7.55 5.94 14.88
CA TRP A 115 8.67 6.04 13.97
C TRP A 115 8.65 4.93 12.95
N LEU A 116 8.77 5.34 11.69
CA LEU A 116 8.67 4.42 10.57
C LEU A 116 10.05 4.19 10.01
N GLY A 117 10.36 2.95 9.80
CA GLY A 117 11.58 2.65 9.15
C GLY A 117 11.71 1.16 8.98
N ILE A 118 12.80 0.65 8.41
CA ILE A 118 12.72 -0.67 7.83
C ILE A 118 12.98 -1.67 8.91
N LEU A 119 12.19 -2.68 9.05
CA LEU A 119 12.59 -3.65 10.06
C LEU A 119 13.77 -4.44 9.60
N GLN A 120 14.83 -4.35 10.36
CA GLN A 120 15.99 -5.13 10.09
C GLN A 120 15.96 -6.40 10.90
N GLU A 121 15.72 -6.28 12.19
CA GLU A 121 15.58 -7.44 13.03
C GLU A 121 14.64 -7.23 14.17
N VAL A 122 14.09 -8.34 14.57
CA VAL A 122 13.15 -8.42 15.61
C VAL A 122 13.83 -9.02 16.80
N ASN A 123 13.65 -8.46 17.96
CA ASN A 123 13.86 -9.29 19.09
C ASN A 123 12.55 -9.52 19.83
N ASN A 124 12.54 -10.46 20.78
CA ASN A 124 11.35 -10.69 21.58
C ASN A 124 11.08 -9.47 22.46
N GLU A 125 12.14 -8.73 22.73
CA GLU A 125 12.10 -7.56 23.58
C GLU A 125 12.18 -6.29 22.75
N THR A 126 12.84 -6.37 21.61
CA THR A 126 13.23 -5.18 20.88
C THR A 126 12.78 -5.21 19.43
N ILE A 127 12.78 -4.04 18.82
CA ILE A 127 12.30 -3.87 17.47
C ILE A 127 13.37 -3.09 16.77
N VAL A 128 13.90 -3.53 15.65
CA VAL A 128 15.01 -2.82 15.12
C VAL A 128 14.67 -2.22 13.78
N VAL A 129 14.77 -0.93 13.77
CA VAL A 129 14.07 -0.10 12.81
C VAL A 129 15.03 0.75 12.02
N GLN A 130 15.08 0.54 10.72
CA GLN A 130 16.02 1.18 9.88
C GLN A 130 15.58 2.57 9.51
N VAL A 131 16.39 3.53 9.82
CA VAL A 131 16.17 4.81 9.26
C VAL A 131 17.13 4.97 8.12
N LYS A 132 16.63 5.50 7.04
CA LYS A 132 17.36 5.52 5.82
C LYS A 132 17.84 6.92 5.45
N ILE A 133 19.14 7.07 5.53
CA ILE A 133 19.82 8.31 5.24
C ILE A 133 20.39 8.18 3.87
N LYS A 134 19.67 8.73 2.92
CA LYS A 134 20.01 8.57 1.54
C LYS A 134 20.06 7.08 1.24
N ALA A 135 21.26 6.58 1.30
CA ALA A 135 21.57 5.19 1.00
C ALA A 135 21.94 4.41 2.26
N ARG A 136 21.80 5.04 3.42
CA ARG A 136 22.22 4.50 4.66
C ARG A 136 21.08 4.11 5.53
N THR A 137 21.21 2.98 6.10
CA THR A 137 20.30 2.51 7.11
C THR A 137 20.89 2.60 8.52
N LYS A 138 20.02 2.80 9.50
CA LYS A 138 20.36 2.61 10.88
C LYS A 138 19.19 1.98 11.56
N ASP A 139 19.47 0.93 12.25
CA ASP A 139 18.52 0.12 12.84
C ASP A 139 18.40 0.46 14.28
N ILE A 140 17.22 0.85 14.61
CA ILE A 140 16.95 1.41 15.88
C ILE A 140 16.12 0.46 16.73
N GLU A 141 16.62 0.10 17.89
CA GLU A 141 16.01 -0.96 18.67
C GLU A 141 15.08 -0.37 19.70
N ILE A 142 13.83 -0.74 19.56
CA ILE A 142 12.76 -0.20 20.38
C ILE A 142 12.36 -1.17 21.49
N PRO A 143 12.40 -0.71 22.76
CA PRO A 143 11.88 -1.48 23.90
C PRO A 143 10.36 -1.68 23.77
N ARG A 144 9.93 -2.91 23.99
CA ARG A 144 8.58 -3.32 23.65
C ARG A 144 7.66 -2.79 24.70
N ASP A 145 8.23 -2.79 25.88
CA ASP A 145 7.60 -2.28 27.06
C ASP A 145 7.37 -0.78 26.94
N LYS A 146 7.99 -0.20 25.92
CA LYS A 146 7.94 1.25 25.73
C LYS A 146 6.93 1.57 24.65
N ILE A 147 6.55 0.53 23.96
CA ILE A 147 5.72 0.63 22.79
C ILE A 147 4.25 0.83 23.10
N ALA A 148 3.76 1.94 22.58
CA ALA A 148 2.39 2.35 22.71
C ALA A 148 1.59 1.71 21.59
N LYS A 149 2.19 1.72 20.42
CA LYS A 149 1.54 1.27 19.20
C LYS A 149 2.55 0.62 18.38
N ALA A 150 2.15 -0.19 17.46
CA ALA A 150 3.05 -0.62 16.40
C ALA A 150 2.27 -0.93 15.14
N ARG A 151 2.71 -0.47 13.96
CA ARG A 151 2.09 -0.92 12.71
C ARG A 151 3.03 -0.86 11.49
N HIS A 152 2.74 -1.76 10.55
CA HIS A 152 3.16 -1.64 9.16
C HIS A 152 2.69 -0.29 8.61
N ALA A 153 3.28 0.19 7.51
CA ALA A 153 3.23 1.60 7.23
C ALA A 153 3.16 1.89 5.75
N VAL A 154 2.98 3.16 5.42
CA VAL A 154 3.05 3.63 4.07
C VAL A 154 4.25 4.52 3.89
N MET A 155 5.00 4.16 2.88
CA MET A 155 6.13 4.94 2.40
C MET A 155 5.74 6.39 2.26
N ILE A 156 4.55 6.50 1.72
CA ILE A 156 3.89 7.73 1.39
C ILE A 156 4.38 8.23 0.03
N MET A 1 -26.67 -12.83 -4.73
CA MET A 1 -26.68 -11.38 -4.99
C MET A 1 -25.97 -11.09 -6.29
N ALA A 2 -26.72 -10.66 -7.30
CA ALA A 2 -26.15 -10.37 -8.61
C ALA A 2 -25.62 -8.95 -8.67
N SER A 3 -24.57 -8.68 -7.93
CA SER A 3 -23.98 -7.35 -7.89
C SER A 3 -23.09 -7.13 -9.11
N LYS A 4 -23.20 -5.92 -9.66
CA LYS A 4 -22.47 -5.51 -10.85
C LYS A 4 -20.95 -5.66 -10.72
N ILE A 5 -20.46 -5.56 -9.49
CA ILE A 5 -19.02 -5.51 -9.25
C ILE A 5 -18.29 -6.70 -9.73
N THR A 6 -18.82 -7.88 -9.50
CA THR A 6 -18.08 -9.08 -9.83
C THR A 6 -17.65 -9.10 -11.27
N GLU A 7 -18.41 -8.48 -12.15
CA GLU A 7 -18.09 -8.48 -13.52
C GLU A 7 -16.74 -7.90 -13.68
N GLN A 8 -16.68 -6.82 -13.04
CA GLN A 8 -15.64 -5.90 -13.09
C GLN A 8 -14.50 -6.42 -12.29
N VAL A 9 -14.92 -6.95 -11.19
CA VAL A 9 -14.06 -7.32 -10.15
C VAL A 9 -13.32 -8.50 -10.67
N GLU A 10 -14.07 -9.31 -11.39
CA GLU A 10 -13.54 -10.49 -11.99
C GLU A 10 -12.60 -10.19 -13.12
N VAL A 11 -13.08 -9.37 -14.00
CA VAL A 11 -12.46 -9.30 -15.25
C VAL A 11 -11.18 -8.59 -15.14
N ILE A 12 -11.22 -7.75 -14.19
CA ILE A 12 -10.08 -7.05 -13.71
C ILE A 12 -9.23 -7.95 -12.84
N VAL A 13 -9.90 -8.82 -12.07
CA VAL A 13 -9.22 -9.63 -11.10
C VAL A 13 -8.33 -10.60 -11.80
N LYS A 14 -8.73 -10.95 -12.99
CA LYS A 14 -7.94 -11.93 -13.72
C LYS A 14 -6.62 -11.36 -14.20
N PRO A 15 -6.61 -10.33 -15.06
CA PRO A 15 -5.37 -9.70 -15.49
C PRO A 15 -4.61 -9.13 -14.33
N ILE A 16 -5.29 -8.58 -13.32
CA ILE A 16 -4.52 -8.13 -12.18
C ILE A 16 -3.97 -9.28 -11.34
N MET A 17 -4.80 -10.23 -10.91
CA MET A 17 -4.36 -11.20 -9.92
C MET A 17 -3.29 -12.04 -10.53
N GLU A 18 -3.53 -12.40 -11.76
CA GLU A 18 -2.59 -13.23 -12.48
C GLU A 18 -1.27 -12.55 -12.82
N ASP A 19 -1.35 -11.40 -13.46
CA ASP A 19 -0.23 -11.02 -14.28
C ASP A 19 0.98 -10.49 -13.52
N LEU A 20 0.74 -9.58 -12.60
CA LEU A 20 1.78 -9.11 -11.72
C LEU A 20 1.65 -9.86 -10.44
N ASN A 21 0.57 -10.64 -10.42
CA ASN A 21 0.17 -11.40 -9.27
C ASN A 21 -0.18 -10.59 -8.06
N PHE A 22 -0.68 -9.42 -8.28
CA PHE A 22 -1.39 -8.77 -7.23
C PHE A 22 -2.83 -8.90 -7.58
N GLU A 23 -3.70 -8.87 -6.63
CA GLU A 23 -5.07 -9.13 -6.92
C GLU A 23 -6.03 -8.12 -6.37
N LEU A 24 -7.01 -7.90 -7.20
CA LEU A 24 -8.09 -7.02 -7.01
C LEU A 24 -8.91 -7.44 -5.80
N VAL A 25 -8.95 -6.56 -4.82
CA VAL A 25 -9.71 -6.77 -3.64
C VAL A 25 -11.16 -6.52 -3.96
N ASP A 26 -11.43 -5.34 -4.50
CA ASP A 26 -12.72 -5.07 -5.03
C ASP A 26 -12.69 -3.85 -5.87
N VAL A 27 -13.57 -3.85 -6.79
CA VAL A 27 -13.74 -2.74 -7.62
C VAL A 27 -15.22 -2.41 -7.70
N GLU A 28 -15.57 -1.20 -7.35
CA GLU A 28 -16.95 -0.83 -7.27
C GLU A 28 -17.04 0.46 -8.02
N TYR A 29 -18.10 0.67 -8.75
CA TYR A 29 -18.01 1.65 -9.75
C TYR A 29 -19.08 2.63 -9.56
N VAL A 30 -18.59 3.75 -9.20
CA VAL A 30 -19.42 4.71 -8.59
C VAL A 30 -19.57 5.90 -9.52
N LYS A 31 -20.70 6.58 -9.48
CA LYS A 31 -21.04 7.50 -10.54
C LYS A 31 -21.08 8.93 -10.07
N GLU A 32 -20.26 9.71 -10.74
CA GLU A 32 -20.19 11.14 -10.53
C GLU A 32 -20.71 11.85 -11.76
N GLY A 33 -21.90 12.41 -11.66
CA GLY A 33 -22.54 13.01 -12.80
C GLY A 33 -23.03 11.98 -13.79
N ARG A 34 -22.46 11.98 -15.00
CA ARG A 34 -22.94 11.10 -16.06
C ARG A 34 -22.09 9.84 -16.20
N ASP A 35 -20.90 9.87 -15.63
CA ASP A 35 -19.96 8.78 -15.82
C ASP A 35 -19.84 7.95 -14.57
N HIS A 36 -19.54 6.67 -14.74
CA HIS A 36 -19.39 5.82 -13.61
C HIS A 36 -17.95 5.44 -13.58
N PHE A 37 -17.42 5.40 -12.43
CA PHE A 37 -16.02 5.45 -12.27
C PHE A 37 -15.62 4.31 -11.36
N LEU A 38 -14.72 3.47 -11.81
CA LEU A 38 -14.55 2.20 -11.15
C LEU A 38 -13.37 2.20 -10.20
N ARG A 39 -13.73 2.24 -8.93
CA ARG A 39 -12.78 2.35 -7.83
C ARG A 39 -12.36 0.98 -7.32
N ILE A 40 -11.05 0.77 -7.26
CA ILE A 40 -10.48 -0.54 -6.99
C ILE A 40 -9.56 -0.59 -5.82
N SER A 41 -9.90 -1.47 -4.93
CA SER A 41 -9.08 -1.80 -3.83
C SER A 41 -8.25 -3.02 -4.19
N ILE A 42 -6.92 -2.89 -4.09
CA ILE A 42 -6.01 -3.98 -4.44
C ILE A 42 -5.29 -4.54 -3.23
N ASP A 43 -4.92 -5.81 -3.32
CA ASP A 43 -4.09 -6.45 -2.32
C ASP A 43 -2.98 -7.31 -2.98
N LYS A 44 -1.92 -7.57 -2.20
CA LYS A 44 -0.84 -8.47 -2.59
C LYS A 44 -0.26 -9.12 -1.33
N GLU A 45 0.31 -10.31 -1.49
CA GLU A 45 1.03 -10.96 -0.38
C GLU A 45 2.21 -10.11 0.04
N GLY A 46 2.22 -9.71 1.30
CA GLY A 46 3.31 -8.91 1.82
C GLY A 46 3.04 -7.44 1.70
N GLY A 47 1.91 -7.10 1.10
CA GLY A 47 1.52 -5.72 0.94
C GLY A 47 2.05 -5.10 -0.32
N VAL A 48 1.29 -4.17 -0.80
CA VAL A 48 1.57 -3.42 -1.98
C VAL A 48 2.25 -2.16 -1.61
N ASP A 49 3.24 -1.82 -2.35
CA ASP A 49 3.69 -0.49 -2.24
C ASP A 49 3.11 0.31 -3.38
N LEU A 50 3.50 1.55 -3.39
CA LEU A 50 2.81 2.62 -4.08
C LEU A 50 2.92 2.41 -5.51
N ASN A 51 4.05 1.93 -5.79
CA ASN A 51 4.48 1.65 -7.07
C ASN A 51 3.88 0.38 -7.52
N ASP A 52 3.67 -0.47 -6.56
CA ASP A 52 2.91 -1.67 -6.80
C ASP A 52 1.43 -1.31 -6.99
N CYS A 53 1.05 -0.21 -6.38
CA CYS A 53 -0.31 0.32 -6.44
C CYS A 53 -0.46 0.87 -7.83
N THR A 54 0.60 1.55 -8.18
CA THR A 54 0.88 1.97 -9.54
C THR A 54 0.90 0.80 -10.48
N LEU A 55 1.49 -0.27 -10.02
CA LEU A 55 1.77 -1.40 -10.87
C LEU A 55 0.49 -2.11 -11.12
N ALA A 56 -0.29 -2.10 -10.10
CA ALA A 56 -1.61 -2.60 -10.16
C ALA A 56 -2.38 -1.64 -10.95
N SER A 57 -2.04 -0.38 -10.84
CA SER A 57 -2.79 0.59 -11.56
C SER A 57 -2.50 0.47 -13.03
N GLU A 58 -1.31 0.05 -13.35
CA GLU A 58 -1.00 -0.34 -14.69
C GLU A 58 -1.86 -1.47 -15.02
N LYS A 59 -1.86 -2.36 -14.11
CA LYS A 59 -2.46 -3.62 -14.35
C LYS A 59 -3.96 -3.49 -14.47
N ILE A 60 -4.61 -3.07 -13.43
CA ILE A 60 -6.01 -2.75 -13.53
C ILE A 60 -6.21 -1.80 -14.65
N SER A 61 -5.51 -0.72 -14.68
CA SER A 61 -5.98 0.32 -15.56
C SER A 61 -5.61 0.06 -16.98
N GLU A 62 -4.37 -0.24 -17.17
CA GLU A 62 -3.83 -0.33 -18.49
C GLU A 62 -4.27 -1.61 -19.05
N ALA A 63 -4.30 -2.58 -18.16
CA ALA A 63 -4.58 -3.90 -18.61
C ALA A 63 -6.04 -4.02 -18.90
N MET A 64 -6.83 -3.51 -17.96
CA MET A 64 -8.28 -3.47 -18.13
C MET A 64 -8.56 -2.67 -19.38
N ASP A 65 -7.64 -1.75 -19.62
CA ASP A 65 -7.75 -0.82 -20.74
C ASP A 65 -7.34 -1.47 -22.05
N ALA A 66 -6.42 -2.40 -21.95
CA ALA A 66 -5.85 -3.05 -23.11
C ALA A 66 -6.67 -4.26 -23.40
N ASN A 67 -7.48 -4.59 -22.44
CA ASN A 67 -8.27 -5.79 -22.46
C ASN A 67 -9.66 -5.48 -21.94
N ASP A 68 -10.22 -4.41 -22.48
CA ASP A 68 -11.51 -3.88 -22.04
C ASP A 68 -12.67 -4.71 -22.59
N PRO A 69 -13.45 -5.36 -21.71
CA PRO A 69 -14.68 -6.03 -22.11
C PRO A 69 -15.84 -5.04 -22.27
N ILE A 70 -15.59 -3.81 -21.87
CA ILE A 70 -16.57 -2.73 -21.99
C ILE A 70 -16.16 -1.79 -23.13
N PRO A 71 -16.94 -1.73 -24.22
CA PRO A 71 -16.55 -0.95 -25.40
C PRO A 71 -16.63 0.56 -25.17
N GLU A 72 -17.42 0.95 -24.18
CA GLU A 72 -17.43 2.32 -23.72
C GLU A 72 -16.43 2.47 -22.61
N MET A 73 -15.96 3.67 -22.47
CA MET A 73 -14.83 3.94 -21.62
C MET A 73 -15.25 4.66 -20.36
N TYR A 74 -14.74 4.19 -19.26
CA TYR A 74 -15.00 4.76 -17.96
C TYR A 74 -13.74 4.77 -17.13
N TYR A 75 -13.80 5.44 -15.99
CA TYR A 75 -12.58 5.87 -15.38
C TYR A 75 -12.15 4.92 -14.28
N LEU A 76 -10.99 4.33 -14.46
CA LEU A 76 -10.42 3.40 -13.52
C LEU A 76 -9.61 4.09 -12.44
N ASP A 77 -9.95 3.75 -11.22
CA ASP A 77 -9.38 4.36 -10.04
C ASP A 77 -8.73 3.32 -9.17
N VAL A 78 -7.45 3.51 -8.87
CA VAL A 78 -6.67 2.49 -8.21
C VAL A 78 -6.33 2.90 -6.79
N ALA A 79 -6.69 2.02 -5.89
CA ALA A 79 -6.30 2.19 -4.52
C ALA A 79 -5.80 0.92 -3.94
N SER A 80 -4.82 1.11 -3.10
CA SER A 80 -3.98 0.06 -2.67
C SER A 80 -3.11 0.63 -1.55
N PRO A 81 -3.08 -0.04 -0.39
CA PRO A 81 -2.41 0.51 0.80
C PRO A 81 -0.92 0.73 0.60
N GLY A 82 -0.35 1.56 1.45
CA GLY A 82 1.08 1.68 1.51
C GLY A 82 1.60 0.52 2.27
N ALA A 83 2.91 0.37 2.30
CA ALA A 83 3.45 -0.83 2.80
C ALA A 83 3.22 -0.87 4.28
N GLU A 84 2.60 -1.95 4.71
CA GLU A 84 2.08 -2.06 6.05
C GLU A 84 2.70 -3.22 6.84
N ARG A 85 3.81 -3.73 6.35
CA ARG A 85 4.58 -4.74 7.06
C ARG A 85 5.06 -4.23 8.41
N PRO A 86 4.84 -4.99 9.48
CA PRO A 86 5.35 -4.65 10.82
C PRO A 86 6.88 -4.49 10.82
N ILE A 87 7.35 -3.60 11.68
CA ILE A 87 8.76 -3.32 11.84
C ILE A 87 9.20 -3.83 13.18
N LYS A 88 9.79 -4.97 13.14
CA LYS A 88 10.31 -5.60 14.33
C LYS A 88 11.78 -5.85 14.20
N LYS A 89 12.08 -7.04 13.82
CA LYS A 89 13.44 -7.49 13.65
C LYS A 89 13.99 -7.05 12.29
N GLU A 90 15.29 -7.25 12.09
CA GLU A 90 16.09 -6.47 11.16
C GLU A 90 15.52 -6.44 9.74
N GLN A 91 15.28 -7.60 9.17
CA GLN A 91 14.78 -7.70 7.79
C GLN A 91 13.52 -6.90 7.56
N ASP A 92 12.68 -6.85 8.56
CA ASP A 92 11.41 -6.16 8.47
C ASP A 92 11.61 -4.67 8.50
N PHE A 93 12.49 -4.23 9.37
CA PHE A 93 12.74 -2.81 9.51
C PHE A 93 13.52 -2.30 8.33
N GLN A 94 14.37 -3.14 7.82
CA GLN A 94 15.06 -2.79 6.58
C GLN A 94 14.07 -2.88 5.48
N ASN A 95 13.21 -3.84 5.59
CA ASN A 95 12.14 -3.89 4.62
C ASN A 95 11.34 -2.59 4.74
N ALA A 96 11.44 -2.02 5.92
CA ALA A 96 10.88 -0.69 6.19
C ALA A 96 11.79 0.45 5.70
N ILE A 97 13.11 0.20 5.55
CA ILE A 97 14.03 1.29 5.23
C ILE A 97 13.66 2.05 3.98
N THR A 98 13.00 1.36 3.14
CA THR A 98 12.58 1.90 1.87
C THR A 98 11.32 2.73 2.04
N LYS A 99 10.48 2.24 2.92
CA LYS A 99 9.11 2.72 3.08
C LYS A 99 9.01 3.97 3.96
N PRO A 100 7.93 4.77 3.76
CA PRO A 100 7.40 5.65 4.79
C PRO A 100 6.70 4.82 5.87
N VAL A 101 7.06 5.04 7.14
CA VAL A 101 6.63 4.14 8.22
C VAL A 101 6.42 4.88 9.53
N PHE A 102 5.56 4.34 10.37
CA PHE A 102 5.29 4.94 11.66
C PHE A 102 5.72 4.01 12.75
N VAL A 103 6.50 4.56 13.63
CA VAL A 103 7.08 3.80 14.70
C VAL A 103 6.89 4.50 15.98
N SER A 104 6.79 3.68 16.98
CA SER A 104 6.37 4.05 18.23
C SER A 104 7.53 4.05 19.12
N LEU A 105 7.69 5.08 19.84
CA LEU A 105 8.48 4.92 20.98
C LEU A 105 7.74 5.36 22.28
N TYR A 106 8.02 4.50 23.27
CA TYR A 106 7.26 4.36 24.51
C TYR A 106 7.28 5.59 25.34
N VAL A 107 8.41 6.25 25.35
CA VAL A 107 8.56 7.38 26.20
C VAL A 107 8.09 8.58 25.42
N PRO A 108 7.17 9.35 26.00
CA PRO A 108 6.41 10.33 25.24
C PRO A 108 7.26 11.46 24.72
N ILE A 109 7.13 11.75 23.42
CA ILE A 109 7.53 13.02 22.92
C ILE A 109 6.28 13.65 22.44
N GLU A 110 5.95 14.73 23.09
CA GLU A 110 4.64 15.31 23.02
C GLU A 110 3.58 14.25 23.23
N GLY A 111 3.95 13.29 24.05
CA GLY A 111 3.00 12.32 24.45
C GLY A 111 3.00 11.06 23.59
N GLU A 112 3.77 11.09 22.50
CA GLU A 112 3.64 10.10 21.45
C GLU A 112 4.86 9.17 21.27
N LYS A 113 4.54 7.94 20.83
CA LYS A 113 5.46 6.97 20.32
C LYS A 113 5.54 6.94 18.80
N GLU A 114 4.54 7.34 18.07
CA GLU A 114 4.54 6.90 16.67
C GLU A 114 4.51 8.00 15.63
N TRP A 115 5.50 7.91 14.77
CA TRP A 115 5.73 8.82 13.66
C TRP A 115 6.01 8.11 12.36
N LEU A 116 5.30 8.53 11.33
CA LEU A 116 5.40 7.93 10.02
C LEU A 116 6.22 8.82 9.13
N GLY A 117 7.18 8.23 8.49
CA GLY A 117 7.98 8.99 7.61
C GLY A 117 8.97 8.07 6.93
N ILE A 118 9.86 8.58 6.12
CA ILE A 118 10.56 7.72 5.20
C ILE A 118 11.76 7.14 5.89
N LEU A 119 12.02 5.88 5.81
CA LEU A 119 13.29 5.48 6.37
C LEU A 119 14.42 6.01 5.56
N GLN A 120 15.24 6.77 6.22
CA GLN A 120 16.45 7.20 5.62
C GLN A 120 17.49 6.16 5.93
N GLU A 121 17.63 5.84 7.22
CA GLU A 121 18.42 4.70 7.62
C GLU A 121 18.00 4.19 8.95
N VAL A 122 18.28 2.94 9.13
CA VAL A 122 18.10 2.30 10.37
C VAL A 122 19.45 2.01 10.93
N ASN A 123 19.59 2.16 12.21
CA ASN A 123 20.70 1.50 12.81
C ASN A 123 20.22 0.38 13.72
N ASN A 124 21.15 -0.42 14.21
CA ASN A 124 20.83 -1.46 15.19
C ASN A 124 20.28 -0.81 16.45
N GLU A 125 20.67 0.44 16.65
CA GLU A 125 20.35 1.18 17.86
C GLU A 125 19.29 2.23 17.58
N THR A 126 19.28 2.72 16.34
CA THR A 126 18.48 3.88 15.99
C THR A 126 17.60 3.64 14.77
N ILE A 127 16.59 4.48 14.60
CA ILE A 127 15.68 4.38 13.48
C ILE A 127 15.53 5.78 12.97
N VAL A 128 15.74 6.03 11.69
CA VAL A 128 15.81 7.37 11.26
C VAL A 128 14.78 7.64 10.18
N VAL A 129 13.91 8.56 10.49
CA VAL A 129 12.64 8.70 9.83
C VAL A 129 12.43 10.06 9.19
N GLN A 130 12.20 10.06 7.89
CA GLN A 130 12.15 11.22 7.10
C GLN A 130 10.84 11.94 7.17
N VAL A 131 10.92 13.19 7.55
CA VAL A 131 9.82 14.08 7.29
C VAL A 131 10.17 14.88 6.07
N LYS A 132 9.20 15.05 5.22
CA LYS A 132 9.42 15.63 3.92
C LYS A 132 8.87 17.04 3.78
N ILE A 133 9.78 17.97 3.68
CA ILE A 133 9.49 19.37 3.54
C ILE A 133 9.65 19.74 2.10
N LYS A 134 8.55 19.78 1.41
CA LYS A 134 8.54 19.98 0.00
C LYS A 134 9.40 18.89 -0.65
N ALA A 135 10.62 19.28 -0.88
CA ALA A 135 11.61 18.44 -1.54
C ALA A 135 12.69 17.99 -0.54
N ARG A 136 12.49 18.30 0.73
CA ARG A 136 13.44 18.04 1.73
C ARG A 136 13.01 16.96 2.66
N THR A 137 13.93 16.12 2.94
CA THR A 137 13.76 15.13 3.96
C THR A 137 14.51 15.51 5.24
N LYS A 138 14.01 15.02 6.37
CA LYS A 138 14.76 15.00 7.58
C LYS A 138 14.46 13.71 8.28
N ASP A 139 15.51 13.03 8.57
CA ASP A 139 15.46 11.78 9.17
C ASP A 139 15.68 11.88 10.65
N ILE A 140 14.75 11.32 11.35
CA ILE A 140 14.70 11.45 12.77
C ILE A 140 15.06 10.16 13.47
N GLU A 141 16.04 10.25 14.35
CA GLU A 141 16.69 9.06 14.92
C GLU A 141 16.05 8.70 16.23
N ILE A 142 15.54 7.49 16.25
CA ILE A 142 14.80 6.96 17.37
C ILE A 142 15.56 5.82 18.04
N PRO A 143 15.83 5.94 19.35
CA PRO A 143 16.45 4.85 20.13
C PRO A 143 15.56 3.60 20.16
N ARG A 144 16.19 2.45 19.97
CA ARG A 144 15.48 1.20 19.77
C ARG A 144 15.01 0.75 21.11
N ASP A 145 15.81 1.15 22.06
CA ASP A 145 15.57 0.93 23.46
C ASP A 145 14.26 1.60 23.87
N LYS A 146 13.81 2.54 23.05
CA LYS A 146 12.62 3.32 23.36
C LYS A 146 11.44 2.84 22.57
N ILE A 147 11.73 2.03 21.59
CA ILE A 147 10.75 1.61 20.62
C ILE A 147 9.64 0.76 21.21
N ALA A 148 8.45 1.31 21.11
CA ALA A 148 7.24 0.70 21.57
C ALA A 148 6.68 -0.16 20.46
N LYS A 149 6.74 0.41 19.28
CA LYS A 149 6.11 -0.18 18.11
C LYS A 149 6.91 0.19 16.94
N ALA A 150 6.80 -0.55 15.89
CA ALA A 150 7.29 -0.07 14.60
C ALA A 150 6.50 -0.72 13.46
N ARG A 151 6.08 0.05 12.45
CA ARG A 151 5.51 -0.55 11.24
C ARG A 151 5.71 0.33 10.00
N HIS A 152 5.84 -0.31 8.82
CA HIS A 152 5.68 0.40 7.55
C HIS A 152 4.26 0.96 7.50
N ALA A 153 3.99 1.89 6.59
CA ALA A 153 2.86 2.79 6.76
C ALA A 153 2.23 3.12 5.42
N VAL A 154 1.05 3.74 5.45
CA VAL A 154 0.39 4.12 4.25
C VAL A 154 0.29 5.62 4.12
N MET A 155 0.73 6.04 2.97
CA MET A 155 0.61 7.42 2.50
C MET A 155 -0.79 7.66 2.06
N ILE A 156 -1.37 6.52 1.87
CA ILE A 156 -2.68 6.31 1.28
C ILE A 156 -2.87 7.10 -0.02
N MET A 1 -21.01 -13.10 -10.55
CA MET A 1 -21.94 -12.85 -11.67
C MET A 1 -23.27 -12.31 -11.16
N ALA A 2 -23.51 -12.45 -9.87
CA ALA A 2 -24.72 -11.91 -9.25
C ALA A 2 -24.56 -10.41 -9.00
N SER A 3 -23.45 -10.04 -8.39
CA SER A 3 -23.15 -8.65 -8.15
C SER A 3 -22.54 -8.01 -9.40
N LYS A 4 -22.95 -6.78 -9.66
CA LYS A 4 -22.45 -5.99 -10.79
C LYS A 4 -20.92 -5.84 -10.77
N ILE A 5 -20.34 -5.84 -9.58
CA ILE A 5 -18.90 -5.68 -9.42
C ILE A 5 -18.13 -6.79 -10.06
N THR A 6 -18.59 -8.01 -9.94
CA THR A 6 -17.82 -9.13 -10.41
C THR A 6 -17.44 -9.00 -11.85
N GLU A 7 -18.24 -8.31 -12.65
CA GLU A 7 -17.93 -8.16 -14.03
C GLU A 7 -16.59 -7.54 -14.13
N GLN A 8 -16.54 -6.54 -13.38
CA GLN A 8 -15.50 -5.62 -13.34
C GLN A 8 -14.36 -6.19 -12.60
N VAL A 9 -14.76 -6.80 -11.54
CA VAL A 9 -13.86 -7.22 -10.56
C VAL A 9 -13.13 -8.37 -11.16
N GLU A 10 -13.87 -9.12 -11.96
CA GLU A 10 -13.32 -10.23 -12.70
C GLU A 10 -12.43 -9.81 -13.83
N VAL A 11 -12.89 -8.90 -14.60
CA VAL A 11 -12.24 -8.70 -15.82
C VAL A 11 -10.94 -8.04 -15.56
N ILE A 12 -11.02 -7.32 -14.50
CA ILE A 12 -9.90 -6.75 -13.84
C ILE A 12 -9.17 -7.81 -13.04
N VAL A 13 -9.91 -8.81 -12.56
CA VAL A 13 -9.40 -9.86 -11.70
C VAL A 13 -8.40 -10.65 -12.48
N LYS A 14 -8.60 -10.69 -13.76
CA LYS A 14 -7.66 -11.46 -14.56
C LYS A 14 -6.31 -10.76 -14.68
N PRO A 15 -6.23 -9.57 -15.30
CA PRO A 15 -4.95 -8.92 -15.47
C PRO A 15 -4.38 -8.44 -14.14
N ILE A 16 -5.22 -7.95 -13.25
CA ILE A 16 -4.71 -7.58 -11.96
C ILE A 16 -4.39 -8.77 -11.07
N MET A 17 -5.26 -9.74 -10.88
CA MET A 17 -4.94 -10.77 -9.90
C MET A 17 -3.81 -11.61 -10.44
N GLU A 18 -3.97 -11.98 -11.68
CA GLU A 18 -2.99 -12.81 -12.34
C GLU A 18 -1.68 -12.14 -12.71
N ASP A 19 -1.75 -11.03 -13.40
CA ASP A 19 -0.62 -10.69 -14.23
C ASP A 19 0.60 -10.17 -13.48
N LEU A 20 0.38 -9.26 -12.55
CA LEU A 20 1.42 -8.84 -11.65
C LEU A 20 1.28 -9.64 -10.39
N ASN A 21 0.18 -10.39 -10.40
CA ASN A 21 -0.15 -11.33 -9.38
C ASN A 21 -0.35 -10.73 -8.02
N PHE A 22 -0.76 -9.50 -8.00
CA PHE A 22 -1.25 -8.98 -6.76
C PHE A 22 -2.76 -8.96 -6.85
N GLU A 23 -3.48 -8.92 -5.75
CA GLU A 23 -4.88 -9.28 -5.84
C GLU A 23 -5.82 -8.21 -5.40
N LEU A 24 -6.74 -8.10 -6.28
CA LEU A 24 -7.84 -7.20 -6.29
C LEU A 24 -8.83 -7.47 -5.15
N VAL A 25 -8.99 -6.50 -4.29
CA VAL A 25 -9.92 -6.63 -3.22
C VAL A 25 -11.32 -6.46 -3.77
N ASP A 26 -11.58 -5.34 -4.42
CA ASP A 26 -12.76 -5.19 -5.21
C ASP A 26 -12.67 -3.99 -6.05
N VAL A 27 -13.41 -4.03 -7.11
CA VAL A 27 -13.63 -2.87 -7.89
C VAL A 27 -15.11 -2.56 -7.90
N GLU A 28 -15.47 -1.36 -7.50
CA GLU A 28 -16.84 -1.00 -7.33
C GLU A 28 -16.98 0.25 -8.12
N TYR A 29 -18.09 0.45 -8.75
CA TYR A 29 -18.09 1.43 -9.77
C TYR A 29 -19.15 2.40 -9.52
N VAL A 30 -18.66 3.54 -9.30
CA VAL A 30 -19.41 4.52 -8.62
C VAL A 30 -19.79 5.67 -9.56
N LYS A 31 -20.89 6.35 -9.27
CA LYS A 31 -21.46 7.29 -10.22
C LYS A 31 -21.34 8.71 -9.70
N GLU A 32 -20.48 9.47 -10.37
CA GLU A 32 -20.27 10.86 -10.03
C GLU A 32 -20.63 11.73 -11.24
N GLY A 33 -21.81 12.34 -11.17
CA GLY A 33 -22.26 13.19 -12.25
C GLY A 33 -22.62 12.41 -13.50
N ARG A 34 -21.86 12.64 -14.56
CA ARG A 34 -22.12 12.04 -15.86
C ARG A 34 -21.30 10.77 -16.05
N ASP A 35 -20.32 10.60 -15.18
CA ASP A 35 -19.32 9.55 -15.37
C ASP A 35 -19.55 8.37 -14.44
N HIS A 36 -19.05 7.23 -14.87
CA HIS A 36 -18.98 6.09 -14.04
C HIS A 36 -17.55 5.91 -13.77
N PHE A 37 -17.26 5.65 -12.57
CA PHE A 37 -15.90 5.69 -12.19
C PHE A 37 -15.59 4.41 -11.43
N LEU A 38 -14.63 3.66 -11.92
CA LEU A 38 -14.46 2.30 -11.45
C LEU A 38 -13.31 2.19 -10.46
N ARG A 39 -13.68 2.10 -9.20
CA ARG A 39 -12.73 2.14 -8.10
C ARG A 39 -12.34 0.76 -7.59
N ILE A 40 -11.04 0.54 -7.52
CA ILE A 40 -10.48 -0.74 -7.10
C ILE A 40 -9.68 -0.61 -5.85
N SER A 41 -10.07 -1.41 -4.92
CA SER A 41 -9.20 -1.67 -3.85
C SER A 41 -8.43 -2.92 -4.19
N ILE A 42 -7.13 -2.80 -4.34
CA ILE A 42 -6.29 -3.98 -4.47
C ILE A 42 -5.25 -4.15 -3.37
N ASP A 43 -4.92 -5.41 -3.13
CA ASP A 43 -4.13 -5.82 -1.98
C ASP A 43 -2.99 -6.78 -2.39
N LYS A 44 -2.01 -6.90 -1.51
CA LYS A 44 -0.87 -7.80 -1.72
C LYS A 44 -0.39 -8.35 -0.39
N GLU A 45 0.23 -9.53 -0.41
CA GLU A 45 0.86 -10.08 0.77
C GLU A 45 2.00 -9.18 1.23
N GLY A 46 1.90 -8.67 2.45
CA GLY A 46 2.94 -7.83 2.99
C GLY A 46 2.72 -6.36 2.65
N GLY A 47 1.66 -6.08 1.93
CA GLY A 47 1.38 -4.72 1.51
C GLY A 47 2.00 -4.36 0.18
N VAL A 48 1.31 -3.46 -0.47
CA VAL A 48 1.66 -2.93 -1.75
C VAL A 48 2.45 -1.70 -1.58
N ASP A 49 3.45 -1.55 -2.37
CA ASP A 49 4.04 -0.27 -2.41
C ASP A 49 3.48 0.52 -3.55
N LEU A 50 3.99 1.71 -3.74
CA LEU A 50 3.38 2.71 -4.59
C LEU A 50 3.33 2.22 -5.94
N ASN A 51 4.37 1.60 -6.18
CA ASN A 51 4.74 1.17 -7.42
C ASN A 51 4.03 -0.09 -7.74
N ASP A 52 3.77 -0.84 -6.70
CA ASP A 52 2.89 -1.99 -6.81
C ASP A 52 1.45 -1.51 -7.03
N CYS A 53 1.18 -0.33 -6.52
CA CYS A 53 -0.14 0.29 -6.61
C CYS A 53 -0.26 0.73 -8.04
N THR A 54 0.84 1.31 -8.46
CA THR A 54 1.14 1.60 -9.85
C THR A 54 1.06 0.36 -10.69
N LEU A 55 1.54 -0.71 -10.15
CA LEU A 55 1.71 -1.92 -10.90
C LEU A 55 0.37 -2.52 -11.14
N ALA A 56 -0.40 -2.39 -10.12
CA ALA A 56 -1.76 -2.78 -10.17
C ALA A 56 -2.43 -1.81 -11.01
N SER A 57 -1.98 -0.58 -10.93
CA SER A 57 -2.67 0.42 -11.62
C SER A 57 -2.41 0.30 -13.09
N GLU A 58 -1.26 -0.24 -13.41
CA GLU A 58 -0.99 -0.66 -14.76
C GLU A 58 -1.99 -1.66 -15.12
N LYS A 59 -2.09 -2.57 -14.24
CA LYS A 59 -2.85 -3.76 -14.51
C LYS A 59 -4.33 -3.43 -14.58
N ILE A 60 -4.85 -2.87 -13.54
CA ILE A 60 -6.19 -2.40 -13.60
C ILE A 60 -6.32 -1.50 -14.77
N SER A 61 -5.47 -0.53 -14.88
CA SER A 61 -5.80 0.48 -15.84
C SER A 61 -5.51 0.04 -17.23
N GLU A 62 -4.30 -0.30 -17.44
CA GLU A 62 -3.80 -0.55 -18.75
C GLU A 62 -4.30 -1.89 -19.13
N ALA A 63 -4.24 -2.74 -18.14
CA ALA A 63 -4.46 -4.11 -18.41
C ALA A 63 -5.93 -4.37 -18.59
N MET A 64 -6.71 -3.82 -17.68
CA MET A 64 -8.15 -3.93 -17.78
C MET A 64 -8.55 -3.15 -19.03
N ASP A 65 -7.72 -2.18 -19.39
CA ASP A 65 -7.95 -1.40 -20.61
C ASP A 65 -7.61 -2.22 -21.84
N ALA A 66 -6.68 -3.14 -21.65
CA ALA A 66 -6.17 -3.98 -22.72
C ALA A 66 -7.04 -5.18 -22.80
N ASN A 67 -7.86 -5.29 -21.79
CA ASN A 67 -8.76 -6.39 -21.65
C ASN A 67 -10.14 -5.87 -21.23
N ASP A 68 -10.54 -4.84 -21.95
CA ASP A 68 -11.79 -4.13 -21.72
C ASP A 68 -13.01 -4.88 -22.26
N PRO A 69 -13.88 -5.41 -21.38
CA PRO A 69 -15.15 -6.02 -21.78
C PRO A 69 -16.28 -5.01 -21.97
N ILE A 70 -16.02 -3.77 -21.58
CA ILE A 70 -17.06 -2.74 -21.51
C ILE A 70 -16.95 -1.78 -22.70
N PRO A 71 -17.93 -1.77 -23.61
CA PRO A 71 -17.82 -1.01 -24.86
C PRO A 71 -17.88 0.50 -24.62
N GLU A 72 -18.45 0.92 -23.50
CA GLU A 72 -18.34 2.30 -23.07
C GLU A 72 -17.15 2.45 -22.18
N MET A 73 -16.65 3.65 -22.17
CA MET A 73 -15.43 3.97 -21.52
C MET A 73 -15.67 4.71 -20.22
N TYR A 74 -15.00 4.28 -19.20
CA TYR A 74 -15.14 4.85 -17.88
C TYR A 74 -13.79 4.94 -17.21
N TYR A 75 -13.74 5.62 -16.08
CA TYR A 75 -12.47 5.98 -15.55
C TYR A 75 -12.05 5.00 -14.46
N LEU A 76 -10.94 4.35 -14.71
CA LEU A 76 -10.40 3.37 -13.81
C LEU A 76 -9.58 4.01 -12.71
N ASP A 77 -9.95 3.64 -11.50
CA ASP A 77 -9.37 4.20 -10.32
C ASP A 77 -8.74 3.11 -9.49
N VAL A 78 -7.46 3.24 -9.25
CA VAL A 78 -6.70 2.21 -8.61
C VAL A 78 -6.20 2.65 -7.27
N ALA A 79 -6.60 1.90 -6.26
CA ALA A 79 -6.17 2.17 -4.93
C ALA A 79 -5.75 0.93 -4.22
N SER A 80 -4.77 1.13 -3.38
CA SER A 80 -4.01 0.05 -2.85
C SER A 80 -3.21 0.58 -1.67
N PRO A 81 -3.59 0.19 -0.43
CA PRO A 81 -2.99 0.70 0.79
C PRO A 81 -1.57 0.18 1.00
N GLY A 82 -0.69 1.08 1.41
CA GLY A 82 0.62 0.67 1.83
C GLY A 82 0.49 0.04 3.17
N ALA A 83 1.54 -0.57 3.68
CA ALA A 83 1.36 -1.48 4.73
C ALA A 83 0.95 -0.71 5.95
N GLU A 84 -0.17 -1.10 6.50
CA GLU A 84 -0.80 -0.35 7.56
C GLU A 84 -0.94 -1.21 8.82
N ARG A 85 -0.12 -2.25 8.83
CA ARG A 85 0.02 -3.17 9.96
C ARG A 85 0.48 -2.42 11.21
N PRO A 86 -0.19 -2.61 12.35
CA PRO A 86 0.25 -1.98 13.60
C PRO A 86 1.69 -2.34 14.00
N ILE A 87 2.34 -1.39 14.64
CA ILE A 87 3.70 -1.52 15.14
C ILE A 87 3.63 -1.58 16.64
N LYS A 88 3.82 -2.75 17.14
CA LYS A 88 3.81 -3.00 18.55
C LYS A 88 5.12 -3.55 19.01
N LYS A 89 5.18 -4.86 19.03
CA LYS A 89 6.35 -5.57 19.53
C LYS A 89 7.39 -5.71 18.41
N GLU A 90 8.59 -6.17 18.77
CA GLU A 90 9.78 -6.02 17.93
C GLU A 90 9.63 -6.56 16.50
N GLN A 91 9.21 -7.80 16.35
CA GLN A 91 9.08 -8.40 15.02
C GLN A 91 8.22 -7.57 14.11
N ASP A 92 7.18 -7.00 14.66
CA ASP A 92 6.21 -6.23 13.88
C ASP A 92 6.75 -4.90 13.50
N PHE A 93 7.48 -4.29 14.40
CA PHE A 93 8.08 -3.02 14.11
C PHE A 93 9.21 -3.21 13.13
N GLN A 94 9.87 -4.33 13.27
CA GLN A 94 10.91 -4.66 12.33
C GLN A 94 10.26 -5.02 11.05
N ASN A 95 9.14 -5.70 11.17
CA ASN A 95 8.41 -6.04 9.98
C ASN A 95 7.91 -4.77 9.34
N ALA A 96 7.74 -3.78 10.19
CA ALA A 96 7.46 -2.41 9.77
C ALA A 96 8.64 -1.76 9.06
N ILE A 97 9.87 -2.10 9.47
CA ILE A 97 11.05 -1.42 8.97
C ILE A 97 11.22 -1.43 7.47
N THR A 98 10.65 -2.39 6.86
CA THR A 98 10.73 -2.49 5.42
C THR A 98 10.00 -1.30 4.78
N LYS A 99 8.86 -0.98 5.39
CA LYS A 99 7.97 0.06 4.93
C LYS A 99 8.41 1.46 5.42
N PRO A 100 7.97 2.53 4.74
CA PRO A 100 7.79 3.84 5.38
C PRO A 100 6.63 3.79 6.36
N VAL A 101 6.86 4.24 7.60
CA VAL A 101 5.93 3.96 8.71
C VAL A 101 5.79 5.15 9.62
N PHE A 102 4.66 5.22 10.34
CA PHE A 102 4.41 6.35 11.22
C PHE A 102 4.18 5.88 12.63
N VAL A 103 4.98 6.44 13.51
CA VAL A 103 4.97 6.09 14.89
C VAL A 103 4.91 7.28 15.73
N SER A 104 4.29 7.06 16.84
CA SER A 104 3.88 8.01 17.73
C SER A 104 4.79 8.00 18.85
N LEU A 105 5.29 9.11 19.18
CA LEU A 105 5.90 9.18 20.42
C LEU A 105 5.30 10.28 21.31
N TYR A 106 5.19 9.83 22.57
CA TYR A 106 4.43 10.47 23.64
C TYR A 106 5.04 11.79 23.99
N VAL A 107 6.34 11.84 23.93
CA VAL A 107 7.03 13.05 24.29
C VAL A 107 7.12 13.85 23.01
N PRO A 108 6.65 15.09 23.07
CA PRO A 108 6.28 15.83 21.86
C PRO A 108 7.46 16.30 21.05
N ILE A 109 7.40 16.03 19.75
CA ILE A 109 8.24 16.73 18.82
C ILE A 109 7.33 17.59 18.02
N GLU A 110 7.52 18.86 18.24
CA GLU A 110 6.57 19.86 17.82
C GLU A 110 5.18 19.50 18.22
N GLY A 111 5.10 18.83 19.37
CA GLY A 111 3.83 18.56 19.94
C GLY A 111 3.27 17.19 19.56
N GLU A 112 3.96 16.52 18.65
CA GLU A 112 3.41 15.32 18.00
C GLU A 112 4.19 14.03 18.34
N LYS A 113 3.45 12.92 18.32
CA LYS A 113 3.97 11.61 18.43
C LYS A 113 4.20 10.93 17.09
N GLU A 114 3.52 11.24 16.02
CA GLU A 114 3.55 10.25 14.96
C GLU A 114 4.12 10.75 13.64
N TRP A 115 5.16 10.05 13.21
CA TRP A 115 5.91 10.38 12.02
C TRP A 115 6.15 9.20 11.13
N LEU A 116 5.84 9.41 9.87
CA LEU A 116 5.96 8.40 8.84
C LEU A 116 7.16 8.67 8.00
N GLY A 117 7.94 7.67 7.78
CA GLY A 117 9.05 7.82 6.91
C GLY A 117 9.74 6.50 6.75
N ILE A 118 10.85 6.40 6.04
CA ILE A 118 11.22 5.08 5.57
C ILE A 118 12.01 4.38 6.63
N LEU A 119 11.63 3.21 7.05
CA LEU A 119 12.45 2.58 8.03
C LEU A 119 13.71 2.07 7.40
N GLN A 120 14.83 2.56 7.85
CA GLN A 120 16.09 2.05 7.38
C GLN A 120 16.67 1.03 8.34
N GLU A 121 16.77 1.39 9.60
CA GLU A 121 17.35 0.47 10.56
C GLU A 121 16.56 0.47 11.84
N VAL A 122 16.58 -0.65 12.49
CA VAL A 122 15.82 -0.84 13.67
C VAL A 122 16.66 -1.38 14.76
N ASN A 123 16.41 -0.90 15.92
CA ASN A 123 16.89 -1.61 17.06
C ASN A 123 15.74 -2.13 17.91
N ASN A 124 16.05 -2.89 18.96
CA ASN A 124 15.03 -3.35 19.90
C ASN A 124 14.39 -2.17 20.63
N GLU A 125 15.14 -1.09 20.71
CA GLU A 125 14.72 0.10 21.43
C GLU A 125 14.34 1.19 20.45
N THR A 126 14.94 1.16 19.27
CA THR A 126 14.84 2.28 18.37
C THR A 126 14.37 1.89 16.98
N ILE A 127 13.88 2.87 16.26
CA ILE A 127 13.32 2.67 14.93
C ILE A 127 13.77 3.85 14.12
N VAL A 128 14.38 3.64 12.99
CA VAL A 128 15.03 4.71 12.34
C VAL A 128 14.36 5.03 11.03
N VAL A 129 13.90 6.25 10.97
CA VAL A 129 12.89 6.64 10.03
C VAL A 129 13.37 7.76 9.12
N GLN A 130 13.33 7.45 7.83
CA GLN A 130 13.85 8.27 6.81
C GLN A 130 12.93 9.39 6.43
N VAL A 131 13.45 10.58 6.52
CA VAL A 131 12.83 11.65 5.82
C VAL A 131 13.61 11.85 4.56
N LYS A 132 12.88 12.03 3.49
CA LYS A 132 13.47 12.07 2.18
C LYS A 132 13.42 13.45 1.55
N ILE A 133 14.59 14.02 1.41
CA ILE A 133 14.74 15.31 0.80
C ILE A 133 15.17 15.09 -0.62
N LYS A 134 14.19 15.13 -1.49
CA LYS A 134 14.39 14.78 -2.85
C LYS A 134 14.98 13.37 -2.91
N ALA A 135 16.28 13.37 -3.00
CA ALA A 135 17.07 12.16 -3.15
C ALA A 135 17.84 11.86 -1.86
N ARG A 136 17.58 12.62 -0.81
CA ARG A 136 18.29 12.50 0.41
C ARG A 136 17.44 11.92 1.50
N THR A 137 18.01 11.00 2.18
CA THR A 137 17.38 10.44 3.36
C THR A 137 18.01 10.94 4.65
N LYS A 138 17.22 10.95 5.71
CA LYS A 138 17.72 11.12 7.03
C LYS A 138 16.94 10.20 7.93
N ASP A 139 17.69 9.47 8.68
CA ASP A 139 17.24 8.46 9.50
C ASP A 139 17.07 8.95 10.91
N ILE A 140 15.88 8.81 11.38
CA ILE A 140 15.57 9.27 12.70
C ILE A 140 15.25 8.13 13.63
N GLU A 141 15.96 8.05 14.72
CA GLU A 141 15.79 6.91 15.61
C GLU A 141 14.82 7.26 16.70
N ILE A 142 13.74 6.53 16.64
CA ILE A 142 12.62 6.68 17.55
C ILE A 142 12.78 5.79 18.78
N PRO A 143 12.86 6.38 19.98
CA PRO A 143 12.93 5.62 21.23
C PRO A 143 11.60 4.95 21.55
N ARG A 144 11.67 3.68 21.91
CA ARG A 144 10.50 2.84 22.09
C ARG A 144 9.90 3.23 23.40
N ASP A 145 10.81 3.64 24.24
CA ASP A 145 10.50 4.21 25.53
C ASP A 145 9.62 5.43 25.37
N LYS A 146 9.67 6.02 24.19
CA LYS A 146 8.95 7.26 23.93
C LYS A 146 7.70 6.99 23.13
N ILE A 147 7.60 5.79 22.62
CA ILE A 147 6.57 5.47 21.66
C ILE A 147 5.20 5.32 22.29
N ALA A 148 4.32 6.17 21.82
CA ALA A 148 2.96 6.24 22.24
C ALA A 148 2.16 5.28 21.41
N LYS A 149 2.47 5.30 20.14
CA LYS A 149 1.73 4.58 19.15
C LYS A 149 2.68 4.19 18.07
N ALA A 150 2.42 3.15 17.37
CA ALA A 150 3.23 2.83 16.22
C ALA A 150 2.45 2.08 15.15
N ARG A 151 2.62 2.44 13.86
CA ARG A 151 2.08 1.60 12.79
C ARG A 151 2.88 1.74 11.48
N HIS A 152 2.88 0.64 10.69
CA HIS A 152 3.25 0.71 9.27
C HIS A 152 2.28 1.69 8.61
N ALA A 153 2.59 2.20 7.42
CA ALA A 153 1.95 3.43 6.98
C ALA A 153 1.67 3.46 5.49
N VAL A 154 0.84 4.42 5.08
CA VAL A 154 0.58 4.68 3.71
C VAL A 154 1.08 6.06 3.35
N MET A 155 1.84 6.08 2.30
CA MET A 155 2.26 7.34 1.71
C MET A 155 1.04 8.01 1.18
N ILE A 156 0.42 7.31 0.24
CA ILE A 156 -0.93 7.55 -0.18
C ILE A 156 -1.27 6.64 -1.36
N MET A 1 -23.26 -14.04 -11.30
CA MET A 1 -22.74 -12.71 -10.88
C MET A 1 -23.90 -11.74 -10.70
N ALA A 2 -24.35 -11.59 -9.47
CA ALA A 2 -25.49 -10.71 -9.18
C ALA A 2 -25.05 -9.26 -9.05
N SER A 3 -24.03 -9.02 -8.25
CA SER A 3 -23.51 -7.68 -8.06
C SER A 3 -22.66 -7.26 -9.25
N LYS A 4 -22.83 -6.00 -9.66
CA LYS A 4 -22.13 -5.43 -10.81
C LYS A 4 -20.62 -5.54 -10.65
N ILE A 5 -20.16 -5.47 -9.41
CA ILE A 5 -18.74 -5.50 -9.11
C ILE A 5 -18.08 -6.76 -9.55
N THR A 6 -18.73 -7.88 -9.34
CA THR A 6 -18.11 -9.14 -9.61
C THR A 6 -17.63 -9.23 -11.03
N GLU A 7 -18.31 -8.55 -11.93
CA GLU A 7 -17.95 -8.56 -13.30
C GLU A 7 -16.58 -8.03 -13.43
N GLN A 8 -16.49 -6.95 -12.80
CA GLN A 8 -15.45 -6.04 -12.88
C GLN A 8 -14.30 -6.55 -12.11
N VAL A 9 -14.70 -7.05 -10.98
CA VAL A 9 -13.79 -7.39 -9.98
C VAL A 9 -13.07 -8.58 -10.50
N GLU A 10 -13.85 -9.39 -11.19
CA GLU A 10 -13.35 -10.58 -11.80
C GLU A 10 -12.44 -10.29 -12.96
N VAL A 11 -12.93 -9.49 -13.84
CA VAL A 11 -12.36 -9.44 -15.12
C VAL A 11 -11.08 -8.74 -15.07
N ILE A 12 -11.11 -7.86 -14.15
CA ILE A 12 -9.98 -7.10 -13.75
C ILE A 12 -9.10 -7.92 -12.83
N VAL A 13 -9.69 -8.81 -12.04
CA VAL A 13 -8.93 -9.55 -11.09
C VAL A 13 -8.08 -10.54 -11.79
N LYS A 14 -8.51 -10.94 -12.94
CA LYS A 14 -7.70 -11.93 -13.65
C LYS A 14 -6.40 -11.33 -14.20
N PRO A 15 -6.45 -10.34 -15.10
CA PRO A 15 -5.25 -9.69 -15.56
C PRO A 15 -4.51 -9.03 -14.43
N ILE A 16 -5.22 -8.46 -13.45
CA ILE A 16 -4.51 -7.89 -12.34
C ILE A 16 -3.88 -8.95 -11.41
N MET A 17 -4.64 -9.95 -10.95
CA MET A 17 -4.10 -10.87 -9.95
C MET A 17 -3.00 -11.64 -10.57
N GLU A 18 -3.20 -12.00 -11.80
CA GLU A 18 -2.15 -12.71 -12.52
C GLU A 18 -0.95 -11.89 -12.90
N ASP A 19 -1.16 -10.78 -13.60
CA ASP A 19 -0.06 -10.33 -14.42
C ASP A 19 1.06 -9.63 -13.66
N LEU A 20 0.70 -8.70 -12.79
CA LEU A 20 1.65 -8.10 -11.89
C LEU A 20 1.56 -8.83 -10.59
N ASN A 21 0.62 -9.77 -10.63
CA ASN A 21 0.30 -10.65 -9.55
C ASN A 21 -0.24 -9.98 -8.32
N PHE A 22 -0.90 -8.87 -8.48
CA PHE A 22 -1.63 -8.35 -7.36
C PHE A 22 -3.12 -8.56 -7.59
N GLU A 23 -3.89 -8.69 -6.54
CA GLU A 23 -5.24 -9.17 -6.66
C GLU A 23 -6.27 -8.20 -6.15
N LEU A 24 -7.32 -8.13 -6.93
CA LEU A 24 -8.45 -7.30 -6.72
C LEU A 24 -9.21 -7.66 -5.47
N VAL A 25 -9.23 -6.74 -4.52
CA VAL A 25 -10.02 -6.93 -3.34
C VAL A 25 -11.46 -6.68 -3.70
N ASP A 26 -11.74 -5.50 -4.25
CA ASP A 26 -12.96 -5.26 -4.91
C ASP A 26 -12.89 -4.02 -5.70
N VAL A 27 -13.62 -4.02 -6.76
CA VAL A 27 -13.79 -2.84 -7.52
C VAL A 27 -15.27 -2.50 -7.52
N GLU A 28 -15.59 -1.32 -7.07
CA GLU A 28 -16.94 -0.97 -6.81
C GLU A 28 -17.04 0.34 -7.47
N TYR A 29 -18.08 0.63 -8.14
CA TYR A 29 -17.91 1.65 -9.06
C TYR A 29 -19.00 2.62 -9.00
N VAL A 30 -18.54 3.79 -8.98
CA VAL A 30 -19.25 4.86 -8.40
C VAL A 30 -19.64 5.87 -9.47
N LYS A 31 -20.72 6.60 -9.27
CA LYS A 31 -21.18 7.47 -10.33
C LYS A 31 -20.98 8.92 -9.92
N GLU A 32 -20.04 9.55 -10.59
CA GLU A 32 -19.66 10.92 -10.32
C GLU A 32 -20.06 11.78 -11.51
N GLY A 33 -21.14 12.51 -11.35
CA GLY A 33 -21.70 13.29 -12.44
C GLY A 33 -22.32 12.40 -13.49
N ARG A 34 -21.77 12.44 -14.70
CA ARG A 34 -22.31 11.65 -15.81
C ARG A 34 -21.53 10.36 -16.01
N ASP A 35 -20.34 10.30 -15.42
CA ASP A 35 -19.45 9.16 -15.66
C ASP A 35 -19.40 8.27 -14.44
N HIS A 36 -19.12 6.99 -14.65
CA HIS A 36 -19.03 6.07 -13.56
C HIS A 36 -17.59 5.67 -13.44
N PHE A 37 -17.16 5.49 -12.25
CA PHE A 37 -15.79 5.48 -11.94
C PHE A 37 -15.50 4.18 -11.23
N LEU A 38 -14.57 3.40 -11.70
CA LEU A 38 -14.43 2.07 -11.13
C LEU A 38 -13.34 2.03 -10.11
N ARG A 39 -13.76 2.05 -8.86
CA ARG A 39 -12.85 2.14 -7.73
C ARG A 39 -12.47 0.79 -7.16
N ILE A 40 -11.18 0.58 -7.03
CA ILE A 40 -10.63 -0.69 -6.63
C ILE A 40 -9.87 -0.63 -5.36
N SER A 41 -10.28 -1.48 -4.48
CA SER A 41 -9.44 -1.82 -3.41
C SER A 41 -8.67 -3.05 -3.86
N ILE A 42 -7.38 -2.92 -3.94
CA ILE A 42 -6.53 -4.06 -4.30
C ILE A 42 -5.65 -4.52 -3.16
N ASP A 43 -5.30 -5.81 -3.16
CA ASP A 43 -4.40 -6.33 -2.16
C ASP A 43 -3.33 -7.26 -2.75
N LYS A 44 -2.25 -7.41 -1.99
CA LYS A 44 -1.25 -8.45 -2.20
C LYS A 44 -0.62 -8.83 -0.87
N GLU A 45 -0.11 -10.05 -0.77
CA GLU A 45 0.63 -10.49 0.40
C GLU A 45 1.88 -9.64 0.62
N GLY A 46 2.01 -9.05 1.79
CA GLY A 46 3.18 -8.25 2.11
C GLY A 46 2.97 -6.77 1.82
N GLY A 47 1.85 -6.43 1.24
CA GLY A 47 1.53 -5.05 0.97
C GLY A 47 2.01 -4.56 -0.37
N VAL A 48 1.25 -3.64 -0.88
CA VAL A 48 1.45 -2.98 -2.13
C VAL A 48 2.19 -1.72 -1.92
N ASP A 49 3.13 -1.43 -2.75
CA ASP A 49 3.58 -0.10 -2.72
C ASP A 49 2.90 0.72 -3.79
N LEU A 50 3.29 1.94 -3.87
CA LEU A 50 2.57 2.96 -4.59
C LEU A 50 2.65 2.67 -6.01
N ASN A 51 3.79 2.20 -6.29
CA ASN A 51 4.20 1.88 -7.58
C ASN A 51 3.60 0.59 -7.96
N ASP A 52 3.41 -0.23 -6.97
CA ASP A 52 2.67 -1.46 -7.15
C ASP A 52 1.20 -1.13 -7.36
N CYS A 53 0.80 -0.01 -6.80
CA CYS A 53 -0.57 0.47 -6.88
C CYS A 53 -0.72 0.99 -8.27
N THR A 54 0.33 1.69 -8.65
CA THR A 54 0.59 2.09 -10.02
C THR A 54 0.61 0.89 -10.93
N LEU A 55 1.20 -0.16 -10.45
CA LEU A 55 1.45 -1.33 -11.25
C LEU A 55 0.16 -2.04 -11.46
N ALA A 56 -0.60 -1.95 -10.43
CA ALA A 56 -1.91 -2.43 -10.44
C ALA A 56 -2.67 -1.53 -11.29
N SER A 57 -2.33 -0.28 -11.23
CA SER A 57 -3.11 0.68 -11.93
C SER A 57 -2.86 0.54 -13.41
N GLU A 58 -1.68 0.09 -13.74
CA GLU A 58 -1.38 -0.35 -15.07
C GLU A 58 -2.27 -1.49 -15.36
N LYS A 59 -2.27 -2.36 -14.45
CA LYS A 59 -2.92 -3.59 -14.67
C LYS A 59 -4.42 -3.42 -14.72
N ILE A 60 -5.01 -2.97 -13.66
CA ILE A 60 -6.39 -2.61 -13.71
C ILE A 60 -6.64 -1.70 -14.87
N SER A 61 -5.91 -0.65 -14.99
CA SER A 61 -6.37 0.30 -15.96
C SER A 61 -6.00 -0.08 -17.34
N GLU A 62 -4.76 -0.29 -17.51
CA GLU A 62 -4.18 -0.45 -18.80
C GLU A 62 -4.48 -1.82 -19.22
N ALA A 63 -4.46 -2.70 -18.24
CA ALA A 63 -4.63 -4.08 -18.55
C ALA A 63 -6.07 -4.36 -18.83
N MET A 64 -6.92 -3.81 -17.95
CA MET A 64 -8.37 -3.94 -18.16
C MET A 64 -8.67 -3.30 -19.49
N ASP A 65 -7.82 -2.32 -19.81
CA ASP A 65 -7.95 -1.54 -21.04
C ASP A 65 -7.42 -2.30 -22.24
N ALA A 66 -6.46 -3.17 -21.96
CA ALA A 66 -5.78 -3.93 -23.01
C ALA A 66 -6.56 -5.17 -23.24
N ASN A 67 -7.46 -5.39 -22.31
CA ASN A 67 -8.28 -6.54 -22.29
C ASN A 67 -9.69 -6.10 -21.94
N ASP A 68 -10.08 -5.07 -22.67
CA ASP A 68 -11.33 -4.35 -22.45
C ASP A 68 -12.57 -5.09 -22.96
N PRO A 69 -13.44 -5.54 -22.05
CA PRO A 69 -14.75 -6.08 -22.41
C PRO A 69 -15.84 -5.00 -22.59
N ILE A 70 -15.50 -3.77 -22.22
CA ILE A 70 -16.48 -2.68 -22.17
C ILE A 70 -16.31 -1.71 -23.34
N PRO A 71 -17.26 -1.64 -24.28
CA PRO A 71 -17.09 -0.81 -25.48
C PRO A 71 -17.12 0.68 -25.16
N GLU A 72 -17.71 1.02 -24.02
CA GLU A 72 -17.61 2.36 -23.48
C GLU A 72 -16.43 2.45 -22.55
N MET A 73 -15.94 3.65 -22.39
CA MET A 73 -14.76 3.88 -21.62
C MET A 73 -15.08 4.64 -20.36
N TYR A 74 -14.63 4.11 -19.27
CA TYR A 74 -14.76 4.73 -17.98
C TYR A 74 -13.52 4.51 -17.15
N TYR A 75 -13.45 5.20 -16.02
CA TYR A 75 -12.18 5.48 -15.44
C TYR A 75 -11.86 4.51 -14.32
N LEU A 76 -10.72 3.85 -14.45
CA LEU A 76 -10.24 2.92 -13.47
C LEU A 76 -9.48 3.64 -12.38
N ASP A 77 -9.94 3.41 -11.18
CA ASP A 77 -9.42 4.09 -10.01
C ASP A 77 -8.80 3.07 -9.08
N VAL A 78 -7.53 3.26 -8.77
CA VAL A 78 -6.75 2.26 -8.09
C VAL A 78 -6.39 2.69 -6.69
N ALA A 79 -6.80 1.89 -5.72
CA ALA A 79 -6.41 2.11 -4.36
C ALA A 79 -5.98 0.83 -3.72
N SER A 80 -5.01 0.95 -2.87
CA SER A 80 -4.26 -0.17 -2.44
C SER A 80 -3.41 0.20 -1.22
N PRO A 81 -3.80 -0.29 -0.03
CA PRO A 81 -3.11 0.02 1.22
C PRO A 81 -1.75 -0.66 1.34
N GLY A 82 -0.86 -0.02 2.09
CA GLY A 82 0.39 -0.64 2.45
C GLY A 82 0.11 -1.66 3.51
N ALA A 83 1.08 -2.46 3.89
CA ALA A 83 0.75 -3.65 4.58
C ALA A 83 0.21 -3.30 5.93
N GLU A 84 -1.00 -3.75 6.16
CA GLU A 84 -1.81 -3.23 7.24
C GLU A 84 -2.23 -4.33 8.21
N ARG A 85 -1.55 -5.46 8.14
CA ARG A 85 -1.74 -6.54 9.11
C ARG A 85 -1.31 -6.12 10.51
N PRO A 86 -2.23 -6.13 11.48
CA PRO A 86 -1.92 -5.75 12.86
C PRO A 86 -0.81 -6.60 13.47
N ILE A 87 -0.06 -6.03 14.40
CA ILE A 87 1.06 -6.70 15.01
C ILE A 87 0.69 -7.06 16.42
N LYS A 88 0.35 -8.29 16.57
CA LYS A 88 -0.03 -8.85 17.85
C LYS A 88 0.89 -9.98 18.22
N LYS A 89 0.46 -11.16 17.90
CA LYS A 89 1.21 -12.36 18.26
C LYS A 89 2.30 -12.66 17.22
N GLU A 90 3.24 -13.51 17.60
CA GLU A 90 4.58 -13.53 17.01
C GLU A 90 4.61 -13.70 15.49
N GLN A 91 4.03 -14.77 14.96
CA GLN A 91 4.11 -15.05 13.52
C GLN A 91 3.60 -13.91 12.66
N ASP A 92 2.51 -13.32 13.10
CA ASP A 92 1.84 -12.24 12.37
C ASP A 92 2.59 -10.96 12.59
N PHE A 93 3.09 -10.84 13.79
CA PHE A 93 3.86 -9.70 14.20
C PHE A 93 5.11 -9.64 13.38
N GLN A 94 5.73 -10.79 13.24
CA GLN A 94 6.91 -10.91 12.42
C GLN A 94 6.51 -10.85 10.99
N ASN A 95 5.38 -11.47 10.70
CA ASN A 95 4.92 -11.43 9.34
C ASN A 95 4.72 -9.98 8.96
N ALA A 96 4.44 -9.21 9.98
CA ALA A 96 4.38 -7.76 9.89
C ALA A 96 5.75 -7.07 9.91
N ILE A 97 6.75 -7.63 10.61
CA ILE A 97 8.00 -6.96 10.78
C ILE A 97 8.73 -6.59 9.49
N THR A 98 8.76 -7.46 8.54
CA THR A 98 9.67 -7.33 7.40
C THR A 98 9.51 -5.98 6.67
N LYS A 99 8.30 -5.48 6.67
CA LYS A 99 7.96 -4.16 6.16
C LYS A 99 8.25 -3.04 7.18
N PRO A 100 8.31 -1.78 6.72
CA PRO A 100 8.17 -0.62 7.63
C PRO A 100 6.80 -0.66 8.33
N VAL A 101 6.81 -0.54 9.66
CA VAL A 101 5.60 -0.70 10.48
C VAL A 101 5.68 0.19 11.71
N PHE A 102 4.54 0.53 12.30
CA PHE A 102 4.54 1.38 13.49
C PHE A 102 4.00 0.67 14.68
N VAL A 103 4.77 0.74 15.72
CA VAL A 103 4.45 0.12 16.96
C VAL A 103 4.55 1.09 18.05
N SER A 104 3.74 0.82 19.02
CA SER A 104 3.40 1.68 20.03
C SER A 104 4.06 1.25 21.24
N LEU A 105 4.74 2.12 21.86
CA LEU A 105 5.15 1.85 23.14
C LEU A 105 4.65 2.90 24.16
N TYR A 106 4.25 2.31 25.29
CA TYR A 106 3.50 2.94 26.37
C TYR A 106 4.37 3.90 27.12
N VAL A 107 5.62 3.53 27.25
CA VAL A 107 6.54 4.38 27.94
C VAL A 107 7.12 5.30 26.89
N PRO A 108 7.04 6.60 27.14
CA PRO A 108 7.12 7.60 26.08
C PRO A 108 8.49 7.70 25.44
N ILE A 109 8.51 7.65 24.12
CA ILE A 109 9.65 8.13 23.38
C ILE A 109 9.16 9.34 22.66
N GLU A 110 9.72 10.43 23.07
CA GLU A 110 9.21 11.73 22.74
C GLU A 110 7.72 11.82 22.98
N GLY A 111 7.29 11.10 24.01
CA GLY A 111 5.93 11.19 24.42
C GLY A 111 5.03 10.18 23.72
N GLU A 112 5.60 9.48 22.76
CA GLU A 112 4.85 8.67 21.81
C GLU A 112 5.14 7.16 21.96
N LYS A 113 4.12 6.37 21.58
CA LYS A 113 4.21 4.97 21.46
C LYS A 113 4.51 4.51 20.05
N GLU A 114 4.21 5.23 19.02
CA GLU A 114 4.22 4.51 17.75
C GLU A 114 5.15 5.08 16.71
N TRP A 115 6.01 4.17 16.26
CA TRP A 115 7.08 4.45 15.34
C TRP A 115 7.11 3.45 14.22
N LEU A 116 7.15 3.98 13.01
CA LEU A 116 7.09 3.18 11.81
C LEU A 116 8.45 3.10 11.19
N GLY A 117 8.84 1.92 10.87
CA GLY A 117 10.06 1.77 10.15
C GLY A 117 10.29 0.32 9.87
N ILE A 118 11.38 -0.07 9.25
CA ILE A 118 11.39 -1.40 8.64
C ILE A 118 11.86 -2.39 9.66
N LEU A 119 11.17 -3.44 9.88
CA LEU A 119 11.76 -4.38 10.83
C LEU A 119 12.92 -5.10 10.21
N GLN A 120 14.04 -4.95 10.83
CA GLN A 120 15.21 -5.63 10.38
C GLN A 120 15.32 -6.96 11.09
N GLU A 121 15.18 -6.94 12.41
CA GLU A 121 15.14 -8.19 13.13
C GLU A 121 14.24 -8.09 14.32
N VAL A 122 13.73 -9.24 14.67
CA VAL A 122 12.86 -9.40 15.77
C VAL A 122 13.58 -10.13 16.85
N ASN A 123 13.47 -9.70 18.06
CA ASN A 123 13.74 -10.64 19.09
C ASN A 123 12.47 -10.94 19.88
N ASN A 124 12.52 -11.93 20.75
CA ASN A 124 11.39 -12.26 21.62
C ASN A 124 11.15 -11.13 22.61
N GLU A 125 12.19 -10.36 22.85
CA GLU A 125 12.16 -9.26 23.80
C GLU A 125 12.09 -7.94 23.06
N THR A 126 12.67 -7.91 21.86
CA THR A 126 12.91 -6.68 21.16
C THR A 126 12.41 -6.70 19.73
N ILE A 127 12.24 -5.53 19.15
CA ILE A 127 11.77 -5.43 17.78
C ILE A 127 12.57 -4.33 17.14
N VAL A 128 13.17 -4.58 16.01
CA VAL A 128 14.17 -3.69 15.57
C VAL A 128 13.78 -3.03 14.26
N VAL A 129 13.67 -1.73 14.33
CA VAL A 129 12.92 -0.95 13.38
C VAL A 129 13.75 0.11 12.67
N GLN A 130 13.78 0.01 11.35
CA GLN A 130 14.63 0.80 10.51
C GLN A 130 14.08 2.19 10.24
N VAL A 131 14.87 3.16 10.63
CA VAL A 131 14.65 4.53 10.23
C VAL A 131 15.65 4.91 9.16
N LYS A 132 15.20 5.68 8.19
CA LYS A 132 16.02 6.02 7.04
C LYS A 132 16.57 7.45 7.05
N ILE A 133 17.87 7.52 7.21
CA ILE A 133 18.60 8.77 7.19
C ILE A 133 19.24 8.90 5.84
N LYS A 134 18.59 9.65 4.99
CA LYS A 134 19.00 9.77 3.63
C LYS A 134 19.04 8.38 3.01
N ALA A 135 20.23 7.84 3.03
CA ALA A 135 20.54 6.55 2.43
C ALA A 135 20.84 5.52 3.52
N ARG A 136 20.64 5.89 4.77
CA ARG A 136 20.97 5.11 5.89
C ARG A 136 19.76 4.60 6.59
N THR A 137 19.84 3.37 6.93
CA THR A 137 18.87 2.77 7.83
C THR A 137 19.44 2.60 9.22
N LYS A 138 18.58 2.63 10.22
CA LYS A 138 18.94 2.30 11.55
C LYS A 138 17.80 1.52 12.15
N ASP A 139 18.11 0.38 12.67
CA ASP A 139 17.18 -0.47 13.25
C ASP A 139 17.17 -0.28 14.75
N ILE A 140 16.02 0.07 15.22
CA ILE A 140 15.84 0.45 16.59
C ILE A 140 15.12 -0.61 17.37
N GLU A 141 15.70 -1.03 18.47
CA GLU A 141 15.16 -2.19 19.16
C GLU A 141 14.21 -1.75 20.25
N ILE A 142 12.98 -2.15 20.00
CA ILE A 142 11.84 -1.83 20.85
C ILE A 142 11.57 -2.91 21.88
N PRO A 143 11.60 -2.57 23.18
CA PRO A 143 11.20 -3.49 24.26
C PRO A 143 9.71 -3.83 24.17
N ARG A 144 9.41 -5.11 24.31
CA ARG A 144 8.06 -5.63 24.07
C ARG A 144 7.24 -5.28 25.26
N ASP A 145 7.96 -5.24 26.35
CA ASP A 145 7.42 -4.87 27.62
C ASP A 145 6.96 -3.42 27.61
N LYS A 146 7.37 -2.68 26.58
CA LYS A 146 6.98 -1.28 26.48
C LYS A 146 5.86 -1.12 25.50
N ILE A 147 5.61 -2.15 24.74
CA ILE A 147 4.71 -2.06 23.61
C ILE A 147 3.25 -2.03 24.01
N ALA A 148 2.65 -0.93 23.62
CA ALA A 148 1.27 -0.63 23.85
C ALA A 148 0.45 -1.21 22.71
N LYS A 149 0.98 -1.03 21.52
CA LYS A 149 0.25 -1.32 20.31
C LYS A 149 1.22 -1.68 19.23
N ALA A 150 0.86 -2.49 18.28
CA ALA A 150 1.77 -2.75 17.17
C ALA A 150 1.02 -2.97 15.87
N ARG A 151 1.48 -2.38 14.76
CA ARG A 151 0.90 -2.73 13.45
C ARG A 151 1.87 -2.52 12.28
N HIS A 152 1.64 -3.37 11.26
CA HIS A 152 2.10 -3.16 9.89
C HIS A 152 1.58 -1.80 9.41
N ALA A 153 2.14 -1.24 8.36
CA ALA A 153 1.96 0.18 8.15
C ALA A 153 1.87 0.55 6.67
N VAL A 154 1.43 1.77 6.43
CA VAL A 154 1.34 2.31 5.12
C VAL A 154 2.27 3.49 4.96
N MET A 155 3.03 3.41 3.91
CA MET A 155 3.88 4.51 3.43
C MET A 155 3.11 5.80 3.42
N ILE A 156 1.86 5.59 3.12
CA ILE A 156 0.83 6.60 2.96
C ILE A 156 1.18 7.60 1.86
N MET A 1 -29.85 -11.94 -7.46
CA MET A 1 -29.18 -10.96 -8.33
C MET A 1 -27.68 -10.92 -8.06
N ALA A 2 -26.90 -11.33 -9.05
CA ALA A 2 -25.45 -11.25 -8.95
C ALA A 2 -25.01 -9.80 -9.07
N SER A 3 -23.98 -9.44 -8.32
CA SER A 3 -23.54 -8.06 -8.24
C SER A 3 -22.74 -7.67 -9.48
N LYS A 4 -22.99 -6.44 -9.93
CA LYS A 4 -22.31 -5.83 -11.07
C LYS A 4 -20.81 -5.84 -10.90
N ILE A 5 -20.34 -5.81 -9.65
CA ILE A 5 -18.92 -5.72 -9.37
C ILE A 5 -18.14 -6.85 -9.95
N THR A 6 -18.65 -8.06 -9.86
CA THR A 6 -17.88 -9.20 -10.30
C THR A 6 -17.46 -9.06 -11.73
N GLU A 7 -18.25 -8.38 -12.54
CA GLU A 7 -17.93 -8.21 -13.91
C GLU A 7 -16.62 -7.56 -14.01
N GLN A 8 -16.60 -6.56 -13.25
CA GLN A 8 -15.60 -5.61 -13.20
C GLN A 8 -14.44 -6.16 -12.47
N VAL A 9 -14.82 -6.82 -11.43
CA VAL A 9 -13.92 -7.26 -10.44
C VAL A 9 -13.15 -8.37 -11.07
N GLU A 10 -13.89 -9.12 -11.88
CA GLU A 10 -13.33 -10.21 -12.64
C GLU A 10 -12.45 -9.77 -13.74
N VAL A 11 -12.90 -8.84 -14.49
CA VAL A 11 -12.25 -8.59 -15.69
C VAL A 11 -10.96 -7.93 -15.40
N ILE A 12 -11.06 -7.27 -14.30
CA ILE A 12 -9.93 -6.76 -13.59
C ILE A 12 -9.19 -7.89 -12.87
N VAL A 13 -9.94 -8.90 -12.42
CA VAL A 13 -9.42 -9.96 -11.61
C VAL A 13 -8.41 -10.72 -12.38
N LYS A 14 -8.62 -10.77 -13.66
CA LYS A 14 -7.69 -11.52 -14.49
C LYS A 14 -6.36 -10.80 -14.63
N PRO A 15 -6.29 -9.61 -15.24
CA PRO A 15 -5.02 -8.97 -15.43
C PRO A 15 -4.43 -8.48 -14.13
N ILE A 16 -5.25 -7.96 -13.21
CA ILE A 16 -4.69 -7.52 -11.97
C ILE A 16 -4.32 -8.70 -11.06
N MET A 17 -5.18 -9.68 -10.83
CA MET A 17 -4.82 -10.69 -9.87
C MET A 17 -3.70 -11.51 -10.44
N GLU A 18 -3.88 -11.89 -11.68
CA GLU A 18 -2.90 -12.73 -12.33
C GLU A 18 -1.59 -12.06 -12.70
N ASP A 19 -1.68 -10.95 -13.42
CA ASP A 19 -0.53 -10.62 -14.25
C ASP A 19 0.67 -10.07 -13.50
N LEU A 20 0.42 -9.12 -12.62
CA LEU A 20 1.46 -8.59 -11.78
C LEU A 20 1.40 -9.31 -10.48
N ASN A 21 0.40 -10.19 -10.43
CA ASN A 21 0.16 -11.06 -9.32
C ASN A 21 -0.19 -10.36 -8.05
N PHE A 22 -0.83 -9.24 -8.18
CA PHE A 22 -1.40 -8.63 -7.03
C PHE A 22 -2.88 -8.87 -7.04
N GLU A 23 -3.55 -8.77 -5.93
CA GLU A 23 -4.90 -9.24 -5.90
C GLU A 23 -5.90 -8.21 -5.47
N LEU A 24 -6.88 -8.20 -6.30
CA LEU A 24 -8.00 -7.32 -6.29
C LEU A 24 -8.92 -7.57 -5.10
N VAL A 25 -9.04 -6.58 -4.23
CA VAL A 25 -9.88 -6.69 -3.10
C VAL A 25 -11.33 -6.50 -3.52
N ASP A 26 -11.59 -5.37 -4.17
CA ASP A 26 -12.85 -5.18 -4.81
C ASP A 26 -12.80 -4.03 -5.74
N VAL A 27 -13.57 -4.13 -6.75
CA VAL A 27 -13.81 -3.02 -7.59
C VAL A 27 -15.29 -2.73 -7.56
N GLU A 28 -15.63 -1.51 -7.23
CA GLU A 28 -16.98 -1.15 -6.96
C GLU A 28 -17.13 0.08 -7.76
N TYR A 29 -18.26 0.28 -8.36
CA TYR A 29 -18.24 1.18 -9.43
C TYR A 29 -19.21 2.25 -9.18
N VAL A 30 -18.64 3.39 -8.99
CA VAL A 30 -19.32 4.44 -8.34
C VAL A 30 -19.60 5.57 -9.31
N LYS A 31 -20.65 6.33 -9.12
CA LYS A 31 -21.04 7.29 -10.14
C LYS A 31 -20.90 8.72 -9.64
N GLU A 32 -19.93 9.42 -10.22
CA GLU A 32 -19.66 10.80 -9.89
C GLU A 32 -20.01 11.68 -11.09
N GLY A 33 -21.10 12.41 -10.97
CA GLY A 33 -21.59 13.22 -12.06
C GLY A 33 -22.18 12.39 -13.19
N ARG A 34 -21.60 12.47 -14.38
CA ARG A 34 -22.13 11.77 -15.53
C ARG A 34 -21.37 10.48 -15.82
N ASP A 35 -20.19 10.34 -15.24
CA ASP A 35 -19.38 9.16 -15.49
C ASP A 35 -19.40 8.26 -14.27
N HIS A 36 -19.24 6.98 -14.50
CA HIS A 36 -19.20 6.06 -13.43
C HIS A 36 -17.81 5.53 -13.41
N PHE A 37 -17.33 5.30 -12.26
CA PHE A 37 -15.95 5.19 -12.07
C PHE A 37 -15.69 3.86 -11.41
N LEU A 38 -14.76 3.10 -11.94
CA LEU A 38 -14.57 1.75 -11.42
C LEU A 38 -13.44 1.73 -10.42
N ARG A 39 -13.80 1.76 -9.15
CA ARG A 39 -12.83 1.89 -8.08
C ARG A 39 -12.45 0.55 -7.48
N ILE A 40 -11.15 0.32 -7.45
CA ILE A 40 -10.58 -0.94 -7.01
C ILE A 40 -9.75 -0.79 -5.81
N SER A 41 -10.10 -1.55 -4.82
CA SER A 41 -9.20 -1.75 -3.77
C SER A 41 -8.42 -2.98 -4.12
N ILE A 42 -7.14 -2.86 -4.28
CA ILE A 42 -6.30 -4.03 -4.40
C ILE A 42 -5.23 -4.18 -3.32
N ASP A 43 -4.93 -5.44 -3.08
CA ASP A 43 -4.14 -5.89 -1.97
C ASP A 43 -3.10 -6.93 -2.40
N LYS A 44 -2.06 -7.10 -1.59
CA LYS A 44 -1.20 -8.28 -1.69
C LYS A 44 -0.61 -8.59 -0.32
N GLU A 45 -0.21 -9.85 -0.11
CA GLU A 45 0.46 -10.25 1.12
C GLU A 45 1.76 -9.48 1.28
N GLY A 46 1.90 -8.78 2.40
CA GLY A 46 3.10 -7.99 2.65
C GLY A 46 2.94 -6.55 2.23
N GLY A 47 1.80 -6.23 1.62
CA GLY A 47 1.51 -4.87 1.25
C GLY A 47 2.03 -4.50 -0.11
N VAL A 48 1.30 -3.59 -0.71
CA VAL A 48 1.59 -3.01 -1.99
C VAL A 48 2.34 -1.76 -1.79
N ASP A 49 3.34 -1.55 -2.56
CA ASP A 49 3.91 -0.25 -2.53
C ASP A 49 3.42 0.55 -3.70
N LEU A 50 3.90 1.76 -3.82
CA LEU A 50 3.29 2.78 -4.64
C LEU A 50 3.27 2.36 -6.03
N ASN A 51 4.35 1.80 -6.30
CA ASN A 51 4.72 1.45 -7.58
C ASN A 51 4.05 0.19 -7.95
N ASP A 52 3.84 -0.61 -6.95
CA ASP A 52 3.02 -1.78 -7.10
C ASP A 52 1.57 -1.38 -7.26
N CYS A 53 1.26 -0.23 -6.69
CA CYS A 53 -0.09 0.37 -6.77
C CYS A 53 -0.24 0.81 -8.18
N THR A 54 0.82 1.47 -8.60
CA THR A 54 1.09 1.82 -9.98
C THR A 54 1.02 0.61 -10.86
N LEU A 55 1.54 -0.47 -10.36
CA LEU A 55 1.69 -1.67 -11.15
C LEU A 55 0.35 -2.28 -11.34
N ALA A 56 -0.41 -2.10 -10.31
CA ALA A 56 -1.77 -2.48 -10.32
C ALA A 56 -2.47 -1.52 -11.19
N SER A 57 -2.01 -0.30 -11.16
CA SER A 57 -2.71 0.70 -11.90
C SER A 57 -2.47 0.49 -13.38
N GLU A 58 -1.31 -0.02 -13.70
CA GLU A 58 -1.04 -0.47 -15.03
C GLU A 58 -2.02 -1.52 -15.31
N LYS A 59 -2.10 -2.37 -14.38
CA LYS A 59 -2.80 -3.57 -14.56
C LYS A 59 -4.30 -3.31 -14.65
N ILE A 60 -4.86 -2.76 -13.62
CA ILE A 60 -6.22 -2.35 -13.71
C ILE A 60 -6.40 -1.49 -14.90
N SER A 61 -5.59 -0.48 -15.06
CA SER A 61 -5.98 0.47 -16.05
C SER A 61 -5.65 0.03 -17.43
N GLU A 62 -4.42 -0.28 -17.61
CA GLU A 62 -3.87 -0.55 -18.90
C GLU A 62 -4.30 -1.90 -19.24
N ALA A 63 -4.26 -2.73 -18.23
CA ALA A 63 -4.46 -4.11 -18.47
C ALA A 63 -5.92 -4.36 -18.69
N MET A 64 -6.75 -3.76 -17.82
CA MET A 64 -8.17 -3.88 -18.01
C MET A 64 -8.50 -3.24 -19.33
N ASP A 65 -7.65 -2.29 -19.71
CA ASP A 65 -7.81 -1.57 -20.96
C ASP A 65 -7.39 -2.43 -22.14
N ALA A 66 -6.47 -3.34 -21.85
CA ALA A 66 -5.93 -4.23 -22.86
C ALA A 66 -6.81 -5.43 -22.93
N ASN A 67 -7.68 -5.47 -21.95
CA ASN A 67 -8.60 -6.56 -21.78
C ASN A 67 -9.97 -6.00 -21.45
N ASP A 68 -10.35 -5.03 -22.27
CA ASP A 68 -11.52 -4.19 -22.04
C ASP A 68 -12.84 -4.89 -22.36
N PRO A 69 -13.66 -5.21 -21.34
CA PRO A 69 -14.99 -5.78 -21.52
C PRO A 69 -16.10 -4.72 -21.75
N ILE A 70 -15.76 -3.45 -21.54
CA ILE A 70 -16.74 -2.38 -21.67
C ILE A 70 -16.51 -1.55 -22.94
N PRO A 71 -17.44 -1.61 -23.91
CA PRO A 71 -17.26 -0.92 -25.19
C PRO A 71 -17.38 0.60 -25.06
N GLU A 72 -18.05 1.06 -24.01
CA GLU A 72 -17.96 2.44 -23.59
C GLU A 72 -16.88 2.60 -22.58
N MET A 73 -16.35 3.79 -22.56
CA MET A 73 -15.20 4.09 -21.77
C MET A 73 -15.58 4.76 -20.49
N TYR A 74 -15.06 4.22 -19.43
CA TYR A 74 -15.24 4.77 -18.11
C TYR A 74 -13.95 4.66 -17.33
N TYR A 75 -13.91 5.29 -16.18
CA TYR A 75 -12.65 5.63 -15.62
C TYR A 75 -12.25 4.64 -14.56
N LEU A 76 -11.13 4.00 -14.78
CA LEU A 76 -10.59 3.03 -13.88
C LEU A 76 -9.83 3.72 -12.77
N ASP A 77 -10.23 3.37 -11.58
CA ASP A 77 -9.73 4.01 -10.39
C ASP A 77 -9.06 2.98 -9.50
N VAL A 78 -7.80 3.18 -9.24
CA VAL A 78 -6.96 2.19 -8.65
C VAL A 78 -6.53 2.59 -7.26
N ALA A 79 -6.84 1.75 -6.30
CA ALA A 79 -6.45 2.04 -4.95
C ALA A 79 -5.73 0.89 -4.29
N SER A 80 -4.72 1.30 -3.59
CA SER A 80 -3.68 0.45 -3.13
C SER A 80 -2.79 1.33 -2.26
N PRO A 81 -2.66 1.04 -0.96
CA PRO A 81 -1.92 1.93 -0.06
C PRO A 81 -0.46 2.06 -0.46
N GLY A 82 0.10 3.21 -0.22
CA GLY A 82 1.53 3.36 -0.35
C GLY A 82 2.11 2.73 0.85
N ALA A 83 3.39 2.47 0.85
CA ALA A 83 3.86 1.53 1.81
C ALA A 83 3.89 2.23 3.13
N GLU A 84 3.21 1.64 4.08
CA GLU A 84 2.91 2.30 5.33
C GLU A 84 3.47 1.52 6.52
N ARG A 85 4.42 0.65 6.24
CA ARG A 85 5.11 -0.13 7.27
C ARG A 85 5.80 0.79 8.27
N PRO A 86 5.54 0.58 9.57
CA PRO A 86 6.19 1.35 10.63
C PRO A 86 7.71 1.21 10.59
N ILE A 87 8.40 2.32 10.80
CA ILE A 87 9.84 2.40 10.65
C ILE A 87 10.42 2.61 12.02
N LYS A 88 11.00 1.59 12.50
CA LYS A 88 11.76 1.67 13.71
C LYS A 88 13.14 1.11 13.52
N LYS A 89 13.23 -0.15 13.80
CA LYS A 89 14.47 -0.87 13.71
C LYS A 89 14.74 -1.26 12.24
N GLU A 90 15.97 -1.70 11.99
CA GLU A 90 16.59 -1.64 10.67
C GLU A 90 15.79 -2.25 9.52
N GLN A 91 15.39 -3.51 9.63
CA GLN A 91 14.81 -4.24 8.47
C GLN A 91 13.61 -3.55 7.87
N ASP A 92 12.77 -3.02 8.73
CA ASP A 92 11.53 -2.36 8.32
C ASP A 92 11.84 -1.00 7.78
N PHE A 93 12.81 -0.40 8.38
CA PHE A 93 13.27 0.91 8.00
C PHE A 93 13.97 0.82 6.66
N GLN A 94 14.71 -0.24 6.51
CA GLN A 94 15.38 -0.48 5.26
C GLN A 94 14.34 -0.90 4.28
N ASN A 95 13.42 -1.68 4.79
CA ASN A 95 12.33 -2.08 3.93
C ASN A 95 11.55 -0.85 3.54
N ALA A 96 11.64 0.14 4.41
CA ALA A 96 11.14 1.48 4.12
C ALA A 96 11.97 2.20 3.05
N ILE A 97 13.29 2.01 3.06
CA ILE A 97 14.19 2.89 2.37
C ILE A 97 13.96 3.07 0.86
N THR A 98 13.45 2.10 0.19
CA THR A 98 13.32 2.23 -1.24
C THR A 98 12.39 3.41 -1.56
N LYS A 99 11.35 3.50 -0.76
CA LYS A 99 10.38 4.57 -0.83
C LYS A 99 10.79 5.86 -0.08
N PRO A 100 10.11 6.98 -0.42
CA PRO A 100 10.02 8.17 0.47
C PRO A 100 9.27 7.84 1.76
N VAL A 101 9.86 8.22 2.90
CA VAL A 101 9.32 7.87 4.22
C VAL A 101 9.58 9.01 5.20
N PHE A 102 8.85 9.04 6.34
CA PHE A 102 8.90 10.21 7.20
C PHE A 102 9.17 9.85 8.63
N VAL A 103 9.98 10.69 9.24
CA VAL A 103 10.48 10.46 10.56
C VAL A 103 10.45 11.66 11.38
N SER A 104 10.12 11.42 12.63
CA SER A 104 9.83 12.45 13.53
C SER A 104 10.90 12.61 14.50
N LEU A 105 11.67 13.64 14.38
CA LEU A 105 12.52 14.06 15.44
C LEU A 105 12.84 15.48 15.91
N TYR A 106 13.59 15.40 17.05
CA TYR A 106 13.93 16.51 17.93
C TYR A 106 14.65 17.59 17.16
N VAL A 107 15.42 17.19 16.17
CA VAL A 107 16.22 18.14 15.47
C VAL A 107 15.34 18.72 14.38
N PRO A 108 15.25 20.05 14.37
CA PRO A 108 14.11 20.73 13.77
C PRO A 108 14.17 20.89 12.27
N ILE A 109 13.05 20.63 11.64
CA ILE A 109 12.71 21.27 10.41
C ILE A 109 11.49 22.07 10.73
N GLU A 110 11.68 23.34 10.69
CA GLU A 110 10.72 24.29 11.19
C GLU A 110 10.25 23.94 12.59
N GLY A 111 11.14 23.38 13.39
CA GLY A 111 10.81 23.10 14.76
C GLY A 111 10.23 21.70 14.94
N GLU A 112 10.04 21.04 13.83
CA GLU A 112 9.24 19.83 13.70
C GLU A 112 10.10 18.58 13.48
N LYS A 113 9.52 17.45 13.87
CA LYS A 113 10.12 16.17 13.90
C LYS A 113 9.96 15.38 12.64
N GLU A 114 8.98 15.59 11.79
CA GLU A 114 8.78 14.52 10.84
C GLU A 114 8.91 14.92 9.38
N TRP A 115 9.81 14.21 8.73
CA TRP A 115 10.21 14.49 7.38
C TRP A 115 10.25 13.26 6.51
N LEU A 116 9.60 13.40 5.38
CA LEU A 116 9.42 12.32 4.43
C LEU A 116 10.29 12.56 3.24
N GLY A 117 10.98 11.54 2.80
CA GLY A 117 11.69 11.66 1.58
C GLY A 117 12.35 10.36 1.22
N ILE A 118 13.10 10.28 0.13
CA ILE A 118 13.36 8.97 -0.43
C ILE A 118 14.55 8.40 0.27
N LEU A 119 14.51 7.19 0.75
CA LEU A 119 15.76 6.74 1.34
C LEU A 119 16.80 6.46 0.30
N GLN A 120 17.90 7.15 0.41
CA GLN A 120 19.03 6.91 -0.44
C GLN A 120 19.98 5.93 0.21
N GLU A 121 20.35 6.20 1.45
CA GLU A 121 21.18 5.26 2.16
C GLU A 121 20.93 5.28 3.65
N VAL A 122 21.21 4.15 4.22
CA VAL A 122 21.04 3.92 5.62
C VAL A 122 22.40 3.85 6.24
N ASN A 123 22.59 4.50 7.36
CA ASN A 123 23.64 4.02 8.20
C ASN A 123 23.07 3.49 9.51
N ASN A 124 23.89 2.82 10.29
CA ASN A 124 23.46 2.29 11.58
C ASN A 124 23.15 3.44 12.53
N GLU A 125 23.76 4.58 12.24
CA GLU A 125 23.61 5.77 13.04
C GLU A 125 22.71 6.76 12.32
N THR A 126 22.72 6.72 10.99
CA THR A 126 22.18 7.80 10.21
C THR A 126 21.17 7.33 9.16
N ILE A 127 20.37 8.27 8.69
CA ILE A 127 19.31 7.97 7.74
C ILE A 127 19.40 8.99 6.67
N VAL A 128 19.47 8.61 5.42
CA VAL A 128 19.75 9.58 4.45
C VAL A 128 18.61 9.66 3.45
N VAL A 129 18.02 10.84 3.44
CA VAL A 129 16.68 11.03 2.94
C VAL A 129 16.60 12.04 1.81
N GLN A 130 16.06 11.58 0.69
CA GLN A 130 16.05 12.31 -0.53
C GLN A 130 14.97 13.34 -0.62
N VAL A 131 15.39 14.55 -0.86
CA VAL A 131 14.49 15.50 -1.41
C VAL A 131 14.79 15.60 -2.88
N LYS A 132 13.76 15.70 -3.66
CA LYS A 132 13.90 15.67 -5.09
C LYS A 132 13.71 17.04 -5.71
N ILE A 133 14.82 17.55 -6.19
CA ILE A 133 14.92 18.89 -6.73
C ILE A 133 14.94 18.79 -8.22
N LYS A 134 13.79 19.02 -8.81
CA LYS A 134 13.62 18.85 -10.21
C LYS A 134 13.99 17.42 -10.56
N ALA A 135 15.21 17.30 -11.00
CA ALA A 135 15.78 16.05 -11.46
C ALA A 135 16.84 15.54 -10.47
N ARG A 136 16.97 16.21 -9.34
CA ARG A 136 17.97 15.95 -8.38
C ARG A 136 17.39 15.35 -7.14
N THR A 137 18.10 14.43 -6.63
CA THR A 137 17.87 13.97 -5.27
C THR A 137 18.91 14.56 -4.33
N LYS A 138 18.54 14.73 -3.07
CA LYS A 138 19.49 14.96 -2.04
C LYS A 138 19.07 14.20 -0.83
N ASP A 139 19.97 13.40 -0.39
CA ASP A 139 19.81 12.58 0.72
C ASP A 139 20.44 13.19 1.93
N ILE A 140 19.60 13.37 2.91
CA ILE A 140 19.99 14.03 4.11
C ILE A 140 20.09 13.10 5.29
N GLU A 141 21.22 13.10 5.95
CA GLU A 141 21.55 12.06 6.92
C GLU A 141 21.15 12.49 8.33
N ILE A 142 20.28 11.67 8.90
CA ILE A 142 19.61 11.97 10.15
C ILE A 142 20.03 11.00 11.25
N PRO A 143 20.38 11.50 12.45
CA PRO A 143 20.68 10.63 13.59
C PRO A 143 19.41 9.96 14.11
N ARG A 144 19.46 8.64 14.25
CA ARG A 144 18.27 7.86 14.55
C ARG A 144 17.99 8.04 16.00
N ASP A 145 19.08 8.23 16.69
CA ASP A 145 19.09 8.54 18.08
C ASP A 145 18.34 9.85 18.35
N LYS A 146 18.21 10.66 17.30
CA LYS A 146 17.64 12.00 17.44
C LYS A 146 16.21 12.01 16.93
N ILE A 147 15.86 10.75 16.49
CA ILE A 147 14.54 10.33 15.96
C ILE A 147 13.56 9.70 16.96
N ALA A 148 12.32 10.23 16.97
CA ALA A 148 11.24 9.75 17.80
C ALA A 148 10.45 8.69 17.09
N LYS A 149 10.14 9.03 15.85
CA LYS A 149 9.19 8.29 15.07
C LYS A 149 9.69 8.08 13.69
N ALA A 150 9.27 7.01 13.14
CA ALA A 150 9.59 6.70 11.78
C ALA A 150 8.49 5.88 11.13
N ARG A 151 8.09 6.22 9.89
CA ARG A 151 7.22 5.33 9.14
C ARG A 151 7.41 5.48 7.62
N HIS A 152 7.18 4.36 6.94
CA HIS A 152 6.89 4.32 5.51
C HIS A 152 5.61 5.11 5.26
N ALA A 153 5.33 5.51 4.03
CA ALA A 153 4.41 6.61 3.85
C ALA A 153 3.50 6.44 2.63
N VAL A 154 2.47 7.28 2.57
CA VAL A 154 1.53 7.27 1.49
C VAL A 154 1.55 8.54 0.68
N MET A 155 1.68 8.30 -0.58
CA MET A 155 1.40 9.30 -1.60
C MET A 155 -0.09 9.33 -1.76
N ILE A 156 -0.58 8.12 -1.66
CA ILE A 156 -1.98 7.75 -1.76
C ILE A 156 -2.40 7.65 -3.23
#